data_9MRN
#
_entry.id   9MRN
#
_cell.length_a   1.00
_cell.length_b   1.00
_cell.length_c   1.00
_cell.angle_alpha   90.00
_cell.angle_beta   90.00
_cell.angle_gamma   90.00
#
_symmetry.space_group_name_H-M   'P 1'
#
loop_
_entity.id
_entity.type
_entity.pdbx_description
1 polymer 'Isoform Flip of Glutamate receptor 2'
2 polymer TARPgamma2
3 non-polymer 'GLUTAMIC ACID'
#
loop_
_entity_poly.entity_id
_entity_poly.type
_entity_poly.pdbx_seq_one_letter_code
_entity_poly.pdbx_strand_id
1 'polypeptide(L)'
;EQKTVVVTTILESPYVMMKKNHEMLEGNERYEGYCVDLAAEIAKHCGFKYKLTIVGDGKYGARDADTKIWNGMVGELVYG
KADIAIAPLTITLVREEVIDFSKPFMSLGISIMIKKPQKSKPGVFSFLDPLAYEIWMCIVFAYIGVSVVLFLVSRFSPYS
ESTNEFGIFNSLWFSLGAFMQQGCDISPRSLSGRIVGGVWWFFTLIIISSYTANLAAFLTVERMVSPIESAEDLSKQTEI
AYGTLDSGSTKEFFRRSKIAVFDKMWTYMRSAEPSVFVRTTAEGVARVRKSKGKYAYLLESTMNEYIEQRKPCDTMKVGG
NLDSKGYGIATPKGSSLGTPVNLAVLKLSEQGVLDKLKNKWWYDKGECGAKDSGSKEKTSALSLSNVAGVFYILVGGLGL
AMLVALIEFCYKSRA
;
A,B,C,D
2 'polypeptide(L)'
;RGVQMLLTTVGAFAAFSLMTIAVGTDYWLYSRGVCKEVMTHSGLWRTCCLEGNFKGLCKQIDHFAEYFLRAVRASSIFPI
LSVILLFMGGLCIAASEFYKTRHNIILSAGIFFVSAGLSNIIGIIVYISANAGNSYSYGWSFYFGALSFIIAEMVGVLAV
HMFIDRHKQLTG
;
E,F,G,H
#
# COMPACT_ATOMS: atom_id res chain seq x y z
N GLU A 1 42.08 -62.89 -21.42
CA GLU A 1 41.65 -61.79 -20.59
C GLU A 1 41.19 -60.62 -21.45
N GLN A 2 40.12 -59.95 -21.01
CA GLN A 2 39.57 -58.83 -21.77
C GLN A 2 40.33 -57.54 -21.46
N LYS A 3 40.34 -56.64 -22.45
CA LYS A 3 40.96 -55.34 -22.26
C LYS A 3 40.12 -54.47 -21.31
N THR A 4 40.82 -53.76 -20.43
CA THR A 4 40.17 -52.85 -19.51
C THR A 4 39.53 -51.67 -20.26
N VAL A 5 38.41 -51.19 -19.73
CA VAL A 5 37.70 -50.07 -20.34
C VAL A 5 38.41 -48.76 -20.03
N VAL A 6 38.64 -47.95 -21.06
CA VAL A 6 39.26 -46.64 -20.90
C VAL A 6 38.15 -45.61 -20.70
N VAL A 7 37.78 -45.39 -19.44
CA VAL A 7 36.82 -44.34 -19.11
C VAL A 7 37.51 -43.00 -19.17
N THR A 8 36.79 -41.96 -19.59
CA THR A 8 37.31 -40.61 -19.65
C THR A 8 36.30 -39.65 -19.04
N THR A 9 36.78 -38.58 -18.42
CA THR A 9 35.92 -37.69 -17.64
C THR A 9 36.59 -36.33 -17.52
N ILE A 10 35.93 -35.43 -16.80
CA ILE A 10 36.40 -34.05 -16.63
C ILE A 10 36.26 -33.66 -15.17
N LEU A 11 37.21 -32.87 -14.67
CA LEU A 11 37.17 -32.38 -13.30
C LEU A 11 36.10 -31.30 -13.15
N GLU A 12 35.09 -31.58 -12.32
CA GLU A 12 34.02 -30.62 -12.08
C GLU A 12 33.31 -31.00 -10.79
N SER A 13 33.20 -30.06 -9.87
CA SER A 13 32.60 -30.34 -8.58
C SER A 13 31.08 -30.33 -8.68
N PRO A 14 30.39 -31.19 -7.94
CA PRO A 14 30.88 -32.31 -7.14
C PRO A 14 30.94 -33.61 -7.93
N TYR A 15 30.92 -33.54 -9.26
CA TYR A 15 30.93 -34.75 -10.07
C TYR A 15 32.28 -35.47 -9.96
N VAL A 16 33.38 -34.75 -10.14
CA VAL A 16 34.72 -35.30 -9.96
C VAL A 16 35.57 -34.27 -9.21
N MET A 17 36.28 -34.72 -8.17
CA MET A 17 37.16 -33.87 -7.38
C MET A 17 38.38 -34.66 -6.95
N MET A 18 39.42 -33.92 -6.54
CA MET A 18 40.67 -34.52 -6.09
C MET A 18 40.54 -35.06 -4.67
N LYS A 19 41.06 -36.26 -4.46
CA LYS A 19 41.15 -36.82 -3.12
C LYS A 19 42.26 -36.12 -2.33
N LYS A 20 42.12 -36.10 -1.01
CA LYS A 20 43.06 -35.38 -0.16
C LYS A 20 44.49 -35.93 -0.29
N ASN A 21 44.65 -37.22 -0.53
CA ASN A 21 45.94 -37.87 -0.59
C ASN A 21 46.37 -38.20 -2.01
N HIS A 22 46.03 -37.32 -2.96
CA HIS A 22 46.33 -37.57 -4.37
C HIS A 22 47.83 -37.68 -4.64
N GLU A 23 48.67 -37.14 -3.75
CA GLU A 23 50.12 -37.23 -3.95
C GLU A 23 50.66 -38.63 -3.67
N MET A 24 49.93 -39.44 -2.90
CA MET A 24 50.42 -40.75 -2.49
C MET A 24 49.56 -41.91 -2.97
N LEU A 25 48.28 -41.69 -3.24
CA LEU A 25 47.37 -42.76 -3.60
C LEU A 25 47.58 -43.22 -5.05
N GLU A 26 47.01 -44.38 -5.36
CA GLU A 26 47.04 -44.94 -6.70
C GLU A 26 46.20 -44.11 -7.65
N GLY A 27 46.45 -44.29 -8.95
CA GLY A 27 45.89 -43.40 -9.96
C GLY A 27 44.37 -43.33 -9.92
N ASN A 28 43.70 -44.48 -9.73
CA ASN A 28 42.26 -44.46 -9.60
C ASN A 28 41.82 -43.85 -8.28
N GLU A 29 42.53 -44.18 -7.20
CA GLU A 29 42.11 -43.74 -5.87
C GLU A 29 42.19 -42.23 -5.72
N ARG A 30 43.02 -41.57 -6.52
CA ARG A 30 43.13 -40.12 -6.47
C ARG A 30 41.79 -39.42 -6.69
N TYR A 31 40.88 -40.05 -7.41
CA TYR A 31 39.60 -39.44 -7.76
C TYR A 31 38.49 -39.94 -6.84
N GLU A 32 37.66 -39.00 -6.38
CA GLU A 32 36.43 -39.36 -5.69
C GLU A 32 35.37 -38.32 -6.00
N GLY A 33 34.12 -38.78 -6.07
CA GLY A 33 33.01 -37.91 -6.42
C GLY A 33 31.86 -38.71 -7.01
N TYR A 34 30.79 -37.97 -7.34
CA TYR A 34 29.53 -38.57 -7.75
C TYR A 34 29.69 -39.48 -8.95
N CYS A 35 30.47 -39.05 -9.94
CA CYS A 35 30.67 -39.85 -11.12
C CYS A 35 31.50 -41.09 -10.85
N VAL A 36 32.42 -41.05 -9.90
CA VAL A 36 33.18 -42.25 -9.58
C VAL A 36 32.28 -43.33 -8.96
N ASP A 37 31.37 -42.92 -8.07
CA ASP A 37 30.38 -43.86 -7.56
C ASP A 37 29.49 -44.42 -8.67
N LEU A 38 29.00 -43.55 -9.55
CA LEU A 38 28.17 -44.06 -10.65
C LEU A 38 28.96 -45.01 -11.54
N ALA A 39 30.21 -44.68 -11.85
CA ALA A 39 31.03 -45.52 -12.70
C ALA A 39 31.26 -46.89 -12.08
N ALA A 40 31.53 -46.93 -10.78
CA ALA A 40 31.67 -48.21 -10.08
C ALA A 40 30.38 -49.02 -10.09
N GLU A 41 29.23 -48.36 -9.93
CA GLU A 41 27.96 -49.06 -9.99
C GLU A 41 27.69 -49.66 -11.37
N ILE A 42 27.88 -48.85 -12.42
CA ILE A 42 27.66 -49.34 -13.78
C ILE A 42 28.62 -50.47 -14.12
N ALA A 43 29.89 -50.33 -13.74
CA ALA A 43 30.86 -51.40 -13.99
C ALA A 43 30.50 -52.67 -13.24
N LYS A 44 30.07 -52.55 -11.98
CA LYS A 44 29.67 -53.72 -11.21
C LYS A 44 28.46 -54.43 -11.82
N HIS A 45 27.51 -53.67 -12.37
CA HIS A 45 26.40 -54.33 -13.06
C HIS A 45 26.84 -54.96 -14.38
N CYS A 46 27.57 -54.21 -15.22
CA CYS A 46 27.98 -54.74 -16.51
C CYS A 46 29.08 -55.78 -16.36
N GLY A 47 29.99 -55.59 -15.42
CA GLY A 47 31.06 -56.55 -15.21
C GLY A 47 32.28 -56.37 -16.09
N PHE A 48 32.89 -55.19 -16.06
CA PHE A 48 34.16 -54.96 -16.72
C PHE A 48 35.11 -54.20 -15.80
N LYS A 49 36.39 -54.54 -15.88
CA LYS A 49 37.42 -53.74 -15.23
C LYS A 49 37.59 -52.43 -15.97
N TYR A 50 37.91 -51.37 -15.23
CA TYR A 50 37.99 -50.05 -15.84
C TYR A 50 39.16 -49.26 -15.29
N LYS A 51 39.60 -48.29 -16.08
CA LYS A 51 40.71 -47.40 -15.76
C LYS A 51 40.27 -45.97 -16.03
N LEU A 52 40.42 -45.10 -15.05
CA LEU A 52 40.01 -43.72 -15.23
C LEU A 52 41.11 -42.90 -15.93
N THR A 53 40.66 -41.85 -16.61
CA THR A 53 41.53 -40.86 -17.24
C THR A 53 40.84 -39.51 -17.15
N ILE A 54 41.62 -38.44 -17.24
CA ILE A 54 41.10 -37.09 -17.34
C ILE A 54 41.31 -36.58 -18.76
N VAL A 55 40.28 -35.91 -19.31
CA VAL A 55 40.34 -35.43 -20.68
C VAL A 55 41.52 -34.48 -20.84
N GLY A 56 42.21 -34.60 -21.99
CA GLY A 56 43.49 -33.93 -22.15
C GLY A 56 43.44 -32.42 -22.27
N ASP A 57 42.28 -31.85 -22.61
CA ASP A 57 42.22 -30.41 -22.82
C ASP A 57 41.03 -29.72 -22.16
N GLY A 58 40.30 -30.40 -21.29
CA GLY A 58 39.40 -29.71 -20.37
C GLY A 58 38.28 -28.92 -21.03
N LYS A 59 37.73 -29.41 -22.13
CA LYS A 59 36.59 -28.76 -22.79
C LYS A 59 35.49 -29.79 -23.00
N TYR A 60 34.24 -29.37 -22.78
CA TYR A 60 33.13 -30.31 -22.85
C TYR A 60 32.92 -30.85 -24.26
N GLY A 61 33.15 -30.03 -25.29
CA GLY A 61 33.06 -30.52 -26.65
C GLY A 61 32.18 -29.70 -27.56
N ALA A 62 32.75 -29.20 -28.65
CA ALA A 62 32.03 -28.36 -29.59
C ALA A 62 32.62 -28.58 -30.97
N ARG A 63 31.98 -27.98 -31.97
CA ARG A 63 32.31 -28.23 -33.37
C ARG A 63 33.15 -27.07 -33.89
N ASP A 64 34.32 -27.39 -34.43
CA ASP A 64 35.30 -26.40 -34.83
C ASP A 64 34.77 -25.56 -36.00
N ALA A 65 35.54 -24.53 -36.37
CA ALA A 65 35.05 -23.54 -37.33
C ALA A 65 34.95 -24.12 -38.73
N ASP A 66 33.96 -25.00 -38.93
CA ASP A 66 33.64 -25.64 -40.20
C ASP A 66 34.77 -26.52 -40.72
N THR A 67 35.82 -26.74 -39.93
CA THR A 67 36.80 -27.78 -40.25
C THR A 67 36.25 -29.18 -40.03
N LYS A 68 35.07 -29.30 -39.41
CA LYS A 68 34.48 -30.57 -39.03
C LYS A 68 35.41 -31.39 -38.15
N ILE A 69 36.03 -30.72 -37.18
CA ILE A 69 36.80 -31.40 -36.15
C ILE A 69 36.17 -31.05 -34.81
N TRP A 70 36.29 -31.97 -33.85
CA TRP A 70 35.60 -31.88 -32.58
C TRP A 70 36.58 -31.61 -31.45
N ASN A 71 36.14 -30.82 -30.48
CA ASN A 71 36.92 -30.55 -29.28
C ASN A 71 37.00 -31.80 -28.40
N GLY A 72 37.57 -31.61 -27.21
CA GLY A 72 38.26 -32.70 -26.55
C GLY A 72 37.37 -33.88 -26.17
N MET A 73 36.29 -33.64 -25.43
CA MET A 73 35.59 -34.78 -24.83
C MET A 73 34.77 -35.58 -25.86
N VAL A 74 34.10 -34.91 -26.80
CA VAL A 74 33.48 -35.61 -27.91
C VAL A 74 34.52 -36.20 -28.86
N GLY A 75 35.58 -35.46 -29.13
CA GLY A 75 36.65 -35.96 -29.99
C GLY A 75 37.31 -37.23 -29.48
N GLU A 76 37.54 -37.31 -28.18
CA GLU A 76 38.18 -38.49 -27.61
C GLU A 76 37.35 -39.75 -27.84
N LEU A 77 36.02 -39.61 -27.87
CA LEU A 77 35.16 -40.72 -28.29
C LEU A 77 35.19 -40.96 -29.79
N VAL A 78 35.02 -39.92 -30.60
CA VAL A 78 34.86 -40.11 -32.04
C VAL A 78 36.12 -40.69 -32.68
N TYR A 79 37.29 -40.18 -32.31
CA TYR A 79 38.53 -40.63 -32.93
C TYR A 79 39.12 -41.86 -32.26
N GLY A 80 38.35 -42.54 -31.41
CA GLY A 80 38.78 -43.82 -30.88
C GLY A 80 39.89 -43.74 -29.85
N LYS A 81 40.08 -42.58 -29.23
CA LYS A 81 41.03 -42.49 -28.13
C LYS A 81 40.45 -43.05 -26.83
N ALA A 82 39.12 -43.03 -26.68
CA ALA A 82 38.47 -43.46 -25.46
C ALA A 82 37.29 -44.36 -25.81
N ASP A 83 36.87 -45.17 -24.84
CA ASP A 83 35.81 -46.14 -25.08
C ASP A 83 34.47 -45.81 -24.43
N ILE A 84 34.44 -44.93 -23.42
CA ILE A 84 33.18 -44.52 -22.81
C ILE A 84 33.42 -43.21 -22.10
N ALA A 85 32.37 -42.39 -21.98
CA ALA A 85 32.42 -41.12 -21.27
C ALA A 85 31.39 -41.12 -20.16
N ILE A 86 31.81 -40.73 -18.96
CA ILE A 86 30.92 -40.63 -17.80
C ILE A 86 31.16 -39.27 -17.17
N ALA A 87 30.26 -38.32 -17.42
CA ALA A 87 30.49 -36.94 -17.06
C ALA A 87 29.16 -36.20 -17.15
N PRO A 88 29.08 -34.97 -16.64
CA PRO A 88 27.89 -34.15 -16.90
C PRO A 88 27.84 -33.64 -18.34
N LEU A 89 27.48 -34.51 -19.28
CA LEU A 89 27.50 -34.18 -20.71
C LEU A 89 26.08 -34.15 -21.23
N THR A 90 25.66 -33.00 -21.75
CA THR A 90 24.26 -32.77 -22.11
C THR A 90 23.89 -33.47 -23.40
N ILE A 91 22.66 -34.00 -23.44
CA ILE A 91 22.11 -34.55 -24.68
C ILE A 91 21.65 -33.43 -25.59
N THR A 92 22.25 -33.35 -26.78
CA THR A 92 21.90 -32.35 -27.79
C THR A 92 21.85 -33.04 -29.15
N LEU A 93 21.16 -32.40 -30.09
CA LEU A 93 20.91 -33.03 -31.38
C LEU A 93 22.20 -33.28 -32.15
N VAL A 94 23.09 -32.28 -32.20
CA VAL A 94 24.33 -32.43 -32.96
C VAL A 94 25.26 -33.49 -32.38
N ARG A 95 25.23 -33.70 -31.06
CA ARG A 95 25.98 -34.80 -30.46
C ARG A 95 25.31 -36.14 -30.73
N GLU A 96 23.98 -36.21 -30.64
CA GLU A 96 23.27 -37.44 -30.95
C GLU A 96 23.52 -37.92 -32.38
N GLU A 97 23.82 -37.01 -33.30
CA GLU A 97 24.09 -37.41 -34.68
C GLU A 97 25.31 -38.31 -34.79
N VAL A 98 26.31 -38.15 -33.91
CA VAL A 98 27.57 -38.86 -34.07
C VAL A 98 27.83 -39.88 -32.96
N ILE A 99 27.33 -39.67 -31.74
CA ILE A 99 27.55 -40.58 -30.63
C ILE A 99 26.20 -40.97 -30.05
N ASP A 100 26.14 -42.14 -29.44
CA ASP A 100 24.90 -42.71 -28.94
C ASP A 100 24.78 -42.47 -27.43
N PHE A 101 23.68 -41.84 -27.03
CA PHE A 101 23.41 -41.51 -25.63
C PHE A 101 22.41 -42.49 -25.02
N SER A 102 22.63 -42.81 -23.74
CA SER A 102 21.63 -43.50 -22.95
C SER A 102 20.50 -42.55 -22.56
N LYS A 103 19.54 -43.09 -21.81
CA LYS A 103 18.50 -42.25 -21.22
C LYS A 103 19.11 -41.32 -20.18
N PRO A 104 18.48 -40.17 -19.95
CA PRO A 104 19.00 -39.22 -18.96
C PRO A 104 19.01 -39.82 -17.56
N PHE A 105 19.96 -39.38 -16.74
CA PHE A 105 19.91 -39.68 -15.32
C PHE A 105 19.61 -38.48 -14.43
N MET A 106 19.59 -37.26 -14.97
CA MET A 106 19.23 -36.10 -14.16
C MET A 106 18.65 -35.03 -15.06
N SER A 107 17.80 -34.17 -14.49
CA SER A 107 17.01 -33.20 -15.23
C SER A 107 17.24 -31.79 -14.69
N LEU A 108 17.37 -30.83 -15.61
CA LEU A 108 18.05 -29.58 -15.29
C LEU A 108 17.64 -28.48 -16.25
N GLY A 109 17.88 -27.24 -15.85
CA GLY A 109 17.68 -26.09 -16.73
C GLY A 109 18.77 -25.05 -16.65
N ILE A 110 18.55 -23.89 -17.27
CA ILE A 110 19.51 -22.80 -17.32
C ILE A 110 19.12 -21.72 -16.32
N SER A 111 20.11 -21.14 -15.63
CA SER A 111 19.82 -20.30 -14.48
C SER A 111 20.87 -19.18 -14.37
N ILE A 112 20.46 -18.07 -13.74
CA ILE A 112 21.26 -16.86 -13.60
C ILE A 112 21.88 -16.81 -12.21
N MET A 113 23.14 -16.40 -12.13
CA MET A 113 23.83 -16.16 -10.87
C MET A 113 24.09 -14.67 -10.65
N ILE A 114 23.82 -14.22 -9.41
CA ILE A 114 23.87 -12.81 -9.00
C ILE A 114 24.43 -12.76 -7.59
N LYS A 115 24.98 -11.61 -7.22
CA LYS A 115 25.54 -11.42 -5.89
C LYS A 115 24.53 -10.73 -4.97
N LYS A 116 24.34 -11.30 -3.79
CA LYS A 116 23.22 -10.96 -2.92
C LYS A 116 23.41 -9.57 -2.31
N PRO A 117 22.36 -8.72 -2.30
CA PRO A 117 22.48 -7.33 -1.83
C PRO A 117 22.38 -7.17 -0.30
N GLN A 118 23.18 -7.96 0.42
CA GLN A 118 23.28 -7.88 1.88
C GLN A 118 21.97 -8.15 2.61
N LYS A 119 21.99 -8.10 3.93
CA LYS A 119 20.80 -8.18 4.77
C LYS A 119 20.85 -7.07 5.81
N SER A 120 19.73 -6.37 5.98
CA SER A 120 19.64 -5.34 7.00
C SER A 120 19.45 -5.95 8.39
N LYS A 121 20.18 -5.42 9.36
CA LYS A 121 20.07 -5.84 10.76
C LYS A 121 19.65 -4.67 11.61
N PRO A 122 18.36 -4.53 11.93
CA PRO A 122 17.92 -3.44 12.81
C PRO A 122 18.60 -3.51 14.17
N GLY A 123 18.92 -2.34 14.71
CA GLY A 123 19.56 -2.25 16.01
C GLY A 123 18.62 -2.56 17.16
N VAL A 124 19.15 -2.46 18.37
CA VAL A 124 18.34 -2.60 19.57
C VAL A 124 17.35 -1.45 19.67
N PHE A 125 17.81 -0.23 19.43
CA PHE A 125 16.99 0.98 19.55
C PHE A 125 16.40 1.40 18.21
N SER A 126 15.70 0.48 17.54
CA SER A 126 15.14 0.80 16.23
C SER A 126 13.98 1.78 16.30
N PHE A 127 13.19 1.75 17.38
CA PHE A 127 12.04 2.65 17.48
C PHE A 127 12.41 4.13 17.32
N LEU A 128 13.63 4.52 17.67
CA LEU A 128 14.07 5.89 17.40
C LEU A 128 14.12 6.23 15.92
N ASP A 129 14.20 5.23 15.04
CA ASP A 129 14.55 5.50 13.65
C ASP A 129 13.62 6.45 12.89
N PRO A 130 12.29 6.37 12.97
CA PRO A 130 11.46 7.18 12.07
C PRO A 130 11.58 8.69 12.22
N LEU A 131 12.45 9.20 13.10
CA LEU A 131 12.82 10.61 13.13
C LEU A 131 14.32 10.74 13.27
N ALA A 132 14.90 11.69 12.56
CA ALA A 132 16.34 11.88 12.53
C ALA A 132 16.85 12.41 13.87
N TYR A 133 18.16 12.28 14.06
CA TYR A 133 18.82 12.64 15.30
C TYR A 133 18.67 14.13 15.63
N GLU A 134 18.72 14.99 14.61
CA GLU A 134 18.53 16.42 14.84
C GLU A 134 17.15 16.75 15.37
N ILE A 135 16.12 15.98 15.01
CA ILE A 135 14.81 16.24 15.59
C ILE A 135 14.81 15.97 17.08
N TRP A 136 15.34 14.83 17.51
CA TRP A 136 15.37 14.53 18.94
C TRP A 136 16.16 15.57 19.74
N MET A 137 17.28 16.03 19.18
CA MET A 137 18.04 17.09 19.86
C MET A 137 17.26 18.41 19.94
N CYS A 138 16.58 18.79 18.87
CA CYS A 138 15.83 20.04 18.91
C CYS A 138 14.59 19.93 19.79
N ILE A 139 13.97 18.76 19.88
CA ILE A 139 12.86 18.57 20.80
C ILE A 139 13.32 18.73 22.25
N VAL A 140 14.52 18.25 22.58
CA VAL A 140 15.05 18.47 23.92
C VAL A 140 15.27 19.95 24.21
N PHE A 141 15.86 20.70 23.28
CA PHE A 141 16.04 22.13 23.52
C PHE A 141 14.72 22.89 23.60
N ALA A 142 13.72 22.50 22.81
CA ALA A 142 12.42 23.16 22.90
C ALA A 142 11.75 22.90 24.24
N TYR A 143 11.83 21.67 24.74
CA TYR A 143 11.28 21.37 26.05
C TYR A 143 11.89 22.23 27.15
N ILE A 144 13.22 22.37 27.15
CA ILE A 144 13.85 23.22 28.16
C ILE A 144 13.44 24.68 28.02
N GLY A 145 13.35 25.18 26.78
CA GLY A 145 12.98 26.57 26.59
C GLY A 145 11.58 26.88 27.08
N VAL A 146 10.61 26.04 26.70
CA VAL A 146 9.24 26.28 27.13
C VAL A 146 9.12 26.21 28.65
N SER A 147 9.80 25.25 29.26
CA SER A 147 9.70 25.11 30.71
C SER A 147 10.17 26.36 31.44
N VAL A 148 11.33 26.89 31.04
CA VAL A 148 11.82 28.06 31.74
C VAL A 148 11.02 29.33 31.42
N VAL A 149 10.54 29.49 30.18
CA VAL A 149 9.69 30.66 29.90
C VAL A 149 8.42 30.63 30.74
N LEU A 150 7.79 29.45 30.88
CA LEU A 150 6.56 29.36 31.66
C LEU A 150 6.80 29.66 33.13
N PHE A 151 7.95 29.26 33.67
CA PHE A 151 8.26 29.68 35.04
C PHE A 151 8.46 31.19 35.13
N LEU A 152 9.21 31.78 34.20
CA LEU A 152 9.45 33.21 34.27
C LEU A 152 8.16 34.02 34.25
N VAL A 153 7.22 33.63 33.38
CA VAL A 153 5.94 34.32 33.31
C VAL A 153 5.07 34.07 34.55
N SER A 154 4.99 32.84 35.04
CA SER A 154 4.06 32.59 36.15
C SER A 154 4.57 33.15 37.47
N ARG A 155 5.79 32.84 37.86
CA ARG A 155 6.32 33.32 39.15
C ARG A 155 7.00 34.68 38.97
N PHE A 156 6.20 35.62 38.49
CA PHE A 156 6.59 36.99 38.29
C PHE A 156 5.34 37.82 38.56
N SER A 157 5.53 39.07 38.96
CA SER A 157 4.57 39.80 39.76
C SER A 157 3.11 39.61 39.34
N PRO A 158 2.31 38.91 40.14
CA PRO A 158 0.84 39.00 39.97
C PRO A 158 0.28 40.31 40.49
N TYR A 159 0.99 40.95 41.42
CA TYR A 159 0.62 42.24 41.96
C TYR A 159 0.92 43.36 40.97
N SER A 160 1.70 38.56 46.69
CA SER A 160 0.76 37.80 45.87
C SER A 160 1.47 36.65 45.16
N GLU A 161 2.65 36.31 45.66
CA GLU A 161 3.44 35.23 45.04
C GLU A 161 2.75 33.88 45.18
N SER A 162 2.00 33.67 46.26
CA SER A 162 1.28 32.41 46.49
C SER A 162 0.38 32.01 45.33
N THR A 163 -0.14 32.99 44.58
CA THR A 163 -1.20 32.72 43.61
C THR A 163 -0.84 31.62 42.61
N ASN A 164 0.41 31.55 42.19
CA ASN A 164 0.84 30.61 41.16
C ASN A 164 1.65 29.47 41.77
N GLU A 165 1.24 28.24 41.49
CA GLU A 165 1.96 27.04 41.92
C GLU A 165 3.18 26.74 41.08
N PHE A 166 3.36 27.43 39.95
CA PHE A 166 4.36 27.05 38.96
C PHE A 166 5.76 27.53 39.34
N GLY A 167 6.31 26.91 40.38
CA GLY A 167 7.76 26.94 40.57
C GLY A 167 8.42 26.19 39.43
N ILE A 168 9.74 26.05 39.44
CA ILE A 168 10.42 25.44 38.30
C ILE A 168 10.04 23.98 38.17
N PHE A 169 10.09 23.26 39.28
CA PHE A 169 9.88 21.81 39.28
C PHE A 169 8.48 21.46 38.80
N ASN A 170 7.49 22.26 39.18
CA ASN A 170 6.13 22.06 38.67
C ASN A 170 5.97 22.45 37.21
N SER A 171 6.65 23.49 36.72
CA SER A 171 6.54 23.81 35.30
C SER A 171 7.18 22.75 34.43
N LEU A 172 8.26 22.16 34.92
CA LEU A 172 8.96 21.10 34.21
C LEU A 172 8.15 19.81 34.18
N TRP A 173 7.43 19.51 35.26
CA TRP A 173 6.52 18.37 35.24
C TRP A 173 5.29 18.64 34.37
N PHE A 174 4.72 19.84 34.44
CA PHE A 174 3.58 20.16 33.59
C PHE A 174 3.91 19.99 32.11
N SER A 175 5.03 20.57 31.66
CA SER A 175 5.37 20.43 30.24
C SER A 175 5.74 19.00 29.85
N LEU A 176 6.34 18.21 30.75
CA LEU A 176 6.57 16.81 30.41
C LEU A 176 5.26 16.05 30.28
N GLY A 177 4.35 16.21 31.24
CA GLY A 177 3.07 15.53 31.14
C GLY A 177 2.28 15.95 29.91
N ALA A 178 2.37 17.22 29.54
CA ALA A 178 1.73 17.68 28.31
C ALA A 178 2.29 17.01 27.07
N PHE A 179 3.61 16.84 26.99
CA PHE A 179 4.15 16.25 25.76
C PHE A 179 3.77 14.78 25.59
N MET A 180 3.72 14.01 26.68
CA MET A 180 3.31 12.62 26.55
C MET A 180 1.81 12.45 26.34
N GLN A 181 1.03 13.54 26.41
CA GLN A 181 -0.42 13.49 26.32
C GLN A 181 -1.03 12.56 27.36
N GLN A 182 -0.39 12.48 28.54
CA GLN A 182 -0.81 11.58 29.59
C GLN A 182 -1.56 12.30 30.72
N GLY A 183 -2.15 13.45 30.44
CA GLY A 183 -3.05 14.09 31.37
C GLY A 183 -2.32 14.89 32.43
N CYS A 184 -3.10 15.64 33.20
CA CYS A 184 -2.58 16.77 33.96
C CYS A 184 -3.24 16.85 35.33
N ASP A 185 -2.65 17.67 36.19
CA ASP A 185 -3.16 17.91 37.53
C ASP A 185 -3.31 19.38 37.89
N ILE A 186 -2.65 20.30 37.18
CA ILE A 186 -2.89 21.73 37.32
C ILE A 186 -2.84 22.35 35.93
N SER A 187 -3.36 23.58 35.84
CA SER A 187 -3.36 24.30 34.58
C SER A 187 -3.20 25.78 34.87
N PRO A 188 -2.57 26.54 33.98
CA PRO A 188 -2.37 27.97 34.25
C PRO A 188 -3.66 28.76 34.11
N ARG A 189 -3.81 29.78 34.95
CA ARG A 189 -5.03 30.58 34.99
C ARG A 189 -4.75 32.05 34.69
N SER A 190 -3.79 32.32 33.82
CA SER A 190 -3.37 33.66 33.48
C SER A 190 -3.22 33.75 31.98
N LEU A 191 -3.36 34.95 31.43
CA LEU A 191 -3.38 35.10 29.98
C LEU A 191 -2.06 34.65 29.34
N SER A 192 -0.94 35.13 29.87
CA SER A 192 0.37 34.77 29.30
C SER A 192 0.67 33.28 29.49
N GLY A 193 0.34 32.72 30.64
CA GLY A 193 0.53 31.30 30.83
C GLY A 193 -0.35 30.46 29.93
N ARG A 194 -1.55 30.95 29.63
CA ARG A 194 -2.40 30.22 28.70
C ARG A 194 -1.93 30.30 27.25
N ILE A 195 -1.32 31.42 26.83
CA ILE A 195 -0.78 31.43 25.47
C ILE A 195 0.43 30.52 25.32
N VAL A 196 1.33 30.50 26.31
CA VAL A 196 2.44 29.55 26.21
C VAL A 196 1.97 28.09 26.29
N GLY A 197 0.97 27.80 27.13
CA GLY A 197 0.40 26.46 27.10
C GLY A 197 -0.23 26.08 25.77
N GLY A 198 -0.99 26.98 25.16
CA GLY A 198 -1.65 26.63 23.92
C GLY A 198 -0.70 26.40 22.76
N VAL A 199 0.41 27.13 22.74
CA VAL A 199 1.39 26.89 21.69
C VAL A 199 2.12 25.56 21.91
N TRP A 200 2.44 25.23 23.16
CA TRP A 200 3.05 23.93 23.41
C TRP A 200 2.12 22.77 23.08
N TRP A 201 0.80 22.94 23.29
CA TRP A 201 -0.16 21.91 22.87
C TRP A 201 -0.22 21.73 21.36
N PHE A 202 -0.08 22.82 20.60
CA PHE A 202 -0.06 22.67 19.15
C PHE A 202 1.18 21.94 18.66
N PHE A 203 2.35 22.34 19.15
CA PHE A 203 3.60 21.66 18.78
C PHE A 203 3.53 20.17 19.08
N THR A 204 3.06 19.82 20.29
CA THR A 204 2.90 18.41 20.65
C THR A 204 1.98 17.67 19.68
N LEU A 205 0.86 18.28 19.31
CA LEU A 205 -0.09 17.59 18.44
C LEU A 205 0.54 17.21 17.11
N ILE A 206 1.24 18.14 16.48
CA ILE A 206 1.82 17.84 15.17
C ILE A 206 2.96 16.85 15.27
N ILE A 207 3.81 16.99 16.28
CA ILE A 207 4.99 16.13 16.37
C ILE A 207 4.59 14.68 16.65
N ILE A 208 3.72 14.46 17.63
CA ILE A 208 3.31 13.09 17.94
C ILE A 208 2.53 12.46 16.79
N SER A 209 1.60 13.20 16.18
CA SER A 209 0.86 12.66 15.06
C SER A 209 1.77 12.19 13.92
N SER A 210 2.76 13.03 13.55
CA SER A 210 3.67 12.62 12.49
C SER A 210 4.58 11.47 12.89
N TYR A 211 4.99 11.39 14.17
CA TYR A 211 5.77 10.22 14.60
C TYR A 211 5.00 8.93 14.45
N THR A 212 3.75 8.90 14.93
CA THR A 212 3.02 7.63 14.85
C THR A 212 2.63 7.27 13.41
N ALA A 213 2.35 8.26 12.56
CA ALA A 213 2.12 7.93 11.15
C ALA A 213 3.35 7.35 10.46
N ASN A 214 4.55 7.90 10.68
CA ASN A 214 5.69 7.28 9.96
C ASN A 214 5.94 5.86 10.49
N LEU A 215 5.88 5.64 11.81
CA LEU A 215 6.17 4.31 12.38
C LEU A 215 5.51 3.26 11.49
N ALA A 216 4.24 3.45 11.16
CA ALA A 216 3.50 2.47 10.34
C ALA A 216 4.35 2.04 9.14
N ALA A 217 4.70 2.95 8.24
CA ALA A 217 5.58 2.59 7.11
C ALA A 217 6.71 1.67 7.55
N PHE A 218 7.57 2.13 8.45
CA PHE A 218 8.77 1.36 8.86
C PHE A 218 8.37 -0.02 9.37
N LEU A 219 7.15 -0.17 9.88
CA LEU A 219 6.78 -1.49 10.47
C LEU A 219 5.74 -2.20 9.59
N THR A 220 5.36 -1.60 8.45
CA THR A 220 4.40 -2.25 7.53
C THR A 220 5.07 -2.61 6.22
N VAL A 221 6.35 -2.28 6.04
CA VAL A 221 7.05 -2.72 4.80
C VAL A 221 8.55 -2.81 5.05
N GLU A 222 9.22 -3.84 4.51
CA GLU A 222 10.69 -4.03 4.69
C GLU A 222 11.26 -4.94 3.58
N ARG A 223 11.03 -4.63 2.30
CA ARG A 223 11.49 -5.51 1.23
C ARG A 223 12.12 -4.69 0.13
N MET A 224 12.96 -5.35 -0.67
CA MET A 224 13.64 -4.70 -1.78
C MET A 224 13.45 -5.53 -3.05
N VAL A 225 13.17 -4.85 -4.16
CA VAL A 225 12.72 -5.52 -5.39
C VAL A 225 13.80 -6.40 -5.99
N SER A 226 15.08 -6.00 -5.89
CA SER A 226 16.24 -6.72 -6.39
C SER A 226 16.26 -6.71 -7.93
N PRO A 227 17.40 -7.02 -8.55
CA PRO A 227 17.45 -7.11 -10.02
C PRO A 227 16.45 -8.13 -10.55
N ILE A 228 15.64 -7.69 -11.52
CA ILE A 228 14.55 -8.52 -12.02
C ILE A 228 15.11 -9.74 -12.72
N GLU A 229 14.50 -10.89 -12.45
CA GLU A 229 14.97 -12.16 -13.02
C GLU A 229 14.63 -12.28 -14.51
N SER A 230 13.53 -11.63 -14.93
CA SER A 230 13.03 -11.83 -16.29
C SER A 230 14.08 -11.46 -17.33
N ALA A 231 14.55 -12.47 -18.08
CA ALA A 231 15.68 -12.30 -18.97
C ALA A 231 15.45 -11.21 -20.01
N GLU A 232 14.18 -10.98 -20.39
CA GLU A 232 13.90 -9.86 -21.29
C GLU A 232 14.28 -8.53 -20.64
N ASP A 233 13.98 -8.37 -19.36
CA ASP A 233 14.33 -7.14 -18.66
C ASP A 233 15.82 -7.05 -18.37
N LEU A 234 16.47 -8.20 -18.18
CA LEU A 234 17.93 -8.24 -18.16
C LEU A 234 18.52 -7.77 -19.48
N SER A 235 17.89 -8.14 -20.60
CA SER A 235 18.39 -7.68 -21.89
C SER A 235 18.22 -6.17 -22.06
N LYS A 236 17.19 -5.59 -21.43
CA LYS A 236 16.87 -4.17 -21.54
C LYS A 236 17.88 -3.25 -20.86
N GLN A 237 19.01 -3.76 -20.35
CA GLN A 237 19.95 -2.93 -19.61
C GLN A 237 21.37 -3.34 -19.96
N THR A 238 22.30 -2.42 -19.76
CA THR A 238 23.72 -2.66 -20.02
C THR A 238 24.60 -2.42 -18.81
N GLU A 239 24.03 -2.07 -17.65
CA GLU A 239 24.83 -1.89 -16.45
C GLU A 239 25.49 -3.18 -16.00
N ILE A 240 24.89 -4.33 -16.29
CA ILE A 240 25.42 -5.63 -15.93
C ILE A 240 25.81 -6.37 -17.19
N ALA A 241 27.02 -6.92 -17.21
CA ALA A 241 27.48 -7.74 -18.32
C ALA A 241 27.34 -9.22 -17.96
N TYR A 242 26.82 -9.99 -18.91
CA TYR A 242 26.56 -11.41 -18.71
C TYR A 242 27.22 -12.24 -19.80
N GLY A 243 27.70 -13.42 -19.43
CA GLY A 243 28.44 -14.25 -20.36
C GLY A 243 28.33 -15.71 -20.01
N THR A 244 28.46 -16.57 -21.01
CA THR A 244 28.44 -18.02 -20.84
C THR A 244 29.86 -18.59 -20.84
N LEU A 245 29.95 -19.88 -20.55
CA LEU A 245 31.21 -20.60 -20.69
C LEU A 245 31.64 -20.68 -22.15
N ASP A 246 32.94 -20.78 -22.36
CA ASP A 246 33.50 -21.04 -23.68
C ASP A 246 33.46 -22.54 -23.96
N SER A 247 32.98 -22.90 -25.16
CA SER A 247 32.89 -24.29 -25.61
C SER A 247 31.90 -25.11 -24.79
N GLY A 248 30.83 -24.47 -24.32
CA GLY A 248 29.78 -25.18 -23.62
C GLY A 248 28.48 -25.23 -24.38
N SER A 249 27.60 -26.16 -24.03
CA SER A 249 26.33 -26.29 -24.72
C SER A 249 25.47 -25.03 -24.60
N THR A 250 25.60 -24.30 -23.49
CA THR A 250 24.85 -23.05 -23.34
C THR A 250 25.17 -22.07 -24.46
N LYS A 251 26.44 -21.96 -24.83
CA LYS A 251 26.85 -21.06 -25.90
C LYS A 251 26.28 -21.49 -27.24
N GLU A 252 26.30 -22.79 -27.54
CA GLU A 252 25.69 -23.29 -28.76
C GLU A 252 24.18 -23.08 -28.78
N PHE A 253 23.54 -23.22 -27.61
CA PHE A 253 22.11 -22.94 -27.52
C PHE A 253 21.79 -21.48 -27.84
N PHE A 254 22.54 -20.55 -27.26
CA PHE A 254 22.29 -19.15 -27.57
C PHE A 254 22.61 -18.81 -29.02
N ARG A 255 23.71 -19.35 -29.57
CA ARG A 255 23.99 -19.17 -31.00
C ARG A 255 22.85 -19.68 -31.88
N ARG A 256 22.38 -20.90 -31.62
CA ARG A 256 21.42 -21.54 -32.52
C ARG A 256 20.03 -20.93 -32.40
N SER A 257 19.67 -20.46 -31.21
CA SER A 257 18.29 -20.07 -30.96
C SER A 257 17.87 -18.89 -31.84
N LYS A 258 16.60 -18.89 -32.23
CA LYS A 258 16.03 -17.81 -33.02
C LYS A 258 14.89 -17.10 -32.31
N ILE A 259 14.64 -17.40 -31.04
CA ILE A 259 13.65 -16.66 -30.26
C ILE A 259 14.13 -15.23 -30.09
N ALA A 260 13.19 -14.28 -30.23
CA ALA A 260 13.57 -12.88 -30.41
C ALA A 260 14.37 -12.34 -29.24
N VAL A 261 13.92 -12.62 -28.01
CA VAL A 261 14.70 -12.19 -26.84
C VAL A 261 16.05 -12.89 -26.81
N PHE A 262 16.07 -14.19 -27.12
CA PHE A 262 17.34 -14.92 -27.12
C PHE A 262 18.22 -14.51 -28.28
N ASP A 263 17.64 -14.19 -29.43
CA ASP A 263 18.42 -13.66 -30.55
C ASP A 263 19.03 -12.30 -30.20
N LYS A 264 18.26 -11.43 -29.55
CA LYS A 264 18.78 -10.17 -29.02
C LYS A 264 19.93 -10.40 -28.05
N MET A 265 19.76 -11.33 -27.12
CA MET A 265 20.84 -11.63 -26.17
C MET A 265 22.08 -12.16 -26.86
N TRP A 266 21.93 -13.07 -27.82
CA TRP A 266 23.10 -13.54 -28.57
C TRP A 266 23.75 -12.42 -29.38
N THR A 267 22.95 -11.55 -29.97
CA THR A 267 23.48 -10.41 -30.72
C THR A 267 24.30 -9.49 -29.82
N TYR A 268 23.82 -9.23 -28.61
CA TYR A 268 24.64 -8.53 -27.63
C TYR A 268 25.92 -9.30 -27.29
N MET A 269 25.79 -10.57 -26.94
CA MET A 269 26.94 -11.34 -26.48
C MET A 269 27.99 -11.53 -27.57
N ARG A 270 27.57 -11.64 -28.83
CA ARG A 270 28.55 -11.75 -29.91
C ARG A 270 29.26 -10.43 -30.17
N SER A 271 28.53 -9.32 -30.09
CA SER A 271 29.11 -8.02 -30.42
C SER A 271 29.75 -7.31 -29.23
N ALA A 272 29.39 -7.67 -28.01
CA ALA A 272 29.90 -6.96 -26.85
C ALA A 272 31.39 -7.17 -26.66
N GLU A 273 32.05 -6.17 -26.09
CA GLU A 273 33.46 -6.20 -25.76
C GLU A 273 33.66 -5.53 -24.40
N PRO A 274 34.69 -5.92 -23.65
CA PRO A 274 35.66 -7.01 -23.90
C PRO A 274 35.04 -8.40 -23.76
N SER A 275 35.84 -9.46 -23.93
CA SER A 275 35.33 -10.82 -23.91
C SER A 275 34.67 -11.13 -22.56
N VAL A 276 33.36 -11.41 -22.61
CA VAL A 276 32.63 -11.79 -21.40
C VAL A 276 32.77 -13.27 -21.06
N PHE A 277 33.34 -14.06 -21.95
CA PHE A 277 33.40 -15.50 -21.76
C PHE A 277 34.55 -15.89 -20.84
N VAL A 278 34.51 -17.12 -20.34
CA VAL A 278 35.50 -17.64 -19.40
C VAL A 278 35.87 -19.06 -19.81
N ARG A 279 37.03 -19.51 -19.33
CA ARG A 279 37.51 -20.85 -19.63
C ARG A 279 36.99 -21.92 -18.68
N THR A 280 36.65 -21.57 -17.44
CA THR A 280 36.18 -22.55 -16.47
C THR A 280 35.06 -21.94 -15.64
N THR A 281 34.22 -22.83 -15.10
CA THR A 281 33.09 -22.39 -14.28
C THR A 281 33.55 -21.69 -13.01
N ALA A 282 34.62 -22.20 -12.38
CA ALA A 282 35.16 -21.56 -11.19
C ALA A 282 35.68 -20.17 -11.50
N GLU A 283 36.27 -19.98 -12.68
CA GLU A 283 36.67 -18.63 -13.10
C GLU A 283 35.46 -17.73 -13.30
N GLY A 284 34.37 -18.25 -13.87
CA GLY A 284 33.16 -17.45 -13.99
C GLY A 284 32.59 -17.01 -12.65
N VAL A 285 32.49 -17.95 -11.71
CA VAL A 285 32.02 -17.61 -10.37
C VAL A 285 32.92 -16.59 -9.69
N ALA A 286 34.24 -16.81 -9.74
CA ALA A 286 35.17 -15.85 -9.15
C ALA A 286 35.04 -14.47 -9.80
N ARG A 287 34.91 -14.43 -11.13
CA ARG A 287 34.76 -13.16 -11.82
C ARG A 287 33.49 -12.43 -11.45
N VAL A 288 32.40 -13.16 -11.22
CA VAL A 288 31.21 -12.53 -10.65
C VAL A 288 31.49 -12.02 -9.23
N ARG A 289 32.09 -12.86 -8.40
CA ARG A 289 32.33 -12.51 -7.00
C ARG A 289 33.23 -11.28 -6.86
N LYS A 290 34.29 -11.20 -7.66
CA LYS A 290 35.19 -10.05 -7.59
C LYS A 290 34.58 -8.78 -8.20
N SER A 291 33.65 -8.93 -9.14
CA SER A 291 33.23 -7.77 -9.92
C SER A 291 32.16 -6.94 -9.23
N LYS A 292 32.10 -7.00 -7.90
CA LYS A 292 31.27 -6.11 -7.10
C LYS A 292 29.81 -6.12 -7.53
N GLY A 293 29.32 -7.26 -8.00
CA GLY A 293 27.95 -7.35 -8.45
C GLY A 293 27.67 -6.71 -9.79
N LYS A 294 28.69 -6.35 -10.54
CA LYS A 294 28.51 -5.73 -11.85
C LYS A 294 28.51 -6.73 -13.01
N TYR A 295 28.91 -7.98 -12.76
CA TYR A 295 29.03 -8.98 -13.81
C TYR A 295 28.23 -10.21 -13.42
N ALA A 296 27.68 -10.89 -14.44
CA ALA A 296 26.89 -12.09 -14.23
C ALA A 296 27.42 -13.21 -15.11
N TYR A 297 27.23 -14.45 -14.63
CA TYR A 297 27.66 -15.65 -15.32
C TYR A 297 26.47 -16.58 -15.50
N LEU A 298 26.40 -17.25 -16.65
CA LEU A 298 25.28 -18.13 -16.97
C LEU A 298 25.70 -19.60 -16.91
N LEU A 299 24.98 -20.37 -16.11
CA LEU A 299 25.43 -21.66 -15.60
C LEU A 299 24.19 -22.47 -15.24
N GLU A 300 24.32 -23.79 -15.22
CA GLU A 300 23.17 -24.68 -15.22
C GLU A 300 22.82 -25.17 -13.82
N SER A 301 21.52 -25.41 -13.62
CA SER A 301 20.89 -25.34 -12.30
C SER A 301 21.51 -26.31 -11.30
N THR A 302 21.98 -27.47 -11.76
CA THR A 302 22.58 -28.45 -10.85
C THR A 302 23.89 -27.92 -10.26
N MET A 303 24.69 -27.23 -11.05
CA MET A 303 25.87 -26.56 -10.51
C MET A 303 25.50 -25.34 -9.68
N ASN A 304 24.48 -24.58 -10.12
CA ASN A 304 24.05 -23.40 -9.37
C ASN A 304 23.63 -23.74 -7.95
N GLU A 305 22.76 -24.74 -7.79
CA GLU A 305 22.30 -25.11 -6.46
C GLU A 305 23.39 -25.71 -5.59
N TYR A 306 24.38 -26.37 -6.17
CA TYR A 306 25.58 -26.73 -5.40
C TYR A 306 26.32 -25.51 -4.90
N ILE A 307 26.60 -24.56 -5.79
CA ILE A 307 27.37 -23.38 -5.38
C ILE A 307 26.60 -22.55 -4.37
N GLU A 308 25.28 -22.45 -4.54
CA GLU A 308 24.45 -21.71 -3.59
C GLU A 308 24.54 -22.29 -2.18
N GLN A 309 24.80 -23.58 -2.06
CA GLN A 309 24.86 -24.24 -0.77
C GLN A 309 26.26 -24.27 -0.15
N ARG A 310 27.24 -23.63 -0.77
CA ARG A 310 28.62 -23.66 -0.29
C ARG A 310 29.05 -22.29 0.18
N LYS A 311 29.84 -22.27 1.25
CA LYS A 311 30.32 -21.01 1.82
C LYS A 311 31.21 -20.28 0.82
N PRO A 312 31.22 -18.94 0.82
CA PRO A 312 30.62 -18.03 1.81
C PRO A 312 29.14 -17.73 1.57
N CYS A 313 28.50 -18.39 0.60
CA CYS A 313 27.06 -18.28 0.38
C CYS A 313 26.63 -16.85 0.05
N ASP A 314 27.49 -16.10 -0.65
CA ASP A 314 27.20 -14.73 -1.06
C ASP A 314 26.49 -14.63 -2.41
N THR A 315 26.15 -15.76 -3.03
CA THR A 315 25.51 -15.79 -4.34
C THR A 315 24.00 -15.92 -4.17
N MET A 316 23.26 -15.44 -5.17
CA MET A 316 21.84 -15.75 -5.28
C MET A 316 21.49 -16.25 -6.68
N LYS A 317 20.58 -17.21 -6.74
CA LYS A 317 19.92 -17.61 -7.98
C LYS A 317 18.55 -16.97 -8.09
N VAL A 318 18.25 -16.41 -9.26
CA VAL A 318 16.99 -15.71 -9.52
C VAL A 318 16.31 -16.33 -10.73
N GLY A 319 14.98 -16.33 -10.72
CA GLY A 319 14.19 -16.81 -11.84
C GLY A 319 14.13 -18.31 -11.99
N GLY A 320 13.25 -18.77 -12.87
CA GLY A 320 13.12 -20.17 -13.18
C GLY A 320 14.07 -20.63 -14.25
N ASN A 321 13.99 -21.93 -14.55
CA ASN A 321 14.77 -22.51 -15.63
C ASN A 321 14.23 -22.08 -16.99
N LEU A 322 15.14 -21.79 -17.91
CA LEU A 322 14.75 -21.38 -19.25
C LEU A 322 14.38 -22.56 -20.15
N ASP A 323 14.87 -23.76 -19.86
CA ASP A 323 14.73 -24.90 -20.77
C ASP A 323 14.68 -26.18 -19.94
N SER A 324 14.84 -27.32 -20.61
CA SER A 324 14.88 -28.61 -19.94
C SER A 324 15.76 -29.57 -20.73
N LYS A 325 16.76 -30.14 -20.07
CA LYS A 325 17.78 -30.95 -20.71
C LYS A 325 18.17 -32.09 -19.79
N GLY A 326 18.66 -33.17 -20.38
CA GLY A 326 19.20 -34.29 -19.64
C GLY A 326 20.70 -34.50 -19.80
N TYR A 327 21.32 -35.09 -18.79
CA TYR A 327 22.67 -35.64 -18.88
C TYR A 327 22.57 -37.15 -19.09
N GLY A 328 23.40 -37.67 -19.99
CA GLY A 328 23.35 -39.09 -20.28
C GLY A 328 24.73 -39.65 -20.56
N ILE A 329 24.88 -40.95 -20.31
CA ILE A 329 26.13 -41.63 -20.60
C ILE A 329 26.26 -41.85 -22.09
N ALA A 330 27.45 -41.63 -22.63
CA ALA A 330 27.65 -41.66 -24.07
C ALA A 330 28.76 -42.63 -24.44
N THR A 331 28.58 -43.29 -25.58
CA THR A 331 29.31 -44.45 -26.05
C THR A 331 29.40 -44.33 -27.56
N PRO A 332 30.39 -44.92 -28.20
CA PRO A 332 30.70 -44.49 -29.57
C PRO A 332 30.02 -45.39 -30.58
N LYS A 333 29.58 -44.80 -31.69
CA LYS A 333 28.52 -45.37 -32.52
C LYS A 333 28.78 -46.81 -32.90
N GLY A 334 27.80 -47.67 -32.64
CA GLY A 334 27.96 -49.08 -32.87
C GLY A 334 28.92 -49.71 -31.87
N SER A 335 28.52 -49.79 -30.60
CA SER A 335 29.35 -50.38 -29.58
C SER A 335 28.49 -51.18 -28.61
N SER A 336 29.04 -52.31 -28.16
CA SER A 336 28.28 -53.30 -27.41
C SER A 336 27.78 -52.76 -26.07
N LEU A 337 28.52 -51.83 -25.48
CA LEU A 337 28.15 -51.25 -24.19
C LEU A 337 26.78 -50.59 -24.17
N GLY A 338 26.32 -50.07 -25.31
CA GLY A 338 25.14 -49.21 -25.30
C GLY A 338 23.86 -49.83 -24.76
N THR A 339 23.59 -51.10 -25.06
CA THR A 339 22.41 -51.75 -24.48
C THR A 339 22.56 -52.09 -22.99
N PRO A 340 23.63 -52.75 -22.53
CA PRO A 340 23.74 -53.00 -21.08
C PRO A 340 23.84 -51.73 -20.26
N VAL A 341 24.47 -50.68 -20.77
CA VAL A 341 24.49 -49.42 -20.04
C VAL A 341 23.08 -48.84 -19.93
N ASN A 342 22.27 -48.97 -20.98
CA ASN A 342 20.88 -48.52 -20.89
C ASN A 342 20.12 -49.27 -19.80
N LEU A 343 20.25 -50.60 -19.78
CA LEU A 343 19.55 -51.36 -18.76
C LEU A 343 20.07 -51.06 -17.36
N ALA A 344 21.38 -50.82 -17.23
CA ALA A 344 21.94 -50.44 -15.94
C ALA A 344 21.40 -49.11 -15.45
N VAL A 345 21.32 -48.11 -16.33
CA VAL A 345 20.82 -46.81 -15.90
C VAL A 345 19.35 -46.87 -15.53
N LEU A 346 18.56 -47.61 -16.31
CA LEU A 346 17.16 -47.80 -15.94
C LEU A 346 17.03 -48.50 -14.58
N LYS A 347 17.73 -49.61 -14.38
CA LYS A 347 17.66 -50.35 -13.13
C LYS A 347 18.07 -49.50 -11.93
N LEU A 348 19.17 -48.75 -12.05
CA LEU A 348 19.58 -47.86 -10.97
C LEU A 348 18.54 -46.78 -10.67
N SER A 349 17.92 -46.22 -11.71
CA SER A 349 16.89 -45.22 -11.45
C SER A 349 15.64 -45.84 -10.83
N GLU A 350 15.35 -47.09 -11.21
CA GLU A 350 14.17 -47.79 -10.72
C GLU A 350 14.31 -48.22 -9.26
N GLN A 351 15.50 -48.64 -8.84
CA GLN A 351 15.76 -48.86 -7.42
C GLN A 351 15.80 -47.57 -6.62
N GLY A 352 16.21 -46.45 -7.21
CA GLY A 352 16.28 -45.21 -6.48
C GLY A 352 17.65 -44.84 -5.95
N VAL A 353 18.70 -45.54 -6.37
CA VAL A 353 20.06 -45.24 -5.94
C VAL A 353 20.49 -43.84 -6.35
N LEU A 354 19.99 -43.35 -7.48
CA LEU A 354 20.39 -42.04 -7.99
C LEU A 354 19.97 -40.89 -7.08
N ASP A 355 18.85 -41.01 -6.36
CA ASP A 355 18.54 -40.01 -5.34
C ASP A 355 19.52 -40.09 -4.17
N LYS A 356 19.86 -41.31 -3.76
CA LYS A 356 20.85 -41.51 -2.70
C LYS A 356 22.20 -40.88 -3.04
N LEU A 357 22.65 -41.03 -4.28
CA LEU A 357 23.89 -40.38 -4.71
C LEU A 357 23.79 -38.86 -4.72
N LYS A 358 22.65 -38.29 -5.12
CA LYS A 358 22.51 -36.84 -5.03
C LYS A 358 22.49 -36.35 -3.59
N ASN A 359 21.73 -37.02 -2.73
CA ASN A 359 21.65 -36.59 -1.32
C ASN A 359 23.02 -36.64 -0.65
N LYS A 360 23.78 -37.70 -0.91
CA LYS A 360 25.11 -37.84 -0.35
C LYS A 360 26.03 -36.66 -0.69
N TRP A 361 25.86 -36.03 -1.85
CA TRP A 361 26.84 -35.06 -2.31
C TRP A 361 26.35 -33.62 -2.40
N TRP A 362 25.09 -33.37 -2.75
CA TRP A 362 24.64 -31.99 -2.90
C TRP A 362 24.19 -31.39 -1.57
N TYR A 363 23.19 -31.99 -0.94
CA TYR A 363 22.49 -31.34 0.17
C TYR A 363 23.08 -31.68 1.53
N ASP A 364 23.75 -32.82 1.65
CA ASP A 364 24.37 -33.18 2.93
C ASP A 364 25.39 -32.12 3.38
N LYS A 365 25.97 -31.39 2.43
CA LYS A 365 26.92 -30.34 2.73
C LYS A 365 26.28 -28.95 2.73
N GLY A 366 24.95 -28.87 2.70
CA GLY A 366 24.25 -27.60 2.58
C GLY A 366 24.22 -26.79 3.86
N GLU A 367 25.37 -26.25 4.25
CA GLU A 367 25.51 -25.63 5.56
C GLU A 367 24.65 -24.38 5.71
N CYS A 368 24.55 -23.55 4.66
CA CYS A 368 23.76 -22.33 4.72
C CYS A 368 22.27 -22.57 4.49
N GLY A 369 21.84 -23.82 4.34
CA GLY A 369 20.47 -24.13 3.97
C GLY A 369 19.45 -23.98 5.08
N ALA A 370 19.85 -23.50 6.25
CA ALA A 370 18.94 -23.39 7.39
C ALA A 370 18.00 -22.21 7.18
N LYS A 371 16.80 -22.48 6.64
CA LYS A 371 15.68 -21.55 6.61
C LYS A 371 16.01 -20.23 5.89
N ASP A 372 16.99 -20.24 4.99
CA ASP A 372 17.38 -19.01 4.31
C ASP A 372 16.33 -18.52 3.32
N SER A 373 15.44 -19.40 2.85
CA SER A 373 14.45 -19.01 1.84
C SER A 373 13.40 -18.05 2.38
N GLY A 374 13.19 -18.03 3.69
CA GLY A 374 12.27 -17.08 4.31
C GLY A 374 10.84 -17.26 3.84
N SER A 375 10.09 -16.16 3.84
CA SER A 375 8.71 -16.16 3.39
C SER A 375 8.33 -14.78 2.90
N LYS A 376 7.26 -14.72 2.09
CA LYS A 376 6.74 -13.49 1.56
C LYS A 376 5.56 -12.93 2.35
N GLU A 377 5.34 -13.43 3.57
CA GLU A 377 4.19 -13.01 4.35
C GLU A 377 4.30 -11.54 4.75
N LYS A 378 3.15 -10.89 4.87
CA LYS A 378 3.07 -9.47 5.17
C LYS A 378 2.33 -9.15 6.46
N THR A 379 1.93 -10.15 7.23
CA THR A 379 1.21 -9.95 8.49
C THR A 379 1.87 -10.72 9.61
N SER A 380 3.20 -10.75 9.63
CA SER A 380 3.93 -11.31 10.76
C SER A 380 3.78 -10.42 11.99
N ALA A 381 3.59 -11.05 13.13
CA ALA A 381 3.54 -10.34 14.41
C ALA A 381 4.92 -9.82 14.79
N LEU A 382 4.93 -8.86 15.71
CA LEU A 382 6.18 -8.38 16.28
C LEU A 382 6.77 -9.41 17.24
N SER A 383 8.08 -9.34 17.43
CA SER A 383 8.82 -10.28 18.25
C SER A 383 9.64 -9.55 19.29
N LEU A 384 9.87 -10.22 20.42
CA LEU A 384 10.43 -9.57 21.59
C LEU A 384 11.79 -8.95 21.34
N SER A 385 12.58 -9.54 20.44
CA SER A 385 13.87 -8.96 20.08
C SER A 385 13.75 -7.56 19.50
N ASN A 386 12.64 -7.26 18.83
CA ASN A 386 12.39 -5.89 18.37
C ASN A 386 12.10 -4.91 19.52
N VAL A 387 11.49 -5.38 20.60
CA VAL A 387 11.03 -4.49 21.67
C VAL A 387 12.00 -4.30 22.83
N ALA A 388 12.97 -5.19 23.01
CA ALA A 388 13.70 -5.29 24.29
C ALA A 388 14.33 -3.99 24.76
N GLY A 389 14.77 -3.12 23.84
CA GLY A 389 15.41 -1.88 24.25
C GLY A 389 14.55 -1.02 25.17
N VAL A 390 13.24 -1.06 24.98
CA VAL A 390 12.36 -0.30 25.86
C VAL A 390 12.31 -0.93 27.25
N PHE A 391 12.37 -2.25 27.32
CA PHE A 391 12.40 -2.90 28.63
C PHE A 391 13.69 -2.60 29.37
N TYR A 392 14.81 -2.53 28.66
CA TYR A 392 16.06 -2.14 29.31
C TYR A 392 16.02 -0.72 29.82
N ILE A 393 15.38 0.19 29.07
CA ILE A 393 15.26 1.57 29.54
C ILE A 393 14.36 1.66 30.76
N LEU A 394 13.24 0.93 30.76
CA LEU A 394 12.34 0.95 31.90
C LEU A 394 13.03 0.46 33.17
N VAL A 395 13.69 -0.70 33.10
CA VAL A 395 14.29 -1.23 34.31
C VAL A 395 15.47 -0.38 34.81
N GLY A 396 16.24 0.22 33.89
CA GLY A 396 17.22 1.20 34.34
C GLY A 396 16.62 2.41 35.03
N GLY A 397 15.47 2.88 34.53
CA GLY A 397 14.82 4.00 35.18
C GLY A 397 14.27 3.68 36.56
N LEU A 398 13.76 2.47 36.76
CA LEU A 398 13.35 2.06 38.10
C LEU A 398 14.53 1.96 39.06
N GLY A 399 15.67 1.46 38.58
CA GLY A 399 16.85 1.41 39.44
C GLY A 399 17.34 2.79 39.83
N LEU A 400 17.41 3.71 38.87
CA LEU A 400 17.82 5.07 39.18
C LEU A 400 16.87 5.74 40.17
N ALA A 401 15.55 5.65 39.94
CA ALA A 401 14.62 6.29 40.85
C ALA A 401 14.76 5.76 42.27
N MET A 402 15.00 4.46 42.42
CA MET A 402 15.14 3.92 43.78
C MET A 402 16.45 4.37 44.45
N LEU A 403 17.52 4.51 43.67
CA LEU A 403 18.76 5.06 44.22
C LEU A 403 18.58 6.51 44.67
N VAL A 404 17.98 7.34 43.83
CA VAL A 404 17.74 8.73 44.20
C VAL A 404 16.90 8.81 45.47
N ALA A 405 15.90 7.95 45.61
CA ALA A 405 15.09 7.95 46.83
C ALA A 405 15.91 7.62 48.07
N LEU A 406 16.87 6.70 47.94
CA LEU A 406 17.70 6.37 49.10
C LEU A 406 18.66 7.48 49.48
N ILE A 407 19.26 8.15 48.50
CA ILE A 407 20.18 9.25 48.84
C ILE A 407 19.41 10.44 49.41
N GLU A 408 18.22 10.74 48.87
CA GLU A 408 17.40 11.79 49.46
C GLU A 408 17.01 11.47 50.90
N PHE A 409 16.66 10.22 51.18
CA PHE A 409 16.36 9.85 52.57
C PHE A 409 17.55 10.00 53.50
N CYS A 410 18.72 9.52 53.07
CA CYS A 410 19.91 9.62 53.93
C CYS A 410 20.32 11.07 54.17
N TYR A 411 20.29 11.91 53.14
CA TYR A 411 20.55 13.33 53.32
C TYR A 411 19.53 13.98 54.24
N LYS A 412 18.24 13.74 54.00
CA LYS A 412 17.20 14.35 54.83
C LYS A 412 17.31 13.92 56.29
N SER A 413 17.77 12.70 56.54
CA SER A 413 18.04 12.30 57.93
C SER A 413 19.27 12.98 58.50
N ARG A 414 20.36 13.06 57.73
CA ARG A 414 21.57 13.70 58.23
C ARG A 414 21.46 15.22 58.29
N ALA A 415 20.72 15.82 57.37
CA ALA A 415 20.59 17.29 57.36
C ALA A 415 19.79 17.76 58.55
N GLU B 1 20.44 -3.21 -67.55
CA GLU B 1 21.37 -3.84 -66.62
C GLU B 1 21.09 -3.40 -65.18
N GLN B 2 21.32 -4.30 -64.23
CA GLN B 2 21.15 -3.98 -62.82
C GLN B 2 22.29 -3.12 -62.29
N LYS B 3 22.35 -1.86 -62.73
CA LYS B 3 23.28 -0.90 -62.16
C LYS B 3 22.93 -0.60 -60.71
N THR B 4 23.94 -0.24 -59.93
CA THR B 4 23.71 0.21 -58.56
C THR B 4 22.99 1.56 -58.56
N VAL B 5 22.16 1.76 -57.54
CA VAL B 5 21.40 3.00 -57.38
C VAL B 5 22.10 3.89 -56.36
N VAL B 6 21.90 5.19 -56.50
CA VAL B 6 22.50 6.20 -55.62
C VAL B 6 21.42 6.78 -54.73
N VAL B 7 21.61 6.65 -53.41
CA VAL B 7 20.72 7.22 -52.41
C VAL B 7 21.37 8.47 -51.87
N THR B 8 20.58 9.53 -51.72
CA THR B 8 21.04 10.74 -51.03
C THR B 8 20.36 10.86 -49.67
N THR B 9 21.15 11.16 -48.65
CA THR B 9 20.72 11.02 -47.27
C THR B 9 21.56 11.93 -46.40
N ILE B 10 21.04 12.25 -45.22
CA ILE B 10 21.68 13.20 -44.31
C ILE B 10 21.93 12.54 -42.96
N LEU B 11 22.98 13.00 -42.28
CA LEU B 11 23.38 12.48 -40.97
C LEU B 11 22.46 13.07 -39.90
N GLU B 12 21.66 12.21 -39.25
CA GLU B 12 20.82 12.66 -38.16
C GLU B 12 20.50 11.45 -37.29
N SER B 13 20.41 11.69 -35.98
CA SER B 13 20.31 10.57 -35.06
C SER B 13 18.88 10.37 -34.58
N PRO B 14 18.41 9.12 -34.49
CA PRO B 14 19.09 7.87 -34.84
C PRO B 14 18.84 7.42 -36.27
N TYR B 15 18.47 8.31 -37.18
CA TYR B 15 18.20 7.90 -38.55
C TYR B 15 19.47 7.45 -39.25
N VAL B 16 20.54 8.24 -39.14
CA VAL B 16 21.82 7.92 -39.76
C VAL B 16 22.93 8.34 -38.80
N MET B 17 23.65 7.37 -38.25
CA MET B 17 24.72 7.64 -37.30
C MET B 17 26.00 6.97 -37.76
N MET B 18 27.11 7.67 -37.58
CA MET B 18 28.42 7.14 -37.96
C MET B 18 28.81 5.99 -37.04
N LYS B 19 29.17 4.86 -37.62
CA LYS B 19 29.64 3.72 -36.84
C LYS B 19 31.13 3.87 -36.54
N LYS B 20 31.54 3.36 -35.38
CA LYS B 20 32.92 3.53 -34.93
C LYS B 20 33.93 2.93 -35.91
N ASN B 21 33.55 1.86 -36.62
CA ASN B 21 34.43 1.26 -37.61
C ASN B 21 34.73 2.18 -38.79
N HIS B 22 33.99 3.28 -38.95
CA HIS B 22 33.93 3.98 -40.24
C HIS B 22 35.31 4.39 -40.75
N GLU B 23 36.25 4.67 -39.86
CA GLU B 23 37.63 4.87 -40.31
C GLU B 23 38.17 3.67 -41.07
N MET B 24 37.73 2.47 -40.72
CA MET B 24 38.34 1.25 -41.22
C MET B 24 37.65 0.65 -42.44
N LEU B 25 36.40 1.04 -42.71
CA LEU B 25 35.55 0.29 -43.62
C LEU B 25 34.92 1.20 -44.67
N GLU B 26 34.30 0.57 -45.66
CA GLU B 26 33.63 1.25 -46.75
C GLU B 26 32.27 1.79 -46.29
N GLY B 27 31.74 2.74 -47.08
CA GLY B 27 30.64 3.57 -46.62
C GLY B 27 29.41 2.77 -46.22
N ASN B 28 29.11 1.69 -46.94
CA ASN B 28 27.93 0.90 -46.58
C ASN B 28 28.09 0.22 -45.24
N GLU B 29 29.31 -0.16 -44.86
CA GLU B 29 29.56 -0.50 -43.47
C GLU B 29 29.64 0.74 -42.57
N ARG B 30 30.11 1.87 -43.09
CA ARG B 30 30.35 3.03 -42.24
C ARG B 30 29.10 3.50 -41.51
N TYR B 31 27.92 3.35 -42.11
CA TYR B 31 26.70 3.92 -41.57
C TYR B 31 25.75 2.84 -41.07
N GLU B 32 25.04 3.16 -39.99
CA GLU B 32 23.91 2.37 -39.52
C GLU B 32 22.83 3.31 -39.01
N GLY B 33 21.59 2.83 -38.99
CA GLY B 33 20.49 3.63 -38.51
C GLY B 33 19.17 3.13 -39.06
N TYR B 34 18.10 3.80 -38.59
CA TYR B 34 16.74 3.44 -38.99
C TYR B 34 16.55 3.56 -40.50
N CYS B 35 17.09 4.63 -41.09
CA CYS B 35 17.00 4.78 -42.53
C CYS B 35 17.82 3.76 -43.28
N VAL B 36 18.94 3.30 -42.71
CA VAL B 36 19.75 2.28 -43.38
C VAL B 36 19.01 0.94 -43.40
N ASP B 37 18.39 0.57 -42.28
CA ASP B 37 17.54 -0.61 -42.24
C ASP B 37 16.37 -0.49 -43.23
N LEU B 38 15.68 0.64 -43.24
CA LEU B 38 14.56 0.78 -44.15
C LEU B 38 15.00 0.74 -45.62
N ALA B 39 16.13 1.36 -45.93
CA ALA B 39 16.68 1.29 -47.28
C ALA B 39 17.03 -0.14 -47.67
N ALA B 40 17.54 -0.93 -46.74
CA ALA B 40 17.78 -2.34 -47.00
C ALA B 40 16.48 -3.09 -47.24
N GLU B 41 15.46 -2.85 -46.43
CA GLU B 41 14.19 -3.54 -46.62
C GLU B 41 13.56 -3.20 -47.97
N ILE B 42 13.59 -1.92 -48.35
CA ILE B 42 13.06 -1.51 -49.66
C ILE B 42 13.86 -2.13 -50.80
N ALA B 43 15.18 -2.10 -50.72
CA ALA B 43 15.99 -2.72 -51.77
C ALA B 43 15.74 -4.21 -51.88
N LYS B 44 15.64 -4.90 -50.74
CA LYS B 44 15.37 -6.34 -50.74
C LYS B 44 13.99 -6.67 -51.30
N HIS B 45 12.99 -5.83 -51.08
CA HIS B 45 11.71 -6.05 -51.76
C HIS B 45 11.82 -5.76 -53.26
N CYS B 46 12.43 -4.63 -53.63
CA CYS B 46 12.49 -4.26 -55.05
C CYS B 46 13.47 -5.12 -55.81
N GLY B 47 14.56 -5.55 -55.16
CA GLY B 47 15.61 -6.30 -55.83
C GLY B 47 16.57 -5.46 -56.65
N PHE B 48 17.35 -4.61 -55.98
CA PHE B 48 18.42 -3.88 -56.64
C PHE B 48 19.56 -3.64 -55.65
N LYS B 49 20.72 -3.28 -56.20
CA LYS B 49 21.90 -2.95 -55.42
C LYS B 49 21.99 -1.44 -55.23
N TYR B 50 22.48 -1.01 -54.06
CA TYR B 50 22.42 0.39 -53.69
C TYR B 50 23.73 0.88 -53.07
N LYS B 51 23.99 2.18 -53.23
CA LYS B 51 25.12 2.89 -52.65
C LYS B 51 24.63 4.12 -51.91
N LEU B 52 25.15 4.34 -50.71
CA LEU B 52 24.71 5.43 -49.86
C LEU B 52 25.69 6.60 -49.94
N THR B 53 25.17 7.80 -50.15
CA THR B 53 25.96 9.01 -50.30
C THR B 53 25.34 10.11 -49.45
N ILE B 54 26.18 11.04 -48.98
CA ILE B 54 25.76 12.09 -48.07
C ILE B 54 25.56 13.37 -48.88
N VAL B 55 24.42 14.04 -48.67
CA VAL B 55 24.14 15.27 -49.39
C VAL B 55 25.20 16.30 -49.07
N GLY B 56 25.67 16.99 -50.11
CA GLY B 56 26.91 17.76 -49.99
C GLY B 56 26.79 18.93 -49.02
N ASP B 57 25.70 19.68 -49.08
CA ASP B 57 25.54 20.84 -48.22
C ASP B 57 24.84 20.54 -46.89
N GLY B 58 24.31 19.33 -46.72
CA GLY B 58 23.68 18.97 -45.47
C GLY B 58 22.40 19.72 -45.15
N LYS B 59 21.62 20.09 -46.16
CA LYS B 59 20.39 20.84 -45.95
C LYS B 59 19.23 20.17 -46.68
N TYR B 60 18.08 20.09 -46.00
CA TYR B 60 16.88 19.62 -46.67
C TYR B 60 16.47 20.59 -47.77
N GLY B 61 16.36 21.87 -47.44
CA GLY B 61 16.39 22.94 -48.41
C GLY B 61 15.03 23.45 -48.82
N ALA B 62 15.08 24.58 -49.53
CA ALA B 62 13.93 25.24 -50.14
C ALA B 62 14.44 26.10 -51.29
N ARG B 63 13.56 26.41 -52.23
CA ARG B 63 13.97 27.20 -53.39
C ARG B 63 14.27 28.63 -52.96
N ASP B 64 15.45 29.12 -53.33
CA ASP B 64 15.86 30.47 -52.95
C ASP B 64 15.01 31.51 -53.66
N ALA B 65 14.72 32.59 -52.96
CA ALA B 65 13.81 33.62 -53.47
C ALA B 65 14.44 34.37 -54.65
N ASP B 66 13.64 34.57 -55.70
CA ASP B 66 14.01 35.34 -56.87
C ASP B 66 15.13 34.72 -57.70
N THR B 67 15.72 33.62 -57.21
CA THR B 67 16.64 32.87 -58.04
C THR B 67 16.00 31.57 -58.51
N LYS B 68 15.10 31.01 -57.71
CA LYS B 68 14.36 29.81 -58.06
C LYS B 68 15.29 28.63 -58.33
N ILE B 69 16.34 28.52 -57.51
CA ILE B 69 17.28 27.40 -57.57
C ILE B 69 17.12 26.59 -56.30
N TRP B 70 16.90 25.29 -56.44
CA TRP B 70 16.82 24.39 -55.29
C TRP B 70 18.21 24.05 -54.78
N ASN B 71 18.35 24.04 -53.46
CA ASN B 71 19.58 23.63 -52.80
C ASN B 71 19.56 22.11 -52.57
N GLY B 72 20.40 21.61 -51.67
CA GLY B 72 20.93 20.27 -51.77
C GLY B 72 20.02 19.08 -51.91
N MET B 73 19.14 18.77 -50.97
CA MET B 73 18.44 17.49 -51.05
C MET B 73 17.43 17.48 -52.19
N VAL B 74 16.63 18.53 -52.30
CA VAL B 74 15.69 18.65 -53.41
C VAL B 74 16.45 18.78 -54.74
N GLY B 75 17.54 19.54 -54.73
CA GLY B 75 18.34 19.67 -55.94
C GLY B 75 18.89 18.37 -56.47
N GLU B 76 19.36 17.50 -55.57
CA GLU B 76 19.89 16.20 -56.00
C GLU B 76 18.85 15.39 -56.77
N LEU B 77 17.60 15.42 -56.33
CA LEU B 77 16.53 14.75 -57.06
C LEU B 77 16.16 15.48 -58.34
N VAL B 78 15.92 16.80 -58.24
CA VAL B 78 15.43 17.56 -59.40
C VAL B 78 16.44 17.59 -60.52
N TYR B 79 17.73 17.78 -60.20
CA TYR B 79 18.77 17.87 -61.21
C TYR B 79 19.37 16.52 -61.60
N GLY B 80 18.81 15.41 -61.10
CA GLY B 80 19.23 14.11 -61.55
C GLY B 80 20.60 13.67 -61.08
N LYS B 81 21.02 14.12 -59.90
CA LYS B 81 22.29 13.68 -59.33
C LYS B 81 22.14 12.46 -58.44
N ALA B 82 20.92 12.04 -58.14
CA ALA B 82 20.67 10.84 -57.35
C ALA B 82 19.43 10.14 -57.89
N ASP B 83 19.31 8.85 -57.54
CA ASP B 83 18.18 8.05 -57.99
C ASP B 83 17.00 8.11 -57.04
N ILE B 84 17.25 8.26 -55.74
CA ILE B 84 16.21 8.20 -54.72
C ILE B 84 16.73 8.92 -53.49
N ALA B 85 15.82 9.42 -52.67
CA ALA B 85 16.18 9.98 -51.36
C ALA B 85 15.45 9.22 -50.27
N ILE B 86 16.20 8.82 -49.24
CA ILE B 86 15.63 8.13 -48.09
C ILE B 86 16.17 8.82 -46.85
N ALA B 87 15.37 9.70 -46.26
CA ALA B 87 15.79 10.51 -45.13
C ALA B 87 14.54 11.02 -44.43
N PRO B 88 14.65 11.51 -43.19
CA PRO B 88 13.49 12.18 -42.60
C PRO B 88 13.20 13.49 -43.31
N LEU B 89 12.18 13.45 -44.16
CA LEU B 89 11.87 14.55 -45.07
C LEU B 89 10.36 14.67 -45.16
N THR B 90 9.85 15.88 -44.97
CA THR B 90 8.42 16.11 -44.75
C THR B 90 7.72 16.42 -46.06
N ILE B 91 6.53 15.83 -46.24
CA ILE B 91 5.72 16.09 -47.42
C ILE B 91 5.12 17.49 -47.33
N THR B 92 5.34 18.28 -48.37
CA THR B 92 4.81 19.64 -48.45
C THR B 92 4.38 19.90 -49.89
N LEU B 93 3.45 20.83 -50.07
CA LEU B 93 2.90 21.08 -51.40
C LEU B 93 3.95 21.58 -52.37
N VAL B 94 4.83 22.47 -51.91
CA VAL B 94 5.86 23.04 -52.80
C VAL B 94 6.79 21.97 -53.34
N ARG B 95 7.10 20.95 -52.53
CA ARG B 95 7.89 19.82 -53.03
C ARG B 95 7.07 18.92 -53.95
N GLU B 96 5.81 18.65 -53.61
CA GLU B 96 4.96 17.84 -54.47
C GLU B 96 4.85 18.40 -55.89
N GLU B 97 5.00 19.71 -56.06
CA GLU B 97 4.95 20.29 -57.39
C GLU B 97 6.02 19.71 -58.32
N VAL B 98 7.12 19.20 -57.79
CA VAL B 98 8.27 18.84 -58.62
C VAL B 98 8.80 17.43 -58.38
N ILE B 99 8.49 16.78 -57.26
CA ILE B 99 8.96 15.43 -57.00
C ILE B 99 7.83 14.59 -56.44
N ASP B 100 7.92 13.28 -56.64
CA ASP B 100 6.87 12.34 -56.31
C ASP B 100 7.18 11.63 -55.00
N PHE B 101 6.24 11.67 -54.05
CA PHE B 101 6.42 11.11 -52.73
C PHE B 101 5.55 9.87 -52.57
N SER B 102 6.10 8.85 -51.93
CA SER B 102 5.33 7.67 -51.55
C SER B 102 4.33 8.04 -50.45
N LYS B 103 3.49 7.07 -50.10
CA LYS B 103 2.65 7.20 -48.93
C LYS B 103 3.52 7.35 -47.68
N PRO B 104 3.06 8.12 -46.70
CA PRO B 104 3.92 8.42 -45.54
C PRO B 104 4.15 7.19 -44.67
N PHE B 105 5.35 7.15 -44.09
CA PHE B 105 5.73 6.06 -43.20
C PHE B 105 5.78 6.43 -41.72
N MET B 106 5.72 7.71 -41.37
CA MET B 106 5.70 8.11 -39.97
C MET B 106 4.97 9.43 -39.84
N SER B 107 4.35 9.66 -38.68
CA SER B 107 3.56 10.84 -38.40
C SER B 107 4.10 11.61 -37.20
N LEU B 108 4.08 12.94 -37.29
CA LEU B 108 4.88 13.80 -36.43
C LEU B 108 4.20 15.17 -36.35
N GLY B 109 4.45 15.89 -35.26
CA GLY B 109 4.05 17.28 -35.16
C GLY B 109 5.13 18.14 -34.53
N ILE B 110 4.81 19.43 -34.38
CA ILE B 110 5.76 20.44 -33.94
C ILE B 110 5.57 20.71 -32.45
N SER B 111 6.68 20.75 -31.71
CA SER B 111 6.67 20.64 -30.26
C SER B 111 7.76 21.51 -29.68
N ILE B 112 7.55 21.95 -28.44
CA ILE B 112 8.43 22.89 -27.76
C ILE B 112 9.36 22.12 -26.82
N MET B 113 10.65 22.44 -26.87
CA MET B 113 11.64 21.89 -25.95
C MET B 113 12.08 22.95 -24.95
N ILE B 114 12.12 22.57 -23.67
CA ILE B 114 12.43 23.44 -22.55
C ILE B 114 13.37 22.71 -21.60
N LYS B 115 14.12 23.47 -20.82
CA LYS B 115 15.10 22.89 -19.90
C LYS B 115 14.46 22.83 -18.52
N LYS B 116 14.37 21.62 -17.98
CA LYS B 116 13.43 21.31 -16.91
C LYS B 116 13.90 21.91 -15.59
N PRO B 117 12.98 22.47 -14.80
CA PRO B 117 13.33 22.92 -13.46
C PRO B 117 13.46 21.75 -12.50
N GLN B 118 14.43 21.84 -11.59
CA GLN B 118 14.56 20.83 -10.54
C GLN B 118 13.35 20.86 -9.62
N LYS B 119 12.96 19.67 -9.16
CA LYS B 119 11.79 19.54 -8.32
C LYS B 119 11.94 20.31 -7.01
N SER B 120 10.92 21.08 -6.67
CA SER B 120 11.00 22.04 -5.56
C SER B 120 10.71 21.38 -4.23
N LYS B 121 11.36 21.90 -3.18
CA LYS B 121 11.08 21.50 -1.82
C LYS B 121 9.65 21.90 -1.44
N PRO B 122 9.01 21.13 -0.57
CA PRO B 122 7.69 21.55 -0.06
C PRO B 122 7.81 22.76 0.85
N GLY B 123 6.71 23.50 0.96
CA GLY B 123 6.72 24.78 1.63
C GLY B 123 6.94 24.69 3.13
N VAL B 124 7.07 25.87 3.74
CA VAL B 124 7.27 25.95 5.18
C VAL B 124 6.01 25.52 5.92
N PHE B 125 4.85 26.06 5.53
CA PHE B 125 3.59 25.74 6.21
C PHE B 125 2.91 24.53 5.60
N SER B 126 3.66 23.43 5.48
CA SER B 126 3.12 22.23 4.85
C SER B 126 2.15 21.50 5.76
N PHE B 127 2.31 21.58 7.07
CA PHE B 127 1.47 20.79 7.97
C PHE B 127 -0.01 21.08 7.79
N LEU B 128 -0.38 22.31 7.44
CA LEU B 128 -1.80 22.60 7.23
C LEU B 128 -2.35 22.01 5.94
N ASP B 129 -1.50 21.54 5.04
CA ASP B 129 -1.90 21.11 3.71
C ASP B 129 -2.98 20.03 3.60
N PRO B 130 -3.00 18.99 4.44
CA PRO B 130 -3.95 17.89 4.22
C PRO B 130 -5.41 18.27 4.25
N LEU B 131 -5.78 19.48 4.66
CA LEU B 131 -7.16 19.92 4.67
C LEU B 131 -7.30 21.21 3.88
N ALA B 132 -8.40 21.33 3.14
CA ALA B 132 -8.66 22.51 2.33
C ALA B 132 -8.95 23.75 3.20
N TYR B 133 -8.75 24.92 2.60
CA TYR B 133 -8.88 26.19 3.29
C TYR B 133 -10.27 26.41 3.88
N GLU B 134 -11.32 26.01 3.15
CA GLU B 134 -12.68 26.17 3.65
C GLU B 134 -12.92 25.37 4.91
N ILE B 135 -12.24 24.23 5.07
CA ILE B 135 -12.35 23.48 6.31
C ILE B 135 -11.78 24.27 7.47
N TRP B 136 -10.60 24.88 7.29
CA TRP B 136 -10.03 25.64 8.39
C TRP B 136 -10.85 26.87 8.76
N MET B 137 -11.51 27.50 7.79
CA MET B 137 -12.49 28.53 8.13
C MET B 137 -13.67 27.98 8.94
N CYS B 138 -14.25 26.88 8.47
CA CYS B 138 -15.42 26.37 9.17
C CYS B 138 -15.08 25.85 10.56
N ILE B 139 -13.88 25.30 10.75
CA ILE B 139 -13.40 24.93 12.08
C ILE B 139 -13.30 26.14 12.99
N VAL B 140 -12.77 27.27 12.48
CA VAL B 140 -12.71 28.46 13.33
C VAL B 140 -14.10 28.95 13.72
N PHE B 141 -15.03 29.00 12.77
CA PHE B 141 -16.38 29.45 13.11
C PHE B 141 -17.10 28.50 14.06
N ALA B 142 -16.89 27.19 13.93
CA ALA B 142 -17.47 26.25 14.88
C ALA B 142 -16.92 26.44 16.28
N TYR B 143 -15.61 26.67 16.41
CA TYR B 143 -15.02 26.94 17.71
C TYR B 143 -15.62 28.18 18.37
N ILE B 144 -15.78 29.26 17.62
CA ILE B 144 -16.44 30.45 18.18
C ILE B 144 -17.88 30.16 18.59
N GLY B 145 -18.62 29.44 17.75
CA GLY B 145 -20.01 29.17 18.08
C GLY B 145 -20.19 28.34 19.33
N VAL B 146 -19.43 27.25 19.44
CA VAL B 146 -19.53 26.41 20.63
C VAL B 146 -19.15 27.20 21.88
N SER B 147 -18.10 28.01 21.80
CA SER B 147 -17.65 28.73 22.98
C SER B 147 -18.71 29.70 23.50
N VAL B 148 -19.32 30.48 22.60
CA VAL B 148 -20.33 31.42 23.06
C VAL B 148 -21.63 30.74 23.48
N VAL B 149 -22.06 29.68 22.79
CA VAL B 149 -23.26 28.99 23.24
C VAL B 149 -23.09 28.38 24.62
N LEU B 150 -21.92 27.78 24.88
CA LEU B 150 -21.66 27.20 26.20
C LEU B 150 -21.57 28.27 27.29
N PHE B 151 -21.11 29.48 26.97
CA PHE B 151 -21.24 30.56 27.95
C PHE B 151 -22.68 30.96 28.18
N LEU B 152 -23.48 31.12 27.13
CA LEU B 152 -24.87 31.51 27.29
C LEU B 152 -25.70 30.51 28.08
N VAL B 153 -25.42 29.21 27.92
CA VAL B 153 -26.24 28.22 28.62
C VAL B 153 -25.96 28.20 30.12
N SER B 154 -24.70 28.28 30.51
CA SER B 154 -24.42 28.53 31.91
C SER B 154 -24.85 29.94 32.27
N ARG B 155 -24.78 30.28 33.55
CA ARG B 155 -25.01 31.64 34.01
C ARG B 155 -26.39 32.15 33.59
N PHE B 156 -27.43 31.45 34.07
CA PHE B 156 -28.80 31.67 33.65
C PHE B 156 -29.69 32.28 34.73
N SER B 157 -29.11 32.78 35.82
CA SER B 157 -29.82 33.55 36.83
C SER B 157 -31.09 32.87 37.35
N PRO B 158 -30.97 31.73 38.03
CA PRO B 158 -32.16 31.02 38.48
C PRO B 158 -32.88 31.77 39.58
N TYR B 159 -34.20 31.58 39.65
CA TYR B 159 -34.98 32.06 40.78
C TYR B 159 -34.77 31.15 41.98
N SER B 160 -28.33 33.28 45.55
CA SER B 160 -27.79 33.66 44.24
C SER B 160 -26.86 32.58 43.70
N GLU B 161 -27.06 32.21 42.45
CA GLU B 161 -26.24 31.19 41.81
C GLU B 161 -24.91 31.78 41.37
N SER B 162 -23.82 31.08 41.70
CA SER B 162 -22.51 31.41 41.16
C SER B 162 -21.65 30.19 40.88
N THR B 163 -22.21 28.97 40.96
CA THR B 163 -21.39 27.76 40.94
C THR B 163 -20.83 27.46 39.56
N ASN B 164 -21.51 27.89 38.50
CA ASN B 164 -21.05 27.65 37.14
C ASN B 164 -19.88 28.58 36.86
N GLU B 165 -18.67 28.04 36.94
CA GLU B 165 -17.43 28.80 36.81
C GLU B 165 -17.17 29.23 35.37
N PHE B 166 -18.02 28.81 34.43
CA PHE B 166 -17.80 29.05 33.00
C PHE B 166 -18.15 30.47 32.58
N GLY B 167 -17.33 31.41 33.04
CA GLY B 167 -17.26 32.70 32.38
C GLY B 167 -16.78 32.54 30.96
N ILE B 168 -16.79 33.64 30.22
CA ILE B 168 -16.49 33.55 28.79
C ILE B 168 -15.05 33.09 28.55
N PHE B 169 -14.10 33.61 29.34
CA PHE B 169 -12.70 33.27 29.13
C PHE B 169 -12.42 31.82 29.51
N ASN B 170 -13.06 31.32 30.57
CA ASN B 170 -12.90 29.91 30.92
C ASN B 170 -13.62 28.97 29.95
N SER B 171 -14.76 29.39 29.40
CA SER B 171 -15.41 28.58 28.38
C SER B 171 -14.58 28.47 27.11
N LEU B 172 -13.94 29.57 26.72
CA LEU B 172 -13.08 29.59 25.55
C LEU B 172 -11.85 28.71 25.75
N TRP B 173 -11.31 28.69 26.97
CA TRP B 173 -10.20 27.80 27.26
C TRP B 173 -10.63 26.33 27.32
N PHE B 174 -11.77 26.04 27.95
CA PHE B 174 -12.27 24.66 27.95
C PHE B 174 -12.44 24.12 26.53
N SER B 175 -13.03 24.93 25.63
CA SER B 175 -13.21 24.47 24.24
C SER B 175 -11.87 24.24 23.55
N LEU B 176 -10.87 25.07 23.85
CA LEU B 176 -9.57 24.86 23.22
C LEU B 176 -8.91 23.60 23.73
N GLY B 177 -8.92 23.40 25.04
CA GLY B 177 -8.35 22.19 25.61
C GLY B 177 -9.00 20.94 25.07
N ALA B 178 -10.33 20.95 24.96
CA ALA B 178 -11.05 19.81 24.39
C ALA B 178 -10.63 19.51 22.96
N PHE B 179 -10.42 20.53 22.12
CA PHE B 179 -10.03 20.23 20.74
C PHE B 179 -8.62 19.68 20.62
N MET B 180 -7.68 20.18 21.41
CA MET B 180 -6.30 19.68 21.31
C MET B 180 -6.12 18.29 21.90
N GLN B 181 -7.19 17.66 22.37
CA GLN B 181 -7.12 16.36 23.05
C GLN B 181 -6.21 16.43 24.28
N GLN B 182 -6.44 17.45 25.10
CA GLN B 182 -5.78 17.64 26.38
C GLN B 182 -6.81 17.75 27.48
N GLY B 183 -6.45 17.29 28.68
CA GLY B 183 -7.35 17.35 29.79
C GLY B 183 -7.56 18.77 30.30
N CYS B 184 -8.66 18.95 31.03
CA CYS B 184 -9.01 20.24 31.61
C CYS B 184 -9.54 20.04 33.02
N ASP B 185 -9.52 21.12 33.80
CA ASP B 185 -9.79 21.09 35.23
C ASP B 185 -11.26 21.33 35.60
N ILE B 186 -12.14 21.64 34.66
CA ILE B 186 -13.55 21.86 34.96
C ILE B 186 -14.42 21.22 33.90
N SER B 187 -15.67 20.95 34.26
CA SER B 187 -16.63 20.25 33.41
C SER B 187 -18.01 20.83 33.65
N PRO B 188 -18.94 20.66 32.70
CA PRO B 188 -20.18 21.46 32.75
C PRO B 188 -21.08 21.22 33.95
N ARG B 189 -21.30 19.97 34.37
CA ARG B 189 -22.06 19.65 35.58
C ARG B 189 -23.51 20.17 35.56
N SER B 190 -24.09 20.37 34.37
CA SER B 190 -25.53 20.62 34.25
C SER B 190 -25.97 20.09 32.90
N LEU B 191 -27.27 19.79 32.78
CA LEU B 191 -27.73 18.94 31.68
C LEU B 191 -27.43 19.53 30.31
N SER B 192 -27.77 20.80 30.12
CA SER B 192 -27.55 21.43 28.83
C SER B 192 -26.06 21.55 28.52
N GLY B 193 -25.26 21.90 29.53
CA GLY B 193 -23.83 21.94 29.33
C GLY B 193 -23.25 20.59 28.97
N ARG B 194 -23.77 19.53 29.57
CA ARG B 194 -23.31 18.19 29.21
C ARG B 194 -23.67 17.82 27.78
N ILE B 195 -24.80 18.31 27.27
CA ILE B 195 -25.12 18.08 25.86
C ILE B 195 -24.10 18.78 24.96
N VAL B 196 -23.83 20.06 25.23
CA VAL B 196 -22.89 20.81 24.40
C VAL B 196 -21.51 20.16 24.43
N GLY B 197 -21.05 19.77 25.62
CA GLY B 197 -19.78 19.08 25.72
C GLY B 197 -19.72 17.81 24.91
N GLY B 198 -20.73 16.95 25.03
CA GLY B 198 -20.68 15.68 24.33
C GLY B 198 -20.66 15.84 22.82
N VAL B 199 -21.41 16.82 22.31
CA VAL B 199 -21.40 17.07 20.86
C VAL B 199 -20.04 17.59 20.38
N TRP B 200 -19.43 18.51 21.15
CA TRP B 200 -18.10 18.96 20.75
C TRP B 200 -17.05 17.85 20.83
N TRP B 201 -17.18 16.93 21.77
CA TRP B 201 -16.26 15.78 21.81
C TRP B 201 -16.42 14.86 20.62
N PHE B 202 -17.65 14.65 20.16
CA PHE B 202 -17.81 13.81 18.96
C PHE B 202 -17.25 14.49 17.72
N PHE B 203 -17.52 15.79 17.55
CA PHE B 203 -16.95 16.52 16.41
C PHE B 203 -15.43 16.43 16.41
N THR B 204 -14.82 16.63 17.57
CA THR B 204 -13.36 16.49 17.68
C THR B 204 -12.90 15.10 17.29
N LEU B 205 -13.62 14.08 17.74
CA LEU B 205 -13.22 12.68 17.45
C LEU B 205 -13.01 12.52 15.94
N ILE B 206 -13.94 13.03 15.13
CA ILE B 206 -13.86 12.85 13.65
C ILE B 206 -12.70 13.69 13.08
N ILE B 207 -12.76 15.01 13.26
CA ILE B 207 -11.72 15.93 12.68
C ILE B 207 -10.32 15.32 12.81
N ILE B 208 -9.83 15.15 14.03
CA ILE B 208 -8.44 14.66 14.24
C ILE B 208 -8.24 13.33 13.48
N SER B 209 -9.14 12.36 13.68
CA SER B 209 -8.96 11.02 13.06
C SER B 209 -8.89 11.10 11.53
N SER B 210 -9.06 12.28 10.93
CA SER B 210 -9.09 12.33 9.45
C SER B 210 -7.99 13.29 8.98
N TYR B 211 -7.13 13.73 9.90
CA TYR B 211 -6.00 14.61 9.54
C TYR B 211 -4.74 13.86 9.88
N THR B 212 -4.83 12.92 10.83
CA THR B 212 -3.67 12.13 11.24
C THR B 212 -3.61 10.85 10.46
N ALA B 213 -4.52 10.66 9.50
CA ALA B 213 -4.50 9.47 8.62
C ALA B 213 -3.23 9.52 7.78
N ASN B 214 -3.09 10.53 6.94
CA ASN B 214 -1.84 10.71 6.14
C ASN B 214 -1.26 12.10 6.40
N LEU B 215 -0.26 12.19 7.27
CA LEU B 215 0.39 13.50 7.55
C LEU B 215 1.83 13.46 7.04
N ALA B 216 2.45 12.28 6.91
CA ALA B 216 3.84 12.21 6.51
C ALA B 216 4.01 12.26 4.99
N ALA B 217 3.08 11.66 4.25
CA ALA B 217 3.11 11.73 2.79
C ALA B 217 2.97 13.17 2.28
N PHE B 218 2.17 13.98 2.95
CA PHE B 218 2.06 15.39 2.57
C PHE B 218 3.30 16.19 2.93
N LEU B 219 4.02 15.82 3.98
CA LEU B 219 5.31 16.46 4.24
C LEU B 219 6.35 16.11 3.17
N THR B 220 6.19 15.01 2.45
CA THR B 220 7.20 14.58 1.48
C THR B 220 6.67 14.50 0.05
N VAL B 221 6.00 15.56 -0.43
CA VAL B 221 5.41 15.53 -1.76
C VAL B 221 6.44 15.51 -2.88
N GLU B 222 7.62 16.09 -2.64
CA GLU B 222 8.80 15.98 -3.50
C GLU B 222 8.79 16.73 -4.83
N ARG B 223 7.65 17.25 -5.30
CA ARG B 223 7.67 17.85 -6.63
C ARG B 223 6.44 18.72 -6.86
N MET B 224 6.65 19.76 -7.67
CA MET B 224 5.60 20.69 -8.08
C MET B 224 6.18 21.60 -9.16
N VAL B 225 5.28 22.38 -9.78
CA VAL B 225 5.62 23.55 -10.61
C VAL B 225 6.19 23.17 -11.97
N SER B 226 5.82 23.94 -12.98
CA SER B 226 6.45 23.98 -14.30
C SER B 226 6.36 25.42 -14.80
N PRO B 227 7.31 25.86 -15.63
CA PRO B 227 7.30 27.29 -16.01
C PRO B 227 6.18 27.66 -16.98
N ILE B 228 5.98 26.88 -18.05
CA ILE B 228 4.94 27.16 -19.05
C ILE B 228 4.40 25.84 -19.56
N GLU B 229 3.14 25.85 -19.99
CA GLU B 229 2.54 24.65 -20.57
C GLU B 229 1.67 24.97 -21.77
N SER B 230 1.14 26.20 -21.83
CA SER B 230 0.07 26.51 -22.78
C SER B 230 0.52 26.53 -24.23
N ALA B 231 1.83 26.61 -24.49
CA ALA B 231 2.38 26.77 -25.84
C ALA B 231 1.91 28.06 -26.49
N GLU B 232 1.16 28.87 -25.73
CA GLU B 232 0.73 30.17 -26.23
C GLU B 232 1.41 31.31 -25.47
N ASP B 233 1.81 31.04 -24.23
CA ASP B 233 2.38 32.10 -23.39
C ASP B 233 3.64 32.69 -23.99
N LEU B 234 4.41 31.90 -24.74
CA LEU B 234 5.54 32.44 -25.49
C LEU B 234 5.12 33.57 -26.42
N SER B 235 3.89 33.54 -26.93
CA SER B 235 3.39 34.68 -27.69
C SER B 235 3.21 35.92 -26.84
N LYS B 236 2.87 35.76 -25.56
CA LYS B 236 2.52 36.90 -24.72
C LYS B 236 3.72 37.58 -24.06
N GLN B 237 4.91 37.00 -24.11
CA GLN B 237 6.02 37.55 -23.34
C GLN B 237 7.29 37.58 -24.18
N THR B 238 8.22 38.42 -23.76
CA THR B 238 9.54 38.54 -24.37
C THR B 238 10.66 38.10 -23.42
N GLU B 239 10.32 37.66 -22.21
CA GLU B 239 11.34 37.22 -21.26
C GLU B 239 12.08 35.98 -21.74
N ILE B 240 11.40 35.10 -22.48
CA ILE B 240 11.99 33.86 -22.98
C ILE B 240 11.99 33.90 -24.50
N ALA B 241 13.14 33.60 -25.10
CA ALA B 241 13.28 33.60 -26.54
C ALA B 241 13.15 32.18 -27.10
N TYR B 242 12.64 32.09 -28.32
CA TYR B 242 12.34 30.81 -28.94
C TYR B 242 12.71 30.88 -30.42
N GLY B 243 13.18 29.76 -30.94
CA GLY B 243 13.87 29.75 -32.22
C GLY B 243 13.69 28.44 -32.95
N THR B 244 13.78 28.50 -34.27
CA THR B 244 13.57 27.36 -35.14
C THR B 244 14.83 27.07 -35.96
N LEU B 245 14.94 25.83 -36.43
CA LEU B 245 15.96 25.47 -37.41
C LEU B 245 15.89 26.39 -38.62
N ASP B 246 17.05 26.67 -39.20
CA ASP B 246 17.14 27.42 -40.43
C ASP B 246 16.83 26.53 -41.63
N SER B 247 16.18 27.12 -42.63
CA SER B 247 15.86 26.45 -43.89
C SER B 247 14.93 25.25 -43.74
N GLY B 248 14.53 24.93 -42.51
CA GLY B 248 13.64 23.82 -42.30
C GLY B 248 12.20 24.12 -42.66
N SER B 249 11.42 23.05 -42.80
CA SER B 249 10.01 23.18 -43.12
C SER B 249 9.24 23.94 -42.04
N THR B 250 9.67 23.82 -40.78
CA THR B 250 9.05 24.59 -39.70
C THR B 250 9.11 26.09 -39.96
N LYS B 251 10.24 26.58 -40.47
CA LYS B 251 10.36 28.00 -40.76
C LYS B 251 9.39 28.43 -41.85
N GLU B 252 9.28 27.63 -42.91
CA GLU B 252 8.30 27.93 -43.95
C GLU B 252 6.88 27.87 -43.42
N PHE B 253 6.59 26.90 -42.54
CA PHE B 253 5.26 26.83 -41.93
C PHE B 253 4.91 28.11 -41.19
N PHE B 254 5.81 28.60 -40.34
CA PHE B 254 5.55 29.85 -39.65
C PHE B 254 5.44 31.04 -40.60
N ARG B 255 6.26 31.07 -41.66
CA ARG B 255 6.15 32.16 -42.63
C ARG B 255 4.81 32.15 -43.35
N ARG B 256 4.36 30.98 -43.78
CA ARG B 256 3.13 30.87 -44.57
C ARG B 256 1.88 31.09 -43.73
N SER B 257 1.92 30.73 -42.45
CA SER B 257 0.72 30.67 -41.62
C SER B 257 0.05 32.03 -41.50
N LYS B 258 -1.27 32.03 -41.54
CA LYS B 258 -2.09 33.22 -41.29
C LYS B 258 -2.90 33.11 -40.01
N ILE B 259 -2.56 32.14 -39.16
CA ILE B 259 -3.12 32.10 -37.82
C ILE B 259 -2.50 33.20 -36.98
N ALA B 260 -3.34 33.94 -36.25
CA ALA B 260 -2.88 35.18 -35.61
C ALA B 260 -1.74 34.93 -34.63
N VAL B 261 -1.86 33.91 -33.79
CA VAL B 261 -0.79 33.61 -32.84
C VAL B 261 0.51 33.23 -33.55
N PHE B 262 0.41 32.43 -34.62
CA PHE B 262 1.61 32.07 -35.36
C PHE B 262 2.18 33.26 -36.12
N ASP B 263 1.31 34.13 -36.64
CA ASP B 263 1.80 35.34 -37.31
C ASP B 263 2.52 36.28 -36.34
N LYS B 264 2.02 36.37 -35.10
CA LYS B 264 2.72 37.11 -34.05
C LYS B 264 4.06 36.49 -33.69
N MET B 265 4.10 35.17 -33.54
CA MET B 265 5.37 34.50 -33.27
C MET B 265 6.38 34.69 -34.40
N TRP B 266 5.92 34.60 -35.66
CA TRP B 266 6.81 34.91 -36.77
C TRP B 266 7.30 36.35 -36.74
N THR B 267 6.40 37.29 -36.49
CA THR B 267 6.78 38.70 -36.42
C THR B 267 7.82 38.95 -35.33
N TYR B 268 7.71 38.25 -34.20
CA TYR B 268 8.80 38.28 -33.23
C TYR B 268 10.07 37.67 -33.81
N MET B 269 9.98 36.48 -34.39
CA MET B 269 11.16 35.83 -34.95
C MET B 269 11.74 36.62 -36.12
N ARG B 270 10.90 37.37 -36.83
CA ARG B 270 11.34 38.18 -37.95
C ARG B 270 12.10 39.43 -37.51
N SER B 271 12.04 39.79 -36.23
CA SER B 271 12.61 41.05 -35.76
C SER B 271 13.51 40.95 -34.55
N ALA B 272 13.38 39.91 -33.72
CA ALA B 272 14.22 39.80 -32.53
C ALA B 272 15.67 39.53 -32.91
N GLU B 273 16.59 40.07 -32.10
CA GLU B 273 18.01 39.90 -32.32
C GLU B 273 18.70 39.71 -30.98
N PRO B 274 19.84 39.01 -30.93
CA PRO B 274 20.57 38.35 -32.04
C PRO B 274 19.82 37.15 -32.61
N SER B 275 20.27 36.63 -33.74
CA SER B 275 19.52 35.62 -34.48
C SER B 275 19.19 34.42 -33.60
N VAL B 276 17.91 34.02 -33.63
CA VAL B 276 17.48 32.87 -32.85
C VAL B 276 17.64 31.56 -33.59
N PHE B 277 17.89 31.61 -34.90
CA PHE B 277 17.98 30.39 -35.68
C PHE B 277 19.34 29.72 -35.49
N VAL B 278 19.40 28.44 -35.86
CA VAL B 278 20.60 27.64 -35.73
C VAL B 278 20.79 26.83 -37.01
N ARG B 279 22.04 26.46 -37.29
CA ARG B 279 22.35 25.77 -38.52
C ARG B 279 22.07 24.28 -38.46
N THR B 280 22.07 23.69 -37.27
CA THR B 280 21.74 22.28 -37.10
C THR B 280 20.94 22.10 -35.80
N THR B 281 20.27 20.95 -35.71
CA THR B 281 19.51 20.63 -34.51
C THR B 281 20.40 20.55 -33.27
N ALA B 282 21.56 19.91 -33.41
CA ALA B 282 22.46 19.74 -32.26
C ALA B 282 22.90 21.09 -31.69
N GLU B 283 23.10 22.08 -32.56
CA GLU B 283 23.41 23.42 -32.10
C GLU B 283 22.26 24.02 -31.30
N GLY B 284 21.02 23.77 -31.73
CA GLY B 284 19.87 24.24 -30.99
C GLY B 284 19.72 23.58 -29.63
N VAL B 285 19.89 22.26 -29.57
CA VAL B 285 19.80 21.55 -28.30
C VAL B 285 20.89 22.00 -27.34
N ALA B 286 22.13 22.13 -27.83
CA ALA B 286 23.20 22.64 -26.98
C ALA B 286 22.92 24.06 -26.50
N ARG B 287 22.40 24.92 -27.37
CA ARG B 287 22.05 26.28 -26.97
C ARG B 287 20.96 26.28 -25.90
N VAL B 288 19.99 25.37 -25.99
CA VAL B 288 18.98 25.24 -24.94
C VAL B 288 19.62 24.81 -23.63
N ARG B 289 20.52 23.83 -23.66
CA ARG B 289 21.19 23.40 -22.44
C ARG B 289 22.01 24.51 -21.80
N LYS B 290 22.75 25.27 -22.61
CA LYS B 290 23.62 26.32 -22.09
C LYS B 290 22.84 27.53 -21.57
N SER B 291 21.70 27.85 -22.17
CA SER B 291 21.04 29.13 -21.92
C SER B 291 20.28 29.16 -20.60
N LYS B 292 20.54 28.21 -19.69
CA LYS B 292 20.00 28.25 -18.34
C LYS B 292 18.47 28.36 -18.32
N GLY B 293 17.82 27.83 -19.34
CA GLY B 293 16.37 27.88 -19.41
C GLY B 293 15.79 29.16 -19.98
N LYS B 294 16.62 30.08 -20.45
CA LYS B 294 16.13 31.33 -21.03
C LYS B 294 15.75 31.19 -22.49
N TYR B 295 16.07 30.07 -23.13
CA TYR B 295 15.83 29.88 -24.57
C TYR B 295 15.15 28.54 -24.81
N ALA B 296 14.17 28.55 -25.72
CA ALA B 296 13.45 27.36 -26.12
C ALA B 296 13.64 27.12 -27.62
N TYR B 297 13.56 25.86 -28.03
CA TYR B 297 13.80 25.46 -29.41
C TYR B 297 12.59 24.68 -29.91
N LEU B 298 12.22 24.92 -31.16
CA LEU B 298 11.05 24.30 -31.77
C LEU B 298 11.48 23.25 -32.80
N LEU B 299 11.04 22.01 -32.58
CA LEU B 299 11.57 20.82 -33.22
C LEU B 299 10.49 19.77 -33.16
N GLU B 300 10.59 18.76 -34.03
CA GLU B 300 9.46 17.91 -34.33
C GLU B 300 9.52 16.65 -33.48
N SER B 301 8.34 16.17 -33.10
CA SER B 301 8.19 15.35 -31.88
C SER B 301 9.08 14.13 -31.85
N THR B 302 9.41 13.55 -33.00
CA THR B 302 10.34 12.43 -33.03
C THR B 302 11.73 12.82 -32.50
N MET B 303 12.19 14.02 -32.83
CA MET B 303 13.42 14.51 -32.23
C MET B 303 13.26 14.73 -30.74
N ASN B 304 12.18 15.40 -30.34
CA ASN B 304 12.01 15.74 -28.93
C ASN B 304 12.01 14.49 -28.07
N GLU B 305 11.20 13.49 -28.46
CA GLU B 305 11.10 12.27 -27.69
C GLU B 305 12.39 11.44 -27.75
N TYR B 306 13.13 11.46 -28.86
CA TYR B 306 14.43 10.81 -28.85
C TYR B 306 15.42 11.47 -27.89
N ILE B 307 15.54 12.81 -27.97
CA ILE B 307 16.46 13.54 -27.10
C ILE B 307 16.08 13.37 -25.63
N GLU B 308 14.78 13.28 -25.33
CA GLU B 308 14.34 13.05 -23.96
C GLU B 308 14.80 11.70 -23.41
N GLN B 309 14.95 10.68 -24.26
CA GLN B 309 15.46 9.40 -23.76
C GLN B 309 16.94 9.46 -23.39
N ARG B 310 17.72 10.31 -24.03
CA ARG B 310 19.18 10.20 -23.98
C ARG B 310 19.76 11.10 -22.89
N LYS B 311 20.79 10.60 -22.23
CA LYS B 311 21.48 11.34 -21.19
C LYS B 311 21.98 12.68 -21.74
N PRO B 312 22.02 13.74 -20.92
CA PRO B 312 21.76 13.79 -19.48
C PRO B 312 20.29 13.96 -19.09
N CYS B 313 19.39 14.02 -20.06
CA CYS B 313 17.95 14.13 -19.81
C CYS B 313 17.61 15.36 -18.97
N ASP B 314 18.29 16.47 -19.24
CA ASP B 314 17.96 17.76 -18.64
C ASP B 314 17.00 18.59 -19.49
N THR B 315 16.46 18.01 -20.57
CA THR B 315 15.58 18.71 -21.51
C THR B 315 14.31 17.90 -21.72
N MET B 316 13.19 18.59 -21.92
CA MET B 316 11.88 18.03 -21.69
C MET B 316 10.87 18.64 -22.66
N LYS B 317 9.83 17.88 -22.96
CA LYS B 317 8.75 18.34 -23.84
C LYS B 317 7.53 18.79 -23.04
N VAL B 318 6.95 19.91 -23.46
CA VAL B 318 5.70 20.42 -22.89
C VAL B 318 4.74 20.75 -24.02
N GLY B 319 3.45 20.55 -23.76
CA GLY B 319 2.41 20.88 -24.71
C GLY B 319 2.21 19.83 -25.78
N GLY B 320 1.15 20.05 -26.58
CA GLY B 320 0.80 19.14 -27.65
C GLY B 320 1.41 19.54 -28.98
N ASN B 321 1.06 18.76 -30.00
CA ASN B 321 1.51 19.04 -31.36
C ASN B 321 0.70 20.16 -31.99
N LEU B 322 1.40 21.08 -32.66
CA LEU B 322 0.71 22.20 -33.29
C LEU B 322 0.00 21.79 -34.58
N ASP B 323 0.55 20.83 -35.32
CA ASP B 323 -0.13 20.32 -36.51
C ASP B 323 0.42 18.95 -36.85
N SER B 324 -0.19 18.31 -37.85
CA SER B 324 0.10 16.93 -38.22
C SER B 324 0.67 16.85 -39.64
N LYS B 325 1.77 16.12 -39.79
CA LYS B 325 2.49 16.01 -41.06
C LYS B 325 3.07 14.61 -41.17
N GLY B 326 3.29 14.15 -42.39
CA GLY B 326 3.93 12.88 -42.66
C GLY B 326 5.31 12.97 -43.31
N TYR B 327 6.13 11.94 -43.08
CA TYR B 327 7.38 11.73 -43.80
C TYR B 327 7.16 10.70 -44.90
N GLY B 328 7.77 10.92 -46.05
CA GLY B 328 7.62 9.98 -47.16
C GLY B 328 8.88 9.91 -48.00
N ILE B 329 9.10 8.73 -48.59
CA ILE B 329 10.21 8.54 -49.51
C ILE B 329 10.00 9.40 -50.74
N ALA B 330 11.08 9.97 -51.27
CA ALA B 330 11.00 10.85 -52.41
C ALA B 330 11.81 10.30 -53.57
N THR B 331 11.27 10.48 -54.78
CA THR B 331 11.69 9.81 -56.00
C THR B 331 11.47 10.81 -57.13
N PRO B 332 12.18 10.72 -58.23
CA PRO B 332 12.22 11.84 -59.17
C PRO B 332 11.21 11.63 -60.28
N LYS B 333 10.58 12.73 -60.73
CA LYS B 333 9.34 12.65 -61.49
C LYS B 333 9.47 11.76 -62.71
N GLY B 334 8.56 10.79 -62.82
CA GLY B 334 8.51 9.87 -63.93
C GLY B 334 9.47 8.70 -63.86
N SER B 335 10.24 8.57 -62.80
CA SER B 335 11.08 7.39 -62.64
C SER B 335 10.23 6.16 -62.37
N SER B 336 10.68 5.02 -62.88
CA SER B 336 9.92 3.77 -62.77
C SER B 336 9.87 3.24 -61.34
N LEU B 337 10.72 3.74 -60.44
CA LEU B 337 10.77 3.23 -59.07
C LEU B 337 9.53 3.56 -58.26
N GLY B 338 8.74 4.55 -58.68
CA GLY B 338 7.75 5.12 -57.78
C GLY B 338 6.73 4.11 -57.29
N THR B 339 6.12 3.36 -58.21
CA THR B 339 5.11 2.38 -57.83
C THR B 339 5.63 1.17 -57.04
N PRO B 340 6.75 0.54 -57.42
CA PRO B 340 7.23 -0.58 -56.58
C PRO B 340 7.72 -0.13 -55.21
N VAL B 341 8.31 1.06 -55.10
CA VAL B 341 8.68 1.58 -53.80
C VAL B 341 7.45 1.89 -52.96
N ASN B 342 6.44 2.52 -53.56
CA ASN B 342 5.20 2.83 -52.84
C ASN B 342 4.52 1.56 -52.33
N LEU B 343 4.40 0.55 -53.18
CA LEU B 343 3.81 -0.71 -52.75
C LEU B 343 4.67 -1.42 -51.70
N ALA B 344 5.98 -1.26 -51.78
CA ALA B 344 6.86 -1.78 -50.72
C ALA B 344 6.59 -1.09 -49.39
N VAL B 345 6.39 0.22 -49.41
CA VAL B 345 6.09 0.96 -48.18
C VAL B 345 4.78 0.49 -47.57
N LEU B 346 3.75 0.35 -48.40
CA LEU B 346 2.48 -0.19 -47.88
C LEU B 346 2.65 -1.58 -47.29
N LYS B 347 3.32 -2.48 -48.02
CA LYS B 347 3.52 -3.83 -47.53
C LYS B 347 4.28 -3.87 -46.21
N LEU B 348 5.36 -3.10 -46.10
CA LEU B 348 6.11 -3.02 -44.85
C LEU B 348 5.30 -2.44 -43.70
N SER B 349 4.44 -1.46 -43.98
CA SER B 349 3.59 -0.93 -42.92
C SER B 349 2.52 -1.93 -42.49
N GLU B 350 2.01 -2.72 -43.43
CA GLU B 350 1.00 -3.73 -43.07
C GLU B 350 1.62 -4.91 -42.31
N GLN B 351 2.83 -5.33 -42.71
CA GLN B 351 3.53 -6.36 -41.93
C GLN B 351 3.92 -5.88 -40.54
N GLY B 352 4.21 -4.59 -40.37
CA GLY B 352 4.60 -4.08 -39.08
C GLY B 352 6.08 -3.97 -38.83
N VAL B 353 6.91 -4.06 -39.87
CA VAL B 353 8.35 -3.93 -39.72
C VAL B 353 8.71 -2.55 -39.17
N LEU B 354 7.98 -1.52 -39.62
CA LEU B 354 8.26 -0.17 -39.18
C LEU B 354 8.04 0.02 -37.68
N ASP B 355 7.07 -0.68 -37.09
CA ASP B 355 6.92 -0.63 -35.64
C ASP B 355 8.10 -1.28 -34.94
N LYS B 356 8.58 -2.41 -35.46
CA LYS B 356 9.71 -3.08 -34.85
C LYS B 356 10.96 -2.22 -34.88
N LEU B 357 11.25 -1.60 -36.02
CA LEU B 357 12.38 -0.67 -36.11
C LEU B 357 12.18 0.57 -35.24
N LYS B 358 10.95 1.06 -35.12
CA LYS B 358 10.68 2.18 -34.24
C LYS B 358 11.02 1.84 -32.79
N ASN B 359 10.52 0.71 -32.30
CA ASN B 359 10.84 0.28 -30.94
C ASN B 359 12.33 0.08 -30.76
N LYS B 360 12.97 -0.61 -31.71
CA LYS B 360 14.39 -0.92 -31.60
C LYS B 360 15.26 0.34 -31.51
N TRP B 361 15.10 1.28 -32.44
CA TRP B 361 15.94 2.48 -32.40
C TRP B 361 15.54 3.46 -31.30
N TRP B 362 14.25 3.81 -31.18
CA TRP B 362 13.89 4.84 -30.20
C TRP B 362 13.93 4.32 -28.76
N TYR B 363 13.23 3.22 -28.47
CA TYR B 363 12.85 2.95 -27.09
C TYR B 363 13.72 1.93 -26.36
N ASP B 364 14.30 0.96 -27.06
CA ASP B 364 15.19 0.02 -26.40
C ASP B 364 16.44 0.72 -25.85
N LYS B 365 16.93 1.74 -26.56
CA LYS B 365 18.17 2.42 -26.18
C LYS B 365 17.97 3.50 -25.12
N GLY B 366 16.85 3.53 -24.40
CA GLY B 366 16.70 4.49 -23.33
C GLY B 366 17.58 4.15 -22.13
N GLU B 367 18.01 5.20 -21.44
CA GLU B 367 18.93 5.02 -20.30
C GLU B 367 18.57 5.83 -19.07
N CYS B 368 17.76 6.88 -19.15
CA CYS B 368 17.48 7.68 -17.97
C CYS B 368 16.38 7.05 -17.11
N GLY B 369 16.20 7.61 -15.92
CA GLY B 369 15.25 7.10 -14.95
C GLY B 369 13.80 7.20 -15.38
N ALA B 370 13.52 7.91 -16.47
CA ALA B 370 12.17 7.88 -17.04
C ALA B 370 11.79 6.49 -17.53
N LYS B 371 12.79 5.64 -17.80
CA LYS B 371 12.50 4.27 -18.22
C LYS B 371 11.79 3.49 -17.11
N ASP B 372 12.24 3.66 -15.87
CA ASP B 372 11.52 3.12 -14.71
C ASP B 372 12.01 3.83 -13.46
N SER B 373 11.07 4.47 -12.74
CA SER B 373 11.38 5.02 -11.43
C SER B 373 10.22 4.89 -10.44
N GLY B 374 9.33 3.93 -10.63
CA GLY B 374 8.07 3.84 -9.92
C GLY B 374 8.07 3.04 -8.63
N SER B 375 9.22 2.55 -8.16
CA SER B 375 9.23 1.69 -6.99
C SER B 375 8.74 2.42 -5.75
N LYS B 376 9.21 3.65 -5.54
CA LYS B 376 8.74 4.52 -4.45
C LYS B 376 8.75 3.81 -3.10
N GLU B 377 9.88 3.19 -2.78
CA GLU B 377 10.06 2.57 -1.48
C GLU B 377 9.99 3.62 -0.37
N LYS B 378 9.69 3.14 0.84
CA LYS B 378 9.36 4.03 1.96
C LYS B 378 10.46 5.05 2.22
N THR B 379 10.05 6.32 2.31
CA THR B 379 10.99 7.41 2.54
C THR B 379 11.57 7.31 3.95
N SER B 380 12.89 7.19 4.02
CA SER B 380 13.54 7.00 5.31
C SER B 380 13.40 8.24 6.19
N ALA B 381 13.19 8.00 7.47
CA ALA B 381 13.17 9.00 8.53
C ALA B 381 12.31 10.20 8.13
N LEU B 382 12.62 11.37 8.68
CA LEU B 382 11.87 12.59 8.42
C LEU B 382 12.71 13.79 8.82
N SER B 383 13.37 14.43 7.87
CA SER B 383 14.44 15.38 8.19
C SER B 383 13.88 16.70 8.69
N LEU B 384 14.76 17.47 9.35
CA LEU B 384 14.36 18.67 10.06
C LEU B 384 13.76 19.72 9.14
N SER B 385 14.22 19.80 7.89
CA SER B 385 13.66 20.76 6.94
C SER B 385 12.17 20.60 6.79
N ASN B 386 11.65 19.38 6.95
CA ASN B 386 10.22 19.15 6.84
C ASN B 386 9.45 19.71 8.04
N VAL B 387 10.07 19.71 9.23
CA VAL B 387 9.38 20.07 10.47
C VAL B 387 9.68 21.50 10.93
N ALA B 388 10.71 22.14 10.39
CA ALA B 388 11.17 23.42 10.93
C ALA B 388 10.09 24.47 11.05
N GLY B 389 9.10 24.45 10.16
CA GLY B 389 8.00 25.41 10.25
C GLY B 389 7.26 25.44 11.57
N VAL B 390 7.16 24.29 12.24
CA VAL B 390 6.50 24.22 13.55
C VAL B 390 7.32 24.86 14.67
N PHE B 391 8.65 24.83 14.58
CA PHE B 391 9.49 25.49 15.58
C PHE B 391 9.39 27.01 15.53
N TYR B 392 9.25 27.59 14.34
CA TYR B 392 9.12 29.04 14.23
C TYR B 392 7.87 29.59 14.91
N ILE B 393 6.72 28.93 14.76
CA ILE B 393 5.53 29.43 15.44
C ILE B 393 5.62 29.25 16.95
N LEU B 394 6.30 28.21 17.42
CA LEU B 394 6.52 28.05 18.85
C LEU B 394 7.34 29.20 19.42
N VAL B 395 8.48 29.51 18.81
CA VAL B 395 9.31 30.56 19.38
C VAL B 395 8.66 31.94 19.23
N GLY B 396 7.89 32.17 18.15
CA GLY B 396 7.09 33.38 18.09
C GLY B 396 6.06 33.49 19.20
N GLY B 397 5.43 32.37 19.55
CA GLY B 397 4.49 32.40 20.66
C GLY B 397 5.13 32.67 22.01
N LEU B 398 6.32 32.13 22.23
CA LEU B 398 7.04 32.46 23.47
C LEU B 398 7.41 33.94 23.55
N GLY B 399 7.85 34.51 22.43
CA GLY B 399 8.16 35.94 22.43
C GLY B 399 6.96 36.83 22.67
N LEU B 400 5.82 36.47 22.07
CA LEU B 400 4.60 37.23 22.34
C LEU B 400 4.15 37.07 23.79
N ALA B 401 4.26 35.88 24.37
CA ALA B 401 3.90 35.70 25.77
C ALA B 401 4.71 36.61 26.68
N MET B 402 6.02 36.74 26.42
CA MET B 402 6.80 37.67 27.24
C MET B 402 6.41 39.13 27.03
N LEU B 403 6.15 39.54 25.79
CA LEU B 403 5.71 40.91 25.56
C LEU B 403 4.41 41.24 26.28
N VAL B 404 3.42 40.34 26.20
CA VAL B 404 2.15 40.56 26.90
C VAL B 404 2.34 40.61 28.41
N ALA B 405 3.22 39.76 28.95
CA ALA B 405 3.47 39.82 30.38
C ALA B 405 4.08 41.14 30.79
N LEU B 406 5.02 41.66 30.01
CA LEU B 406 5.69 42.89 30.41
C LEU B 406 4.78 44.12 30.31
N ILE B 407 3.92 44.19 29.29
CA ILE B 407 2.96 45.29 29.28
C ILE B 407 1.97 45.17 30.43
N GLU B 408 1.52 43.95 30.76
CA GLU B 408 0.58 43.80 31.87
C GLU B 408 1.21 44.26 33.19
N PHE B 409 2.45 43.85 33.45
CA PHE B 409 3.12 44.27 34.67
C PHE B 409 3.33 45.77 34.72
N CYS B 410 3.88 46.36 33.66
CA CYS B 410 4.19 47.79 33.74
C CYS B 410 2.94 48.65 33.81
N TYR B 411 1.84 48.21 33.19
CA TYR B 411 0.57 48.88 33.39
C TYR B 411 0.08 48.77 34.82
N LYS B 412 0.10 47.56 35.40
CA LYS B 412 -0.37 47.40 36.75
C LYS B 412 0.46 48.17 37.79
N SER B 413 1.75 48.38 37.52
CA SER B 413 2.62 48.98 38.52
C SER B 413 2.45 50.48 38.68
N ARG B 414 1.74 51.14 37.77
CA ARG B 414 1.57 52.60 37.87
C ARG B 414 0.31 53.07 37.15
N GLU C 1 -20.51 21.76 -72.65
CA GLU C 1 -20.70 22.11 -71.24
C GLU C 1 -20.06 21.10 -70.32
N GLN C 2 -19.97 21.44 -69.04
CA GLN C 2 -19.39 20.55 -68.05
C GLN C 2 -20.27 19.31 -67.86
N LYS C 3 -19.61 18.21 -67.49
CA LYS C 3 -20.28 16.94 -67.22
C LYS C 3 -20.24 16.67 -65.72
N THR C 4 -21.41 16.52 -65.11
CA THR C 4 -21.51 16.47 -63.66
C THR C 4 -20.80 15.25 -63.09
N VAL C 5 -20.11 15.44 -61.98
CA VAL C 5 -19.36 14.39 -61.31
C VAL C 5 -20.30 13.57 -60.43
N VAL C 6 -20.30 12.25 -60.61
CA VAL C 6 -21.10 11.36 -59.78
C VAL C 6 -20.34 10.98 -58.52
N VAL C 7 -20.50 11.76 -57.46
CA VAL C 7 -19.89 11.42 -56.17
C VAL C 7 -20.72 10.34 -55.49
N THR C 8 -20.07 9.43 -54.78
CA THR C 8 -20.74 8.37 -54.06
C THR C 8 -20.18 8.29 -52.65
N THR C 9 -21.02 7.92 -51.68
CA THR C 9 -20.65 7.98 -50.28
C THR C 9 -21.52 7.03 -49.48
N ILE C 10 -21.34 7.03 -48.16
CA ILE C 10 -22.07 6.14 -47.26
C ILE C 10 -22.55 6.94 -46.06
N LEU C 11 -23.74 6.59 -45.56
CA LEU C 11 -24.31 7.24 -44.38
C LEU C 11 -23.58 6.77 -43.13
N GLU C 12 -22.90 7.70 -42.46
CA GLU C 12 -22.15 7.37 -41.25
C GLU C 12 -21.86 8.66 -40.50
N SER C 13 -22.22 8.70 -39.23
CA SER C 13 -22.07 9.92 -38.43
C SER C 13 -20.65 10.05 -37.91
N PRO C 14 -20.12 11.27 -37.81
CA PRO C 14 -20.66 12.54 -38.30
C PRO C 14 -20.23 12.85 -39.73
N TYR C 15 -19.75 11.85 -40.46
CA TYR C 15 -19.27 12.10 -41.82
C TYR C 15 -20.42 12.45 -42.75
N VAL C 16 -21.49 11.67 -42.74
CA VAL C 16 -22.71 11.96 -43.50
C VAL C 16 -23.91 11.65 -42.63
N MET C 17 -24.87 12.57 -42.57
CA MET C 17 -26.08 12.41 -41.79
C MET C 17 -27.26 13.05 -42.52
N MET C 18 -28.47 12.64 -42.14
CA MET C 18 -29.68 13.16 -42.75
C MET C 18 -30.01 14.55 -42.22
N LYS C 19 -30.34 15.47 -43.14
CA LYS C 19 -30.82 16.79 -42.76
C LYS C 19 -32.23 16.68 -42.21
N LYS C 20 -32.56 17.61 -41.29
CA LYS C 20 -33.86 17.57 -40.62
C LYS C 20 -35.03 17.65 -41.60
N ASN C 21 -34.86 18.38 -42.71
CA ASN C 21 -35.93 18.61 -43.68
C ASN C 21 -35.74 17.77 -44.94
N HIS C 22 -35.23 16.54 -44.79
CA HIS C 22 -34.95 15.70 -45.94
C HIS C 22 -36.20 15.36 -46.74
N GLU C 23 -37.39 15.45 -46.12
CA GLU C 23 -38.62 15.15 -46.86
C GLU C 23 -38.97 16.25 -47.85
N MET C 24 -38.59 17.49 -47.57
CA MET C 24 -38.97 18.62 -48.41
C MET C 24 -37.83 19.16 -49.26
N LEU C 25 -36.59 18.96 -48.85
CA LEU C 25 -35.44 19.57 -49.50
C LEU C 25 -35.03 18.79 -50.75
N GLU C 26 -34.24 19.46 -51.59
CA GLU C 26 -33.65 18.84 -52.77
C GLU C 26 -32.65 17.75 -52.38
N GLY C 27 -32.46 16.79 -53.30
CA GLY C 27 -31.72 15.58 -52.97
C GLY C 27 -30.31 15.84 -52.48
N ASN C 28 -29.66 16.90 -53.00
CA ASN C 28 -28.36 17.28 -52.47
C ASN C 28 -28.48 17.91 -51.09
N GLU C 29 -29.46 18.78 -50.90
CA GLU C 29 -29.62 19.47 -49.63
C GLU C 29 -29.98 18.52 -48.51
N ARG C 30 -30.55 17.35 -48.85
CA ARG C 30 -30.91 16.36 -47.84
C ARG C 30 -29.73 15.93 -46.99
N TYR C 31 -28.51 16.04 -47.52
CA TYR C 31 -27.32 15.58 -46.83
C TYR C 31 -26.55 16.75 -46.23
N GLU C 32 -26.09 16.58 -44.99
CA GLU C 32 -25.15 17.51 -44.38
C GLU C 32 -24.22 16.75 -43.46
N GLY C 33 -22.97 17.20 -43.39
CA GLY C 33 -21.96 16.52 -42.60
C GLY C 33 -20.57 16.84 -43.09
N TYR C 34 -19.59 16.28 -42.38
CA TYR C 34 -18.18 16.62 -42.58
C TYR C 34 -17.74 16.36 -44.02
N CYS C 35 -18.19 15.25 -44.61
CA CYS C 35 -17.82 14.94 -45.97
C CYS C 35 -18.48 15.87 -46.98
N VAL C 36 -19.68 16.37 -46.69
CA VAL C 36 -20.31 17.30 -47.61
C VAL C 36 -19.53 18.62 -47.68
N ASP C 37 -19.05 19.09 -46.52
CA ASP C 37 -18.16 20.25 -46.51
C ASP C 37 -16.88 19.98 -47.28
N LEU C 38 -16.22 18.85 -47.02
CA LEU C 38 -15.00 18.56 -47.74
C LEU C 38 -15.25 18.47 -49.25
N ALA C 39 -16.35 17.84 -49.65
CA ALA C 39 -16.68 17.70 -51.06
C ALA C 39 -16.91 19.04 -51.71
N ALA C 40 -17.57 19.96 -51.01
CA ALA C 40 -17.75 21.32 -51.54
C ALA C 40 -16.42 22.05 -51.67
N GLU C 41 -15.51 21.87 -50.71
CA GLU C 41 -14.20 22.52 -50.80
C GLU C 41 -13.39 21.98 -51.99
N ILE C 42 -13.34 20.67 -52.14
CA ILE C 42 -12.62 20.07 -53.26
C ILE C 42 -13.23 20.49 -54.59
N ALA C 43 -14.56 20.47 -54.70
CA ALA C 43 -15.21 20.90 -55.93
C ALA C 43 -14.94 22.37 -56.23
N LYS C 44 -14.96 23.23 -55.21
CA LYS C 44 -14.66 24.64 -55.42
C LYS C 44 -13.22 24.87 -55.88
N HIS C 45 -12.28 24.05 -55.41
CA HIS C 45 -10.93 24.15 -55.96
C HIS C 45 -10.88 23.62 -57.40
N CYS C 46 -11.39 22.42 -57.63
CA CYS C 46 -11.28 21.81 -58.96
C CYS C 46 -12.23 22.47 -59.97
N GLY C 47 -13.41 22.89 -59.54
CA GLY C 47 -14.33 23.59 -60.41
C GLY C 47 -15.38 22.76 -61.11
N PHE C 48 -15.47 21.46 -60.83
CA PHE C 48 -16.55 20.67 -61.41
C PHE C 48 -17.83 20.80 -60.62
N LYS C 49 -18.96 20.73 -61.33
CA LYS C 49 -20.26 20.54 -60.71
C LYS C 49 -20.42 19.08 -60.32
N TYR C 50 -21.18 18.84 -59.24
CA TYR C 50 -21.27 17.48 -58.73
C TYR C 50 -22.67 17.16 -58.24
N LYS C 51 -22.95 15.87 -58.19
CA LYS C 51 -24.22 15.32 -57.74
C LYS C 51 -23.94 14.20 -56.75
N LEU C 52 -24.57 14.26 -55.59
CA LEU C 52 -24.35 13.25 -54.57
C LEU C 52 -25.23 12.02 -54.81
N THR C 53 -24.75 10.88 -54.32
CA THR C 53 -25.45 9.61 -54.32
C THR C 53 -25.07 8.85 -53.07
N ILE C 54 -25.90 7.89 -52.67
CA ILE C 54 -25.59 6.97 -51.58
C ILE C 54 -25.36 5.58 -52.17
N VAL C 55 -24.30 4.92 -51.70
CA VAL C 55 -23.97 3.59 -52.19
C VAL C 55 -25.10 2.62 -51.86
N GLY C 56 -25.46 1.80 -52.84
CA GLY C 56 -26.63 0.95 -52.71
C GLY C 56 -26.58 -0.08 -51.60
N ASP C 57 -25.63 -1.00 -51.65
CA ASP C 57 -25.59 -2.10 -50.68
C ASP C 57 -24.91 -1.74 -49.37
N GLY C 58 -24.39 -0.52 -49.23
CA GLY C 58 -24.02 -0.03 -47.91
C GLY C 58 -22.87 -0.73 -47.21
N LYS C 59 -21.83 -1.12 -47.95
CA LYS C 59 -20.67 -1.78 -47.37
C LYS C 59 -19.40 -1.13 -47.89
N TYR C 60 -18.42 -0.93 -47.00
CA TYR C 60 -17.15 -0.35 -47.44
C TYR C 60 -16.46 -1.26 -48.46
N GLY C 61 -16.31 -2.53 -48.12
CA GLY C 61 -16.10 -3.50 -49.16
C GLY C 61 -14.79 -4.27 -49.00
N ALA C 62 -14.80 -5.50 -49.53
CA ALA C 62 -13.68 -6.42 -49.46
C ALA C 62 -13.83 -7.44 -50.58
N ARG C 63 -12.73 -8.11 -50.90
CA ARG C 63 -12.69 -9.03 -52.02
C ARG C 63 -13.65 -10.20 -51.78
N ASP C 64 -14.48 -10.49 -52.77
CA ASP C 64 -15.58 -11.43 -52.59
C ASP C 64 -15.06 -12.86 -52.44
N ALA C 65 -15.94 -13.72 -51.92
CA ALA C 65 -15.59 -15.09 -51.56
C ALA C 65 -15.35 -15.96 -52.79
N ASP C 66 -14.16 -15.83 -53.39
CA ASP C 66 -13.67 -16.67 -54.48
C ASP C 66 -14.49 -16.54 -55.76
N THR C 67 -15.46 -15.63 -55.81
CA THR C 67 -16.00 -15.19 -57.09
C THR C 67 -15.08 -14.19 -57.78
N LYS C 68 -14.13 -13.61 -57.04
CA LYS C 68 -13.18 -12.60 -57.53
C LYS C 68 -13.87 -11.32 -57.98
N ILE C 69 -15.08 -11.07 -57.49
CA ILE C 69 -15.80 -9.85 -57.79
C ILE C 69 -15.63 -8.92 -56.60
N TRP C 70 -15.99 -7.65 -56.78
CA TRP C 70 -15.89 -6.65 -55.73
C TRP C 70 -17.27 -6.17 -55.31
N ASN C 71 -17.42 -5.91 -54.02
CA ASN C 71 -18.63 -5.39 -53.42
C ASN C 71 -18.65 -3.87 -53.43
N GLY C 72 -19.51 -3.26 -52.61
CA GLY C 72 -20.23 -2.07 -53.03
C GLY C 72 -19.39 -0.85 -53.37
N MET C 73 -18.55 -0.38 -52.44
CA MET C 73 -17.85 0.88 -52.72
C MET C 73 -16.72 0.72 -53.73
N VAL C 74 -15.89 -0.31 -53.56
CA VAL C 74 -14.84 -0.56 -54.53
C VAL C 74 -15.44 -0.98 -55.86
N GLY C 75 -16.46 -1.83 -55.82
CA GLY C 75 -17.09 -2.24 -57.08
C GLY C 75 -17.71 -1.08 -57.83
N GLU C 76 -18.39 -0.19 -57.12
CA GLU C 76 -18.99 0.96 -57.78
C GLU C 76 -17.94 1.88 -58.38
N LEU C 77 -16.75 1.96 -57.78
CA LEU C 77 -15.66 2.66 -58.46
C LEU C 77 -15.12 1.88 -59.67
N VAL C 78 -14.80 0.60 -59.49
CA VAL C 78 -14.11 -0.16 -60.53
C VAL C 78 -14.97 -0.35 -61.77
N TYR C 79 -16.23 -0.74 -61.58
CA TYR C 79 -17.09 -1.07 -62.72
C TYR C 79 -17.73 0.16 -63.33
N GLY C 80 -17.26 1.36 -63.01
CA GLY C 80 -17.70 2.55 -63.72
C GLY C 80 -19.08 3.03 -63.36
N LYS C 81 -19.59 2.66 -62.19
CA LYS C 81 -20.84 3.22 -61.71
C LYS C 81 -20.66 4.63 -61.18
N ALA C 82 -19.51 4.94 -60.61
CA ALA C 82 -19.26 6.23 -59.97
C ALA C 82 -17.89 6.74 -60.40
N ASP C 83 -17.70 8.05 -60.25
CA ASP C 83 -16.46 8.69 -60.70
C ASP C 83 -15.52 9.11 -59.58
N ILE C 84 -16.00 9.25 -58.36
CA ILE C 84 -15.14 9.57 -57.23
C ILE C 84 -15.84 9.13 -55.95
N ALA C 85 -15.05 8.77 -54.94
CA ALA C 85 -15.57 8.38 -53.64
C ALA C 85 -15.03 9.33 -52.57
N ILE C 86 -15.91 9.83 -51.72
CA ILE C 86 -15.53 10.70 -50.61
C ILE C 86 -16.17 10.14 -49.35
N ALA C 87 -15.37 9.47 -48.53
CA ALA C 87 -15.87 8.71 -47.39
C ALA C 87 -14.69 8.37 -46.49
N PRO C 88 -14.94 7.82 -45.30
CA PRO C 88 -13.83 7.32 -44.48
C PRO C 88 -13.25 6.00 -44.98
N LEU C 89 -12.86 5.94 -46.25
CA LEU C 89 -12.38 4.70 -46.86
C LEU C 89 -10.89 4.54 -46.55
N THR C 90 -10.55 3.49 -45.81
CA THR C 90 -9.19 3.30 -45.32
C THR C 90 -8.24 2.89 -46.43
N ILE C 91 -7.04 3.46 -46.41
CA ILE C 91 -5.99 3.05 -47.34
C ILE C 91 -5.42 1.69 -46.93
N THR C 92 -5.46 0.74 -47.87
CA THR C 92 -4.95 -0.61 -47.65
C THR C 92 -4.30 -1.08 -48.94
N LEU C 93 -3.43 -2.08 -48.82
CA LEU C 93 -2.65 -2.50 -49.98
C LEU C 93 -3.54 -3.06 -51.08
N VAL C 94 -4.48 -3.94 -50.73
CA VAL C 94 -5.31 -4.59 -51.73
C VAL C 94 -6.21 -3.60 -52.47
N ARG C 95 -6.64 -2.53 -51.81
CA ARG C 95 -7.35 -1.47 -52.52
C ARG C 95 -6.43 -0.61 -53.37
N GLU C 96 -5.24 -0.30 -52.88
CA GLU C 96 -4.29 0.49 -53.65
C GLU C 96 -3.91 -0.19 -54.97
N GLU C 97 -3.97 -1.52 -55.02
CA GLU C 97 -3.63 -2.23 -56.24
C GLU C 97 -4.59 -1.97 -57.39
N VAL C 98 -5.82 -1.50 -57.11
CA VAL C 98 -6.81 -1.37 -58.17
C VAL C 98 -7.33 0.06 -58.32
N ILE C 99 -7.34 0.83 -57.24
CA ILE C 99 -7.80 2.21 -57.26
C ILE C 99 -6.73 3.09 -56.65
N ASP C 100 -6.72 4.36 -57.06
CA ASP C 100 -5.66 5.30 -56.70
C ASP C 100 -6.11 6.18 -55.55
N PHE C 101 -5.33 6.19 -54.48
CA PHE C 101 -5.63 6.95 -53.27
C PHE C 101 -4.76 8.20 -53.17
N SER C 102 -5.38 9.33 -52.86
CA SER C 102 -4.64 10.54 -52.53
C SER C 102 -3.94 10.38 -51.18
N LYS C 103 -3.19 11.41 -50.81
CA LYS C 103 -2.58 11.46 -49.49
C LYS C 103 -3.66 11.47 -48.40
N PRO C 104 -3.38 10.89 -47.24
CA PRO C 104 -4.41 10.77 -46.21
C PRO C 104 -4.75 12.12 -45.59
N PHE C 105 -6.04 12.32 -45.30
CA PHE C 105 -6.46 13.55 -44.64
C PHE C 105 -6.69 13.40 -43.14
N MET C 106 -6.75 12.17 -42.62
CA MET C 106 -6.93 12.00 -41.18
C MET C 106 -6.29 10.68 -40.76
N SER C 107 -5.86 10.61 -39.50
CA SER C 107 -5.12 9.46 -38.98
C SER C 107 -5.87 8.77 -37.84
N LEU C 108 -5.79 7.45 -37.81
CA LEU C 108 -6.68 6.64 -36.99
C LEU C 108 -5.98 5.35 -36.59
N GLY C 109 -6.47 4.74 -35.51
CA GLY C 109 -6.05 3.41 -35.12
C GLY C 109 -7.23 2.60 -34.64
N ILE C 110 -6.95 1.38 -34.21
CA ILE C 110 -7.98 0.43 -33.79
C ILE C 110 -8.12 0.46 -32.27
N SER C 111 -9.35 0.43 -31.78
CA SER C 111 -9.63 0.76 -30.39
C SER C 111 -10.77 -0.10 -29.87
N ILE C 112 -10.79 -0.31 -28.55
CA ILE C 112 -11.69 -1.24 -27.87
C ILE C 112 -12.80 -0.46 -27.18
N MET C 113 -14.04 -0.92 -27.31
CA MET C 113 -15.18 -0.33 -26.61
C MET C 113 -15.70 -1.24 -25.50
N ILE C 114 -16.00 -0.62 -24.35
CA ILE C 114 -16.42 -1.30 -23.12
C ILE C 114 -17.50 -0.44 -22.47
N LYS C 115 -18.32 -1.08 -21.63
CA LYS C 115 -19.40 -0.38 -20.94
C LYS C 115 -18.95 -0.01 -19.53
N LYS C 116 -19.12 1.27 -19.19
CA LYS C 116 -18.54 1.83 -17.98
C LYS C 116 -19.26 1.28 -16.75
N PRO C 117 -18.52 0.85 -15.72
CA PRO C 117 -19.16 0.16 -14.59
C PRO C 117 -19.76 1.11 -13.54
N GLN C 118 -20.48 2.14 -13.99
CA GLN C 118 -21.13 3.11 -13.12
C GLN C 118 -20.16 3.82 -12.16
N LYS C 119 -20.72 4.56 -11.21
CA LYS C 119 -19.94 5.24 -10.18
C LYS C 119 -20.68 5.15 -8.86
N SER C 120 -19.93 5.30 -7.78
CA SER C 120 -20.48 5.35 -6.43
C SER C 120 -20.40 6.78 -5.90
N LYS C 121 -21.52 7.27 -5.38
CA LYS C 121 -21.56 8.59 -4.75
C LYS C 121 -21.52 8.41 -3.24
N PRO C 122 -20.47 8.87 -2.55
CA PRO C 122 -20.47 8.84 -1.09
C PRO C 122 -21.63 9.63 -0.51
N GLY C 123 -22.23 9.09 0.55
CA GLY C 123 -23.32 9.75 1.22
C GLY C 123 -22.86 10.96 2.00
N VAL C 124 -23.85 11.63 2.61
CA VAL C 124 -23.53 12.71 3.54
C VAL C 124 -22.84 12.17 4.79
N PHE C 125 -23.33 11.06 5.32
CA PHE C 125 -22.79 10.43 6.53
C PHE C 125 -21.84 9.28 6.19
N SER C 126 -20.79 9.58 5.42
CA SER C 126 -19.85 8.54 5.03
C SER C 126 -18.95 8.08 6.19
N PHE C 127 -18.63 8.97 7.12
CA PHE C 127 -17.76 8.60 8.24
C PHE C 127 -18.28 7.40 9.03
N LEU C 128 -19.58 7.17 9.06
CA LEU C 128 -20.10 5.94 9.68
C LEU C 128 -19.61 4.66 8.98
N ASP C 129 -19.20 4.75 7.72
CA ASP C 129 -18.98 3.55 6.93
C ASP C 129 -17.94 2.55 7.45
N PRO C 130 -16.79 2.94 8.01
CA PRO C 130 -15.79 1.94 8.37
C PRO C 130 -16.24 0.88 9.36
N LEU C 131 -17.43 1.00 9.95
CA LEU C 131 -18.00 -0.09 10.72
C LEU C 131 -19.36 -0.47 10.14
N ALA C 132 -20.04 -1.42 10.77
CA ALA C 132 -21.29 -1.93 10.23
C ALA C 132 -22.46 -1.42 11.06
N TYR C 133 -23.65 -1.48 10.46
CA TYR C 133 -24.87 -1.03 11.13
C TYR C 133 -25.09 -1.74 12.46
N GLU C 134 -24.87 -3.05 12.50
CA GLU C 134 -25.05 -3.84 13.72
C GLU C 134 -24.07 -3.47 14.84
N ILE C 135 -22.85 -3.05 14.50
CA ILE C 135 -21.90 -2.66 15.55
C ILE C 135 -22.34 -1.40 16.29
N TRP C 136 -22.81 -0.37 15.59
CA TRP C 136 -23.24 0.85 16.28
C TRP C 136 -24.38 0.60 17.25
N MET C 137 -25.34 -0.23 16.87
CA MET C 137 -26.45 -0.56 17.76
C MET C 137 -26.00 -1.34 19.00
N CYS C 138 -25.09 -2.29 18.82
CA CYS C 138 -24.58 -3.01 19.98
C CYS C 138 -23.70 -2.15 20.87
N ILE C 139 -22.98 -1.19 20.31
CA ILE C 139 -22.25 -0.24 21.14
C ILE C 139 -23.20 0.60 21.99
N VAL C 140 -24.35 0.98 21.43
CA VAL C 140 -25.34 1.70 22.23
C VAL C 140 -25.89 0.86 23.38
N PHE C 141 -26.23 -0.40 23.11
CA PHE C 141 -26.70 -1.24 24.22
C PHE C 141 -25.62 -1.52 25.26
N ALA C 142 -24.37 -1.66 24.85
CA ALA C 142 -23.30 -1.85 25.83
C ALA C 142 -23.11 -0.62 26.71
N TYR C 143 -23.18 0.57 26.13
CA TYR C 143 -23.09 1.79 26.91
C TYR C 143 -24.21 1.88 27.96
N ILE C 144 -25.45 1.55 27.58
CA ILE C 144 -26.52 1.59 28.58
C ILE C 144 -26.32 0.54 29.67
N GLY C 145 -25.88 -0.64 29.30
CA GLY C 145 -25.67 -1.67 30.30
C GLY C 145 -24.60 -1.33 31.32
N VAL C 146 -23.45 -0.84 30.85
CA VAL C 146 -22.39 -0.49 31.78
C VAL C 146 -22.83 0.65 32.69
N SER C 147 -23.51 1.65 32.13
CA SER C 147 -23.98 2.77 32.94
C SER C 147 -24.86 2.32 34.10
N VAL C 148 -25.85 1.48 33.82
CA VAL C 148 -26.72 1.06 34.92
C VAL C 148 -26.05 0.09 35.90
N VAL C 149 -25.17 -0.78 35.43
CA VAL C 149 -24.48 -1.66 36.38
C VAL C 149 -23.60 -0.86 37.33
N LEU C 150 -22.89 0.14 36.81
CA LEU C 150 -22.05 0.99 37.66
C LEU C 150 -22.87 1.77 38.68
N PHE C 151 -24.07 2.21 38.31
CA PHE C 151 -24.93 2.83 39.32
C PHE C 151 -25.36 1.83 40.39
N LEU C 152 -25.81 0.64 39.97
CA LEU C 152 -26.27 -0.34 40.93
C LEU C 152 -25.19 -0.71 41.95
N VAL C 153 -23.95 -0.86 41.49
CA VAL C 153 -22.86 -1.17 42.39
C VAL C 153 -22.47 0.01 43.29
N SER C 154 -22.39 1.22 42.74
CA SER C 154 -21.91 2.33 43.58
C SER C 154 -22.95 2.78 44.60
N ARG C 155 -24.16 3.08 44.17
CA ARG C 155 -25.19 3.57 45.10
C ARG C 155 -25.95 2.40 45.71
N PHE C 156 -25.19 1.54 46.37
CA PHE C 156 -25.69 0.38 47.08
C PHE C 156 -24.80 0.21 48.28
N SER C 157 -25.35 -0.35 49.35
CA SER C 157 -24.87 -0.12 50.72
C SER C 157 -23.35 -0.11 50.85
N PRO C 158 -22.75 1.06 51.12
CA PRO C 158 -21.36 1.07 51.61
C PRO C 158 -21.24 0.55 53.02
N TYR C 159 -22.32 0.63 53.78
CA TYR C 159 -22.39 0.15 55.16
C TYR C 159 -22.58 -1.37 55.22
N SER C 160 -24.74 6.03 54.97
CA SER C 160 -23.45 6.24 54.34
C SER C 160 -23.60 6.42 52.83
N GLU C 161 -24.82 6.79 52.41
CA GLU C 161 -25.11 6.92 50.98
C GLU C 161 -24.32 8.05 50.33
N SER C 162 -24.00 9.11 51.10
CA SER C 162 -23.19 10.22 50.60
C SER C 162 -21.85 9.77 50.02
N THR C 163 -21.32 8.63 50.48
CA THR C 163 -19.95 8.24 50.16
C THR C 163 -19.68 8.23 48.65
N ASN C 164 -20.65 7.82 47.85
CA ASN C 164 -20.46 7.69 46.41
C ASN C 164 -21.24 8.77 45.67
N GLU C 165 -20.55 9.51 44.81
CA GLU C 165 -21.15 10.53 43.96
C GLU C 165 -21.92 9.94 42.77
N PHE C 166 -21.77 8.65 42.50
CA PHE C 166 -22.28 8.05 41.28
C PHE C 166 -23.78 7.75 41.36
N GLY C 167 -24.57 8.81 41.35
CA GLY C 167 -25.97 8.69 40.98
C GLY C 167 -26.08 8.29 39.53
N ILE C 168 -27.28 8.16 38.98
CA ILE C 168 -27.42 7.67 37.61
C ILE C 168 -26.78 8.64 36.63
N PHE C 169 -27.13 9.91 36.77
CA PHE C 169 -26.72 10.94 35.81
C PHE C 169 -25.19 11.10 35.78
N ASN C 170 -24.54 10.97 36.94
CA ASN C 170 -23.07 10.98 36.95
C ASN C 170 -22.46 9.70 36.40
N SER C 171 -23.07 8.54 36.60
CA SER C 171 -22.51 7.33 36.00
C SER C 171 -22.60 7.37 34.48
N LEU C 172 -23.68 7.94 33.98
CA LEU C 172 -23.91 8.07 32.55
C LEU C 172 -22.94 9.06 31.92
N TRP C 173 -22.63 10.15 32.63
CA TRP C 173 -21.60 11.07 32.14
C TRP C 173 -20.20 10.47 32.24
N PHE C 174 -19.88 9.80 33.35
CA PHE C 174 -18.57 9.17 33.46
C PHE C 174 -18.32 8.18 32.32
N SER C 175 -19.26 7.29 32.05
CA SER C 175 -19.05 6.33 30.97
C SER C 175 -19.04 6.96 29.59
N LEU C 176 -19.79 8.06 29.36
CA LEU C 176 -19.66 8.74 28.08
C LEU C 176 -18.27 9.38 27.93
N GLY C 177 -17.81 10.09 28.95
CA GLY C 177 -16.49 10.69 28.88
C GLY C 177 -15.38 9.67 28.72
N ALA C 178 -15.54 8.50 29.34
CA ALA C 178 -14.59 7.42 29.14
C ALA C 178 -14.56 6.93 27.70
N PHE C 179 -15.71 6.76 27.06
CA PHE C 179 -15.69 6.22 25.69
C PHE C 179 -15.04 7.18 24.70
N MET C 180 -15.22 8.49 24.85
CA MET C 180 -14.55 9.40 23.93
C MET C 180 -13.07 9.56 24.22
N GLN C 181 -12.55 8.88 25.25
CA GLN C 181 -11.16 9.03 25.69
C GLN C 181 -10.82 10.49 25.98
N GLN C 182 -11.76 11.21 26.59
CA GLN C 182 -11.67 12.65 26.71
C GLN C 182 -11.49 13.11 28.16
N GLY C 183 -11.44 12.20 29.12
CA GLY C 183 -11.13 12.58 30.49
C GLY C 183 -12.32 13.09 31.25
N CYS C 184 -12.29 12.99 32.59
CA CYS C 184 -13.49 13.18 33.38
C CYS C 184 -13.12 13.64 34.78
N ASP C 185 -14.14 14.04 35.53
CA ASP C 185 -13.95 14.64 36.85
C ASP C 185 -13.47 13.63 37.88
N ILE C 186 -14.10 12.46 37.93
CA ILE C 186 -13.99 11.58 39.09
C ILE C 186 -13.81 10.14 38.63
N SER C 187 -13.30 9.32 39.55
CA SER C 187 -13.06 7.91 39.32
C SER C 187 -13.59 7.12 40.51
N PRO C 188 -14.06 5.89 40.29
CA PRO C 188 -14.58 5.10 41.40
C PRO C 188 -13.49 4.68 42.37
N ARG C 189 -13.82 4.65 43.65
CA ARG C 189 -12.85 4.35 44.72
C ARG C 189 -13.22 3.08 45.46
N SER C 190 -13.80 2.10 44.76
CA SER C 190 -14.26 0.87 45.38
C SER C 190 -13.89 -0.28 44.46
N LEU C 191 -13.72 -1.47 45.03
CA LEU C 191 -13.20 -2.59 44.26
C LEU C 191 -14.11 -2.95 43.08
N SER C 192 -15.41 -3.10 43.35
CA SER C 192 -16.35 -3.46 42.29
C SER C 192 -16.46 -2.36 41.23
N GLY C 193 -16.53 -1.10 41.65
CA GLY C 193 -16.55 -0.02 40.70
C GLY C 193 -15.28 0.07 39.87
N ARG C 194 -14.15 -0.29 40.46
CA ARG C 194 -12.91 -0.32 39.69
C ARG C 194 -12.83 -1.48 38.70
N ILE C 195 -13.41 -2.64 38.99
CA ILE C 195 -13.42 -3.69 37.98
C ILE C 195 -14.34 -3.35 36.80
N VAL C 196 -15.52 -2.79 37.07
CA VAL C 196 -16.36 -2.36 35.94
C VAL C 196 -15.71 -1.23 35.15
N GLY C 197 -15.05 -0.28 35.82
CA GLY C 197 -14.31 0.73 35.08
C GLY C 197 -13.21 0.15 34.20
N GLY C 198 -12.41 -0.77 34.74
CA GLY C 198 -11.29 -1.28 33.97
C GLY C 198 -11.71 -2.09 32.76
N VAL C 199 -12.83 -2.80 32.86
CA VAL C 199 -13.31 -3.53 31.69
C VAL C 199 -13.87 -2.58 30.63
N TRP C 200 -14.55 -1.51 31.06
CA TRP C 200 -15.00 -0.54 30.06
C TRP C 200 -13.83 0.16 29.37
N TRP C 201 -12.75 0.42 30.09
CA TRP C 201 -11.55 1.00 29.47
C TRP C 201 -10.91 0.07 28.44
N PHE C 202 -10.91 -1.23 28.70
CA PHE C 202 -10.36 -2.15 27.69
C PHE C 202 -11.22 -2.19 26.43
N PHE C 203 -12.54 -2.32 26.60
CA PHE C 203 -13.44 -2.32 25.44
C PHE C 203 -13.27 -1.07 24.60
N THR C 204 -13.20 0.10 25.25
CA THR C 204 -12.98 1.34 24.51
C THR C 204 -11.66 1.34 23.74
N LEU C 205 -10.59 0.85 24.35
CA LEU C 205 -9.29 0.86 23.67
C LEU C 205 -9.34 0.09 22.36
N ILE C 206 -9.92 -1.11 22.39
CA ILE C 206 -9.94 -1.93 21.17
C ILE C 206 -10.87 -1.34 20.12
N ILE C 207 -12.09 -0.95 20.49
CA ILE C 207 -13.06 -0.51 19.45
C ILE C 207 -12.54 0.74 18.73
N ILE C 208 -12.20 1.82 19.46
CA ILE C 208 -11.78 3.09 18.83
C ILE C 208 -10.58 2.84 17.90
N SER C 209 -9.53 2.18 18.39
CA SER C 209 -8.31 1.93 17.57
C SER C 209 -8.70 1.35 16.20
N SER C 210 -9.49 0.28 16.17
CA SER C 210 -9.91 -0.35 14.91
C SER C 210 -10.54 0.69 13.97
N TYR C 211 -11.47 1.52 14.45
CA TYR C 211 -12.16 2.51 13.58
C TYR C 211 -11.14 3.41 12.93
N THR C 212 -10.23 3.99 13.71
CA THR C 212 -9.28 4.97 13.14
C THR C 212 -8.36 4.28 12.17
N ALA C 213 -8.03 3.01 12.39
CA ALA C 213 -7.16 2.26 11.47
C ALA C 213 -7.90 2.02 10.14
N ASN C 214 -9.14 1.54 10.21
CA ASN C 214 -9.90 1.22 8.98
C ASN C 214 -10.28 2.52 8.28
N LEU C 215 -10.52 3.60 9.02
CA LEU C 215 -10.80 4.90 8.36
C LEU C 215 -9.70 5.10 7.33
N ALA C 216 -8.44 4.90 7.72
CA ALA C 216 -7.31 5.12 6.80
C ALA C 216 -7.59 4.41 5.46
N ALA C 217 -7.73 3.09 5.46
CA ALA C 217 -8.07 2.38 4.21
C ALA C 217 -9.18 3.09 3.44
N PHE C 218 -10.34 3.31 4.06
CA PHE C 218 -11.51 3.92 3.36
C PHE C 218 -11.26 5.38 3.02
N LEU C 219 -10.21 5.99 3.58
CA LEU C 219 -9.97 7.43 3.36
C LEU C 219 -8.80 7.59 2.41
N THR C 220 -8.01 6.52 2.24
CA THR C 220 -6.81 6.61 1.40
C THR C 220 -7.14 6.29 -0.04
N VAL C 221 -7.19 5.01 -0.42
CA VAL C 221 -7.34 4.69 -1.87
C VAL C 221 -8.74 4.18 -2.24
N GLU C 222 -9.36 4.78 -3.27
CA GLU C 222 -10.66 4.24 -3.76
C GLU C 222 -10.59 4.24 -5.30
N ARG C 223 -10.69 3.07 -5.93
CA ARG C 223 -10.51 2.99 -7.38
C ARG C 223 -11.15 1.70 -7.89
N MET C 224 -11.26 1.62 -9.22
CA MET C 224 -11.79 0.43 -9.89
C MET C 224 -10.91 0.10 -11.08
N VAL C 225 -10.64 -1.19 -11.26
CA VAL C 225 -9.63 -1.62 -12.23
C VAL C 225 -10.21 -1.70 -13.64
N SER C 226 -11.46 -2.17 -13.76
CA SER C 226 -12.13 -2.44 -15.04
C SER C 226 -11.46 -3.57 -15.80
N PRO C 227 -12.09 -4.12 -16.84
CA PRO C 227 -11.43 -5.14 -17.66
C PRO C 227 -10.13 -4.64 -18.28
N ILE C 228 -9.15 -5.52 -18.35
CA ILE C 228 -7.80 -5.16 -18.78
C ILE C 228 -7.81 -4.79 -20.26
N GLU C 229 -7.05 -3.74 -20.60
CA GLU C 229 -6.98 -3.25 -21.96
C GLU C 229 -6.10 -4.14 -22.82
N SER C 230 -5.92 -3.72 -24.08
CA SER C 230 -4.99 -4.34 -25.04
C SER C 230 -5.34 -5.80 -25.32
N ALA C 231 -6.63 -6.15 -25.18
CA ALA C 231 -7.15 -7.48 -25.49
C ALA C 231 -6.48 -8.57 -24.66
N GLU C 232 -5.90 -8.21 -23.51
CA GLU C 232 -5.29 -9.22 -22.66
C GLU C 232 -6.34 -10.20 -22.14
N ASP C 233 -7.44 -9.69 -21.59
CA ASP C 233 -8.53 -10.56 -21.18
C ASP C 233 -9.18 -11.25 -22.37
N LEU C 234 -9.34 -10.51 -23.47
CA LEU C 234 -10.01 -11.07 -24.65
C LEU C 234 -9.24 -12.24 -25.22
N SER C 235 -7.91 -12.15 -25.24
CA SER C 235 -7.09 -13.30 -25.63
C SER C 235 -7.06 -14.38 -24.54
N LYS C 236 -7.07 -13.98 -23.27
CA LYS C 236 -6.85 -14.95 -22.20
C LYS C 236 -8.13 -15.57 -21.64
N GLN C 237 -9.30 -15.02 -21.93
CA GLN C 237 -10.53 -15.65 -21.45
C GLN C 237 -11.64 -15.45 -22.46
N THR C 238 -12.60 -16.38 -22.43
CA THR C 238 -13.78 -16.34 -23.29
C THR C 238 -14.98 -15.68 -22.62
N GLU C 239 -14.81 -15.13 -21.42
CA GLU C 239 -15.95 -14.58 -20.69
C GLU C 239 -16.56 -13.37 -21.41
N ILE C 240 -15.76 -12.63 -22.17
CA ILE C 240 -16.24 -11.50 -22.95
C ILE C 240 -16.09 -11.85 -24.42
N ALA C 241 -17.16 -11.67 -25.19
CA ALA C 241 -17.16 -11.93 -26.62
C ALA C 241 -17.03 -10.62 -27.39
N TYR C 242 -16.07 -10.57 -28.30
CA TYR C 242 -15.71 -9.35 -29.01
C TYR C 242 -15.96 -9.52 -30.51
N GLY C 243 -16.72 -8.58 -31.08
CA GLY C 243 -17.10 -8.66 -32.48
C GLY C 243 -16.49 -7.52 -33.28
N THR C 244 -16.29 -7.76 -34.58
CA THR C 244 -15.93 -6.71 -35.52
C THR C 244 -16.99 -6.57 -36.61
N LEU C 245 -17.02 -5.40 -37.24
CA LEU C 245 -17.92 -5.17 -38.36
C LEU C 245 -17.65 -6.16 -39.49
N ASP C 246 -18.72 -6.51 -40.20
CA ASP C 246 -18.64 -7.37 -41.38
C ASP C 246 -18.36 -6.52 -42.62
N SER C 247 -17.53 -7.05 -43.52
CA SER C 247 -17.11 -6.37 -44.74
C SER C 247 -16.35 -5.08 -44.44
N GLY C 248 -15.58 -5.06 -43.35
CA GLY C 248 -14.78 -3.91 -43.03
C GLY C 248 -13.29 -4.20 -43.01
N SER C 249 -12.48 -3.16 -43.10
CA SER C 249 -11.03 -3.34 -43.12
C SER C 249 -10.52 -4.00 -41.84
N THR C 250 -11.18 -3.75 -40.70
CA THR C 250 -10.79 -4.41 -39.45
C THR C 250 -10.82 -5.93 -39.58
N LYS C 251 -11.87 -6.46 -40.20
CA LYS C 251 -11.99 -7.90 -40.38
C LYS C 251 -10.89 -8.45 -41.28
N GLU C 252 -10.59 -7.74 -42.37
CA GLU C 252 -9.50 -8.17 -43.24
C GLU C 252 -8.15 -8.08 -42.54
N PHE C 253 -7.97 -7.08 -41.68
CA PHE C 253 -6.73 -6.99 -40.90
C PHE C 253 -6.57 -8.17 -39.96
N PHE C 254 -7.62 -8.53 -39.23
CA PHE C 254 -7.51 -9.69 -38.35
C PHE C 254 -7.33 -11.00 -39.13
N ARG C 255 -8.04 -11.17 -40.24
CA ARG C 255 -7.81 -12.34 -41.09
C ARG C 255 -6.37 -12.43 -41.57
N ARG C 256 -5.83 -11.32 -42.09
CA ARG C 256 -4.52 -11.37 -42.73
C ARG C 256 -3.39 -11.47 -41.70
N SER C 257 -3.58 -10.91 -40.51
CA SER C 257 -2.47 -10.75 -39.58
C SER C 257 -1.92 -12.10 -39.13
N LYS C 258 -0.61 -12.12 -38.88
CA LYS C 258 0.07 -13.31 -38.40
C LYS C 258 0.76 -13.10 -37.06
N ILE C 259 0.52 -11.96 -36.40
CA ILE C 259 1.04 -11.75 -35.05
C ILE C 259 0.34 -12.70 -34.09
N ALA C 260 1.10 -13.27 -33.16
CA ALA C 260 0.65 -14.45 -32.42
C ALA C 260 -0.65 -14.17 -31.66
N VAL C 261 -0.69 -13.07 -30.91
CA VAL C 261 -1.91 -12.74 -30.17
C VAL C 261 -3.04 -12.39 -31.12
N PHE C 262 -2.73 -11.69 -32.21
CA PHE C 262 -3.75 -11.37 -33.20
C PHE C 262 -4.22 -12.61 -33.95
N ASP C 263 -3.30 -13.53 -34.23
CA ASP C 263 -3.69 -14.80 -34.85
C ASP C 263 -4.58 -15.62 -33.92
N LYS C 264 -4.25 -15.66 -32.63
CA LYS C 264 -5.13 -16.30 -31.65
C LYS C 264 -6.51 -15.65 -31.60
N MET C 265 -6.55 -14.33 -31.61
CA MET C 265 -7.84 -13.63 -31.63
C MET C 265 -8.66 -13.95 -32.88
N TRP C 266 -8.01 -13.99 -34.05
CA TRP C 266 -8.72 -14.38 -35.27
C TRP C 266 -9.18 -15.83 -35.21
N THR C 267 -8.36 -16.72 -34.65
CA THR C 267 -8.73 -18.12 -34.49
C THR C 267 -9.97 -18.26 -33.61
N TYR C 268 -10.04 -17.48 -32.52
CA TYR C 268 -11.27 -17.43 -31.75
C TYR C 268 -12.44 -16.87 -32.56
N MET C 269 -12.25 -15.72 -33.20
CA MET C 269 -13.37 -15.06 -33.87
C MET C 269 -13.89 -15.85 -35.06
N ARG C 270 -13.02 -16.59 -35.76
CA ARG C 270 -13.49 -17.44 -36.84
C ARG C 270 -14.27 -18.63 -36.31
N SER C 271 -13.79 -19.26 -35.24
CA SER C 271 -14.38 -20.50 -34.74
C SER C 271 -15.54 -20.27 -33.79
N ALA C 272 -15.60 -19.13 -33.12
CA ALA C 272 -16.61 -18.90 -32.10
C ALA C 272 -18.01 -18.83 -32.71
N GLU C 273 -19.00 -19.22 -31.90
CA GLU C 273 -20.40 -19.19 -32.27
C GLU C 273 -21.21 -18.74 -31.06
N PRO C 274 -22.38 -18.11 -31.28
CA PRO C 274 -22.96 -17.69 -32.57
C PRO C 274 -22.23 -16.50 -33.18
N SER C 275 -22.70 -16.02 -34.33
CA SER C 275 -22.01 -14.96 -35.06
C SER C 275 -21.87 -13.71 -34.20
N VAL C 276 -20.62 -13.29 -33.96
CA VAL C 276 -20.35 -12.07 -33.21
C VAL C 276 -20.39 -10.83 -34.09
N PHE C 277 -20.43 -10.99 -35.41
CA PHE C 277 -20.30 -9.86 -36.32
C PHE C 277 -21.65 -9.14 -36.47
N VAL C 278 -21.59 -7.93 -37.03
CA VAL C 278 -22.76 -7.08 -37.20
C VAL C 278 -22.70 -6.43 -38.57
N ARG C 279 -23.86 -5.92 -39.01
CA ARG C 279 -23.96 -5.26 -40.31
C ARG C 279 -23.68 -3.76 -40.26
N THR C 280 -23.92 -3.11 -39.12
CA THR C 280 -23.73 -1.66 -39.03
C THR C 280 -23.09 -1.33 -37.68
N THR C 281 -22.40 -0.19 -37.65
CA THR C 281 -21.72 0.23 -36.42
C THR C 281 -22.71 0.53 -35.31
N ALA C 282 -23.84 1.16 -35.65
CA ALA C 282 -24.86 1.43 -34.65
C ALA C 282 -25.44 0.15 -34.06
N GLU C 283 -25.54 -0.91 -34.86
CA GLU C 283 -25.97 -2.20 -34.33
C GLU C 283 -24.94 -2.78 -33.38
N GLY C 284 -23.65 -2.65 -33.69
CA GLY C 284 -22.61 -3.11 -32.78
C GLY C 284 -22.62 -2.37 -31.45
N VAL C 285 -22.73 -1.04 -31.52
CA VAL C 285 -22.83 -0.24 -30.30
C VAL C 285 -24.06 -0.61 -29.47
N ALA C 286 -25.23 -0.74 -30.12
CA ALA C 286 -26.42 -1.16 -29.40
C ALA C 286 -26.27 -2.55 -28.79
N ARG C 287 -25.67 -3.49 -29.52
CA ARG C 287 -25.45 -4.84 -29.00
C ARG C 287 -24.50 -4.86 -27.80
N VAL C 288 -23.50 -3.98 -27.79
CA VAL C 288 -22.72 -3.80 -26.57
C VAL C 288 -23.59 -3.23 -25.45
N ARG C 289 -24.33 -2.16 -25.74
CA ARG C 289 -25.07 -1.45 -24.70
C ARG C 289 -26.11 -2.33 -24.01
N LYS C 290 -26.83 -3.15 -24.78
CA LYS C 290 -27.82 -4.04 -24.21
C LYS C 290 -27.19 -5.22 -23.47
N SER C 291 -26.00 -5.65 -23.86
CA SER C 291 -25.48 -6.93 -23.40
C SER C 291 -24.83 -6.83 -22.02
N LYS C 292 -25.23 -5.84 -21.22
CA LYS C 292 -24.87 -5.75 -19.81
C LYS C 292 -23.36 -5.80 -19.59
N GLY C 293 -22.58 -5.32 -20.55
CA GLY C 293 -21.15 -5.33 -20.43
C GLY C 293 -20.48 -6.67 -20.69
N LYS C 294 -21.23 -7.65 -21.19
CA LYS C 294 -20.67 -8.95 -21.53
C LYS C 294 -20.14 -9.04 -22.95
N TYR C 295 -20.43 -8.05 -23.79
CA TYR C 295 -20.07 -8.08 -25.20
C TYR C 295 -19.26 -6.84 -25.56
N ALA C 296 -18.31 -7.01 -26.48
CA ALA C 296 -17.42 -5.94 -26.90
C ALA C 296 -17.42 -5.84 -28.42
N TYR C 297 -17.15 -4.63 -28.91
CA TYR C 297 -17.17 -4.30 -30.32
C TYR C 297 -15.88 -3.59 -30.69
N LEU C 298 -15.32 -3.93 -31.86
CA LEU C 298 -14.04 -3.37 -32.30
C LEU C 298 -14.24 -2.39 -33.45
N LEU C 299 -13.73 -1.17 -33.26
CA LEU C 299 -14.04 -0.01 -34.07
C LEU C 299 -12.88 0.97 -33.92
N GLU C 300 -12.71 1.84 -34.91
CA GLU C 300 -11.51 2.68 -34.98
C GLU C 300 -11.76 4.08 -34.40
N SER C 301 -10.67 4.66 -33.89
CA SER C 301 -10.73 5.63 -32.80
C SER C 301 -11.63 6.82 -33.09
N THR C 302 -11.72 7.26 -34.35
CA THR C 302 -12.56 8.43 -34.64
C THR C 302 -14.02 8.17 -34.30
N MET C 303 -14.49 6.95 -34.53
CA MET C 303 -15.84 6.60 -34.14
C MET C 303 -15.94 6.49 -32.63
N ASN C 304 -14.96 5.84 -32.00
CA ASN C 304 -15.02 5.62 -30.57
C ASN C 304 -15.12 6.96 -29.84
N GLU C 305 -14.25 7.90 -30.19
CA GLU C 305 -14.23 9.19 -29.52
C GLU C 305 -15.44 10.04 -29.90
N TYR C 306 -15.98 9.89 -31.10
CA TYR C 306 -17.28 10.54 -31.38
C TYR C 306 -18.37 9.98 -30.49
N ILE C 307 -18.48 8.65 -30.41
CA ILE C 307 -19.52 8.01 -29.61
C ILE C 307 -19.39 8.35 -28.12
N GLU C 308 -18.17 8.52 -27.62
CA GLU C 308 -18.00 8.95 -26.23
C GLU C 308 -18.65 10.30 -25.95
N GLN C 309 -18.68 11.20 -26.94
CA GLN C 309 -19.40 12.46 -26.76
C GLN C 309 -20.91 12.26 -26.72
N ARG C 310 -21.44 11.25 -27.41
CA ARG C 310 -22.89 11.12 -27.53
C ARG C 310 -23.51 10.59 -26.26
N LYS C 311 -24.74 11.02 -26.00
CA LYS C 311 -25.55 10.48 -24.92
C LYS C 311 -25.81 8.99 -25.13
N PRO C 312 -25.97 8.23 -24.04
CA PRO C 312 -25.97 8.63 -22.63
C PRO C 312 -24.58 8.68 -22.01
N CYS C 313 -23.52 8.65 -22.83
CA CYS C 313 -22.15 8.80 -22.35
C CYS C 313 -21.74 7.69 -21.39
N ASP C 314 -22.31 6.49 -21.57
CA ASP C 314 -22.04 5.35 -20.70
C ASP C 314 -20.94 4.42 -21.22
N THR C 315 -20.29 4.77 -22.33
CA THR C 315 -19.26 3.95 -22.95
C THR C 315 -17.88 4.40 -22.47
N MET C 316 -16.93 3.48 -22.50
CA MET C 316 -15.54 3.82 -22.21
C MET C 316 -14.60 3.22 -23.26
N LYS C 317 -13.56 3.97 -23.59
CA LYS C 317 -12.45 3.49 -24.42
C LYS C 317 -11.26 3.12 -23.55
N VAL C 318 -10.68 1.95 -23.83
CA VAL C 318 -9.58 1.41 -23.04
C VAL C 318 -8.40 1.09 -23.95
N GLY C 319 -7.19 1.32 -23.45
CA GLY C 319 -5.98 1.01 -24.17
C GLY C 319 -5.64 1.96 -25.30
N GLY C 320 -4.43 1.82 -25.83
CA GLY C 320 -3.99 2.60 -26.97
C GLY C 320 -4.44 2.06 -28.30
N ASN C 321 -4.04 2.76 -29.36
CA ASN C 321 -4.31 2.31 -30.71
C ASN C 321 -3.37 1.16 -31.08
N LEU C 322 -3.92 0.19 -31.81
CA LEU C 322 -3.13 -0.97 -32.21
C LEU C 322 -2.24 -0.71 -33.42
N ASP C 323 -2.55 0.31 -34.22
CA ASP C 323 -1.88 0.48 -35.52
C ASP C 323 -1.99 1.94 -35.94
N SER C 324 -1.73 2.21 -37.22
CA SER C 324 -1.79 3.57 -37.76
C SER C 324 -2.19 3.50 -39.23
N LYS C 325 -3.24 4.26 -39.58
CA LYS C 325 -3.88 4.16 -40.88
C LYS C 325 -4.40 5.52 -41.29
N GLY C 326 -4.53 5.74 -42.60
CA GLY C 326 -5.09 6.96 -43.13
C GLY C 326 -6.36 6.74 -43.93
N TYR C 327 -7.21 7.76 -43.99
CA TYR C 327 -8.29 7.82 -44.98
C TYR C 327 -7.86 8.70 -46.13
N GLY C 328 -8.16 8.27 -47.35
CA GLY C 328 -7.83 9.06 -48.52
C GLY C 328 -8.97 9.07 -49.52
N ILE C 329 -8.99 10.12 -50.33
CA ILE C 329 -9.96 10.22 -51.41
C ILE C 329 -9.51 9.30 -52.55
N ALA C 330 -10.44 8.54 -53.10
CA ALA C 330 -10.10 7.51 -54.07
C ALA C 330 -10.82 7.73 -55.39
N THR C 331 -10.11 7.47 -56.47
CA THR C 331 -10.47 7.79 -57.84
C THR C 331 -9.97 6.66 -58.71
N PRO C 332 -10.57 6.43 -59.87
CA PRO C 332 -10.41 5.11 -60.51
C PRO C 332 -9.30 5.15 -61.54
N LYS C 333 -8.59 4.03 -61.68
CA LYS C 333 -7.23 4.01 -62.21
C LYS C 333 -7.12 4.78 -63.53
N GLY C 334 -6.23 5.77 -63.54
CA GLY C 334 -6.00 6.61 -64.70
C GLY C 334 -6.92 7.80 -64.84
N SER C 335 -7.88 7.98 -63.94
CA SER C 335 -8.77 9.13 -64.03
C SER C 335 -8.01 10.42 -63.74
N SER C 336 -8.29 11.45 -64.54
CA SER C 336 -7.55 12.71 -64.48
C SER C 336 -7.72 13.40 -63.13
N LEU C 337 -8.87 13.23 -62.50
CA LEU C 337 -9.19 13.91 -61.24
C LEU C 337 -8.15 13.70 -60.15
N GLY C 338 -7.47 12.55 -60.14
CA GLY C 338 -6.48 12.29 -59.09
C GLY C 338 -5.35 13.29 -58.96
N THR C 339 -4.90 13.89 -60.07
CA THR C 339 -3.82 14.86 -59.97
C THR C 339 -4.23 16.18 -59.33
N PRO C 340 -5.32 16.85 -59.73
CA PRO C 340 -5.70 18.07 -58.99
C PRO C 340 -6.25 17.81 -57.60
N VAL C 341 -6.99 16.72 -57.38
CA VAL C 341 -7.55 16.43 -56.07
C VAL C 341 -6.46 16.23 -55.02
N ASN C 342 -5.34 15.62 -55.41
CA ASN C 342 -4.24 15.44 -54.46
C ASN C 342 -3.65 16.78 -54.01
N LEU C 343 -3.42 17.69 -54.96
CA LEU C 343 -2.94 19.03 -54.59
C LEU C 343 -3.97 19.78 -53.77
N ALA C 344 -5.26 19.58 -54.06
CA ALA C 344 -6.30 20.21 -53.26
C ALA C 344 -6.28 19.73 -51.81
N VAL C 345 -6.09 18.43 -51.61
CA VAL C 345 -6.02 17.89 -50.25
C VAL C 345 -4.79 18.42 -49.52
N LEU C 346 -3.66 18.50 -50.21
CA LEU C 346 -2.47 19.11 -49.60
C LEU C 346 -2.72 20.56 -49.20
N LYS C 347 -3.24 21.36 -50.13
CA LYS C 347 -3.51 22.77 -49.84
C LYS C 347 -4.46 22.94 -48.65
N LEU C 348 -5.56 22.18 -48.63
CA LEU C 348 -6.49 22.27 -47.51
C LEU C 348 -5.85 21.89 -46.19
N SER C 349 -5.00 20.86 -46.17
CA SER C 349 -4.31 20.52 -44.93
C SER C 349 -3.31 21.59 -44.53
N GLU C 350 -2.66 22.20 -45.52
CA GLU C 350 -1.61 23.18 -45.27
C GLU C 350 -2.16 24.51 -44.77
N GLN C 351 -3.35 24.92 -45.22
CA GLN C 351 -4.05 26.04 -44.59
C GLN C 351 -4.59 25.69 -43.20
N GLY C 352 -4.96 24.44 -42.96
CA GLY C 352 -5.50 24.05 -41.67
C GLY C 352 -7.00 24.01 -41.57
N VAL C 353 -7.72 23.97 -42.69
CA VAL C 353 -9.17 23.94 -42.68
C VAL C 353 -9.68 22.63 -42.08
N LEU C 354 -8.97 21.52 -42.33
CA LEU C 354 -9.42 20.22 -41.85
C LEU C 354 -9.47 20.15 -40.32
N ASP C 355 -8.56 20.86 -39.64
CA ASP C 355 -8.67 20.95 -38.19
C ASP C 355 -9.95 21.67 -37.78
N LYS C 356 -10.29 22.75 -38.49
CA LYS C 356 -11.52 23.47 -38.20
C LYS C 356 -12.76 22.59 -38.40
N LEU C 357 -12.77 21.80 -39.47
CA LEU C 357 -13.88 20.86 -39.69
C LEU C 357 -13.98 19.81 -38.59
N LYS C 358 -12.84 19.25 -38.17
CA LYS C 358 -12.90 18.29 -37.07
C LYS C 358 -13.38 18.95 -35.78
N ASN C 359 -12.84 20.11 -35.45
CA ASN C 359 -13.25 20.78 -34.22
C ASN C 359 -14.74 21.05 -34.22
N LYS C 360 -15.26 21.57 -35.35
CA LYS C 360 -16.68 21.87 -35.46
C LYS C 360 -17.54 20.62 -35.29
N TRP C 361 -17.25 19.57 -36.04
CA TRP C 361 -18.14 18.40 -36.02
C TRP C 361 -17.98 17.54 -34.77
N TRP C 362 -16.76 17.15 -34.41
CA TRP C 362 -16.58 16.37 -33.19
C TRP C 362 -16.71 17.21 -31.93
N TYR C 363 -15.90 18.26 -31.79
CA TYR C 363 -15.73 18.89 -30.49
C TYR C 363 -16.81 19.93 -30.20
N ASP C 364 -17.11 20.80 -31.16
CA ASP C 364 -18.02 21.91 -30.88
C ASP C 364 -19.43 21.41 -30.54
N LYS C 365 -19.81 20.24 -31.04
CA LYS C 365 -21.07 19.60 -30.65
C LYS C 365 -20.85 18.49 -29.64
N GLY C 366 -19.70 18.47 -28.97
CA GLY C 366 -19.39 17.49 -27.95
C GLY C 366 -19.92 17.89 -26.58
N GLU C 367 -21.22 18.19 -26.51
CA GLU C 367 -21.82 18.87 -25.37
C GLU C 367 -21.98 17.97 -24.14
N CYS C 368 -21.51 16.72 -24.18
CA CYS C 368 -21.39 15.93 -22.96
C CYS C 368 -20.12 16.30 -22.22
N GLY C 369 -19.92 17.60 -21.97
CA GLY C 369 -18.66 18.11 -21.48
C GLY C 369 -18.37 17.86 -20.02
N ALA C 370 -18.90 16.76 -19.47
CA ALA C 370 -18.66 16.45 -18.07
C ALA C 370 -17.19 16.14 -17.81
N LYS C 371 -16.52 15.47 -18.74
CA LYS C 371 -15.09 15.20 -18.67
C LYS C 371 -14.70 14.59 -17.33
N ASP C 372 -15.27 13.42 -17.06
CA ASP C 372 -15.14 12.75 -15.77
C ASP C 372 -13.81 12.04 -15.57
N SER C 373 -12.83 12.23 -16.47
CA SER C 373 -11.56 11.51 -16.34
C SER C 373 -10.81 11.92 -15.08
N GLY C 374 -10.96 13.17 -14.64
CA GLY C 374 -10.42 13.61 -13.37
C GLY C 374 -8.90 13.57 -13.33
N SER C 375 -8.37 13.27 -12.14
CA SER C 375 -6.93 13.19 -11.92
C SER C 375 -6.63 11.99 -11.03
N LYS C 376 -5.38 11.53 -11.08
CA LYS C 376 -4.98 10.27 -10.47
C LYS C 376 -4.04 10.44 -9.29
N GLU C 377 -3.78 11.66 -8.84
CA GLU C 377 -2.82 11.89 -7.77
C GLU C 377 -3.39 11.38 -6.45
N LYS C 378 -2.63 10.51 -5.77
CA LYS C 378 -3.11 9.92 -4.53
C LYS C 378 -3.18 10.95 -3.41
N THR C 379 -2.21 11.85 -3.33
CA THR C 379 -2.18 12.89 -2.30
C THR C 379 -3.16 14.01 -2.66
N SER C 380 -4.44 13.69 -2.49
CA SER C 380 -5.52 14.65 -2.66
C SER C 380 -6.11 15.01 -1.30
N ALA C 381 -6.23 16.30 -1.04
CA ALA C 381 -6.76 16.77 0.23
C ALA C 381 -8.25 16.48 0.35
N LEU C 382 -8.74 16.45 1.59
CA LEU C 382 -10.17 16.33 1.85
C LEU C 382 -10.90 17.61 1.48
N SER C 383 -12.18 17.47 1.18
CA SER C 383 -13.01 18.59 0.73
C SER C 383 -14.27 18.67 1.59
N LEU C 384 -14.81 19.89 1.70
CA LEU C 384 -15.83 20.18 2.68
C LEU C 384 -17.09 19.34 2.47
N SER C 385 -17.41 19.00 1.23
CA SER C 385 -18.55 18.13 0.96
C SER C 385 -18.44 16.77 1.64
N ASN C 386 -17.22 16.26 1.82
CA ASN C 386 -17.03 15.05 2.62
C ASN C 386 -17.35 15.24 4.10
N VAL C 387 -17.14 16.43 4.64
CA VAL C 387 -17.21 16.65 6.07
C VAL C 387 -18.56 17.20 6.58
N ALA C 388 -19.38 17.79 5.72
CA ALA C 388 -20.49 18.64 6.16
C ALA C 388 -21.45 17.95 7.14
N GLY C 389 -21.64 16.64 7.03
CA GLY C 389 -22.57 15.96 7.92
C GLY C 389 -22.27 16.17 9.40
N VAL C 390 -20.99 16.22 9.74
CA VAL C 390 -20.61 16.47 11.13
C VAL C 390 -20.96 17.89 11.54
N PHE C 391 -20.82 18.85 10.63
CA PHE C 391 -21.22 20.22 10.96
C PHE C 391 -22.72 20.33 11.17
N TYR C 392 -23.52 19.61 10.39
CA TYR C 392 -24.95 19.61 10.61
C TYR C 392 -25.33 18.99 11.95
N ILE C 393 -24.63 17.94 12.35
CA ILE C 393 -24.92 17.32 13.65
C ILE C 393 -24.52 18.25 14.79
N LEU C 394 -23.37 18.90 14.69
CA LEU C 394 -22.95 19.85 15.71
C LEU C 394 -23.96 20.98 15.90
N VAL C 395 -24.37 21.61 14.79
CA VAL C 395 -25.27 22.77 14.94
C VAL C 395 -26.66 22.35 15.42
N GLY C 396 -27.15 21.18 14.99
CA GLY C 396 -28.38 20.68 15.58
C GLY C 396 -28.28 20.41 17.07
N GLY C 397 -27.14 19.88 17.52
CA GLY C 397 -26.97 19.64 18.94
C GLY C 397 -26.87 20.90 19.78
N LEU C 398 -26.27 21.95 19.24
CA LEU C 398 -26.30 23.25 19.94
C LEU C 398 -27.71 23.82 20.03
N GLY C 399 -28.50 23.68 18.97
CA GLY C 399 -29.88 24.15 19.03
C GLY C 399 -30.71 23.39 20.05
N LEU C 400 -30.57 22.07 20.09
CA LEU C 400 -31.28 21.27 21.09
C LEU C 400 -30.87 21.66 22.51
N ALA C 401 -29.56 21.75 22.77
CA ALA C 401 -29.13 22.11 24.13
C ALA C 401 -29.70 23.44 24.57
N MET C 402 -29.71 24.43 23.68
CA MET C 402 -30.24 25.74 24.06
C MET C 402 -31.75 25.72 24.30
N LEU C 403 -32.48 24.90 23.55
CA LEU C 403 -33.91 24.74 23.82
C LEU C 403 -34.16 24.08 25.17
N VAL C 404 -33.44 22.99 25.46
CA VAL C 404 -33.61 22.32 26.75
C VAL C 404 -33.32 23.27 27.90
N ALA C 405 -32.31 24.13 27.74
CA ALA C 405 -32.03 25.12 28.79
C ALA C 405 -33.17 26.09 28.99
N LEU C 406 -33.84 26.49 27.89
CA LEU C 406 -34.96 27.41 28.05
C LEU C 406 -36.17 26.76 28.74
N ILE C 407 -36.46 25.51 28.41
CA ILE C 407 -37.59 24.85 29.06
C ILE C 407 -37.28 24.57 30.54
N GLU C 408 -36.05 24.18 30.86
CA GLU C 408 -35.71 23.97 32.26
C GLU C 408 -35.80 25.27 33.06
N PHE C 409 -35.40 26.41 32.47
CA PHE C 409 -35.57 27.68 33.17
C PHE C 409 -37.02 28.07 33.36
N CYS C 410 -37.87 27.86 32.34
CA CYS C 410 -39.28 28.19 32.49
C CYS C 410 -39.96 27.30 33.53
N TYR C 411 -39.68 26.00 33.53
CA TYR C 411 -40.20 25.12 34.57
C TYR C 411 -39.70 25.51 35.96
N LYS C 412 -38.41 25.79 36.10
CA LYS C 412 -37.88 26.25 37.38
C LYS C 412 -38.57 27.50 37.88
N SER C 413 -38.92 28.42 36.96
CA SER C 413 -39.65 29.61 37.36
C SER C 413 -41.08 29.29 37.77
N ARG C 414 -41.78 28.44 36.99
CA ARG C 414 -43.15 28.10 37.34
C ARG C 414 -43.25 27.16 38.53
N ALA C 415 -42.28 26.26 38.70
CA ALA C 415 -42.34 25.30 39.81
C ALA C 415 -42.21 26.01 41.15
N GLU D 1 5.14 -48.27 -52.17
CA GLU D 1 4.29 -47.09 -52.02
C GLU D 1 4.25 -46.64 -50.57
N GLN D 2 3.93 -45.37 -50.36
CA GLN D 2 3.78 -44.82 -49.01
C GLN D 2 2.50 -45.34 -48.40
N LYS D 3 2.61 -46.41 -47.62
CA LYS D 3 1.48 -46.91 -46.85
C LYS D 3 1.10 -45.92 -45.75
N THR D 4 -0.18 -45.95 -45.37
CA THR D 4 -0.60 -45.28 -44.14
C THR D 4 -0.10 -46.04 -42.93
N VAL D 5 0.27 -45.31 -41.88
CA VAL D 5 0.68 -45.91 -40.61
C VAL D 5 -0.48 -45.87 -39.63
N VAL D 6 -0.47 -46.83 -38.71
CA VAL D 6 -1.50 -46.95 -37.68
C VAL D 6 -0.92 -46.52 -36.34
N VAL D 7 -1.56 -45.54 -35.72
CA VAL D 7 -1.20 -45.08 -34.38
C VAL D 7 -2.21 -45.68 -33.42
N THR D 8 -1.73 -46.19 -32.29
CA THR D 8 -2.59 -46.63 -31.21
C THR D 8 -2.47 -45.68 -30.02
N THR D 9 -3.61 -45.29 -29.46
CA THR D 9 -3.67 -44.16 -28.55
C THR D 9 -4.93 -44.29 -27.69
N ILE D 10 -4.92 -43.62 -26.55
CA ILE D 10 -6.00 -43.73 -25.57
C ILE D 10 -6.58 -42.36 -25.29
N LEU D 11 -7.87 -42.34 -24.94
CA LEU D 11 -8.58 -41.11 -24.62
C LEU D 11 -8.23 -40.64 -23.21
N GLU D 12 -7.68 -39.43 -23.10
CA GLU D 12 -7.34 -38.85 -21.81
C GLU D 12 -7.13 -37.36 -21.98
N SER D 13 -7.74 -36.57 -21.12
CA SER D 13 -7.72 -35.12 -21.31
C SER D 13 -6.49 -34.51 -20.65
N PRO D 14 -5.88 -33.51 -21.29
CA PRO D 14 -6.14 -32.97 -22.62
C PRO D 14 -5.33 -33.64 -23.73
N TYR D 15 -4.77 -34.82 -23.48
CA TYR D 15 -3.96 -35.48 -24.50
C TYR D 15 -4.79 -35.86 -25.71
N VAL D 16 -5.93 -36.52 -25.48
CA VAL D 16 -6.84 -36.92 -26.54
C VAL D 16 -8.27 -36.70 -26.07
N MET D 17 -8.99 -35.80 -26.72
CA MET D 17 -10.36 -35.48 -26.35
C MET D 17 -11.25 -35.52 -27.57
N MET D 18 -12.44 -36.10 -27.42
CA MET D 18 -13.42 -36.12 -28.49
C MET D 18 -13.91 -34.71 -28.78
N LYS D 19 -13.83 -34.29 -30.04
CA LYS D 19 -14.34 -32.98 -30.42
C LYS D 19 -15.87 -33.02 -30.48
N LYS D 20 -16.47 -31.84 -30.21
CA LYS D 20 -17.91 -31.77 -30.00
C LYS D 20 -18.71 -32.36 -31.15
N ASN D 21 -18.27 -32.12 -32.38
CA ASN D 21 -18.97 -32.61 -33.56
C ASN D 21 -18.50 -33.99 -34.02
N HIS D 22 -17.99 -34.81 -33.10
CA HIS D 22 -17.44 -36.11 -33.46
C HIS D 22 -18.47 -37.00 -34.14
N GLU D 23 -19.75 -36.85 -33.79
CA GLU D 23 -20.78 -37.66 -34.43
C GLU D 23 -20.86 -37.39 -35.93
N MET D 24 -20.84 -36.11 -36.32
CA MET D 24 -20.85 -35.77 -37.74
C MET D 24 -19.50 -36.02 -38.40
N LEU D 25 -18.41 -35.64 -37.72
CA LEU D 25 -17.11 -35.57 -38.35
C LEU D 25 -16.50 -36.95 -38.56
N GLU D 26 -15.50 -37.00 -39.43
CA GLU D 26 -14.76 -38.21 -39.74
C GLU D 26 -13.62 -38.42 -38.75
N GLY D 27 -13.07 -39.64 -38.74
CA GLY D 27 -12.28 -40.10 -37.60
C GLY D 27 -11.09 -39.23 -37.28
N ASN D 28 -10.32 -38.84 -38.31
CA ASN D 28 -9.19 -37.95 -38.04
C ASN D 28 -9.64 -36.56 -37.62
N GLU D 29 -10.79 -36.11 -38.11
CA GLU D 29 -11.39 -34.89 -37.56
C GLU D 29 -11.99 -35.13 -36.18
N ARG D 30 -12.47 -36.34 -35.91
CA ARG D 30 -13.16 -36.62 -34.64
C ARG D 30 -12.33 -36.25 -33.42
N TYR D 31 -11.01 -36.37 -33.48
CA TYR D 31 -10.17 -36.19 -32.31
C TYR D 31 -9.31 -34.94 -32.42
N GLU D 32 -9.07 -34.32 -31.26
CA GLU D 32 -8.07 -33.28 -31.11
C GLU D 32 -7.37 -33.47 -29.76
N GLY D 33 -6.19 -32.89 -29.64
CA GLY D 33 -5.46 -32.94 -28.38
C GLY D 33 -3.98 -32.74 -28.60
N TYR D 34 -3.27 -32.68 -27.46
CA TYR D 34 -1.82 -32.49 -27.47
C TYR D 34 -1.12 -33.59 -28.24
N CYS D 35 -1.57 -34.83 -28.06
CA CYS D 35 -0.96 -35.94 -28.78
C CYS D 35 -1.27 -35.88 -30.27
N VAL D 36 -2.43 -35.35 -30.65
CA VAL D 36 -2.77 -35.24 -32.07
C VAL D 36 -1.88 -34.20 -32.76
N ASP D 37 -1.66 -33.07 -32.11
CA ASP D 37 -0.70 -32.09 -32.61
C ASP D 37 0.70 -32.68 -32.70
N LEU D 38 1.15 -33.37 -31.65
CA LEU D 38 2.48 -33.96 -31.69
C LEU D 38 2.63 -35.00 -32.79
N ALA D 39 1.61 -35.84 -32.98
CA ALA D 39 1.62 -36.81 -34.06
C ALA D 39 1.66 -36.13 -35.43
N ALA D 40 0.96 -35.01 -35.57
CA ALA D 40 1.06 -34.24 -36.81
C ALA D 40 2.45 -33.67 -37.02
N GLU D 41 3.09 -33.14 -35.97
CA GLU D 41 4.44 -32.62 -36.12
C GLU D 41 5.44 -33.71 -36.48
N ILE D 42 5.33 -34.87 -35.83
CA ILE D 42 6.23 -35.98 -36.13
C ILE D 42 6.02 -36.49 -37.56
N ALA D 43 4.76 -36.63 -37.98
CA ALA D 43 4.50 -37.07 -39.35
C ALA D 43 5.00 -36.05 -40.37
N LYS D 44 4.79 -34.76 -40.11
CA LYS D 44 5.27 -33.72 -41.01
C LYS D 44 6.79 -33.69 -41.11
N HIS D 45 7.51 -33.96 -40.02
CA HIS D 45 8.96 -34.09 -40.14
C HIS D 45 9.35 -35.35 -40.88
N CYS D 46 8.76 -36.49 -40.52
CA CYS D 46 9.16 -37.75 -41.14
C CYS D 46 8.66 -37.86 -42.58
N GLY D 47 7.50 -37.28 -42.87
CA GLY D 47 6.90 -37.40 -44.18
C GLY D 47 6.16 -38.70 -44.42
N PHE D 48 5.07 -38.94 -43.69
CA PHE D 48 4.23 -40.10 -43.94
C PHE D 48 2.78 -39.76 -43.61
N LYS D 49 1.88 -40.62 -44.10
CA LYS D 49 0.44 -40.51 -43.88
C LYS D 49 0.01 -41.45 -42.77
N TYR D 50 -0.95 -41.03 -41.95
CA TYR D 50 -1.26 -41.73 -40.72
C TYR D 50 -2.76 -41.78 -40.45
N LYS D 51 -3.16 -42.83 -39.73
CA LYS D 51 -4.53 -43.07 -39.28
C LYS D 51 -4.53 -43.32 -37.78
N LEU D 52 -5.49 -42.71 -37.08
CA LEU D 52 -5.55 -42.83 -35.63
C LEU D 52 -6.59 -43.87 -35.22
N THR D 53 -6.23 -44.69 -34.23
CA THR D 53 -7.10 -45.75 -33.73
C THR D 53 -7.00 -45.79 -32.21
N ILE D 54 -8.08 -46.24 -31.57
CA ILE D 54 -8.17 -46.27 -30.11
C ILE D 54 -7.87 -47.69 -29.65
N VAL D 55 -7.03 -47.82 -28.63
CA VAL D 55 -6.64 -49.14 -28.13
C VAL D 55 -7.87 -49.88 -27.64
N GLY D 56 -7.92 -51.18 -27.94
CA GLY D 56 -9.16 -51.92 -27.77
C GLY D 56 -9.60 -52.04 -26.32
N ASP D 57 -8.67 -52.41 -25.43
CA ASP D 57 -9.02 -52.63 -24.03
C ASP D 57 -8.93 -51.37 -23.17
N GLY D 58 -8.45 -50.26 -23.71
CA GLY D 58 -8.37 -49.03 -22.95
C GLY D 58 -7.43 -49.05 -21.76
N LYS D 59 -6.34 -49.82 -21.84
CA LYS D 59 -5.41 -49.95 -20.73
C LYS D 59 -3.98 -49.85 -21.23
N TYR D 60 -3.12 -49.20 -20.44
CA TYR D 60 -1.70 -49.23 -20.73
C TYR D 60 -1.14 -50.63 -20.47
N GLY D 61 -1.44 -51.18 -19.29
CA GLY D 61 -1.29 -52.59 -19.04
C GLY D 61 0.10 -53.05 -18.66
N ALA D 62 0.17 -54.34 -18.32
CA ALA D 62 1.40 -55.05 -17.99
C ALA D 62 1.19 -56.52 -18.26
N ARG D 63 2.28 -57.27 -18.34
CA ARG D 63 2.18 -58.70 -18.60
C ARG D 63 1.51 -59.40 -17.42
N ASP D 64 0.45 -60.14 -17.71
CA ASP D 64 -0.31 -60.81 -16.65
C ASP D 64 0.52 -61.92 -16.01
N ALA D 65 0.33 -62.09 -14.70
CA ALA D 65 1.12 -63.02 -13.92
C ALA D 65 0.82 -64.47 -14.31
N ASP D 66 1.87 -65.27 -14.41
CA ASP D 66 1.80 -66.71 -14.71
C ASP D 66 1.26 -67.00 -16.10
N THR D 67 0.90 -65.96 -16.86
CA THR D 67 0.52 -66.17 -18.25
C THR D 67 1.50 -65.48 -19.20
N LYS D 68 2.09 -64.36 -18.75
CA LYS D 68 3.10 -63.64 -19.52
C LYS D 68 2.58 -63.22 -20.89
N ILE D 69 1.33 -62.76 -20.94
CA ILE D 69 0.73 -62.20 -22.14
C ILE D 69 0.53 -60.71 -21.90
N TRP D 70 1.08 -59.89 -22.79
CA TRP D 70 0.87 -58.45 -22.71
C TRP D 70 -0.54 -58.08 -23.19
N ASN D 71 -1.18 -57.19 -22.45
CA ASN D 71 -2.49 -56.67 -22.80
C ASN D 71 -2.34 -55.44 -23.70
N GLY D 72 -3.39 -54.63 -23.81
CA GLY D 72 -3.62 -53.85 -25.01
C GLY D 72 -2.55 -52.92 -25.55
N MET D 73 -2.06 -51.93 -24.78
CA MET D 73 -1.17 -50.95 -25.40
C MET D 73 0.15 -51.57 -25.81
N VAL D 74 0.78 -52.32 -24.90
CA VAL D 74 2.02 -53.01 -25.23
C VAL D 74 1.76 -54.12 -26.24
N GLY D 75 0.65 -54.83 -26.09
CA GLY D 75 0.33 -55.91 -27.02
C GLY D 75 0.19 -55.46 -28.47
N GLU D 76 -0.43 -54.30 -28.69
CA GLU D 76 -0.57 -53.80 -30.05
C GLU D 76 0.77 -53.58 -30.72
N LEU D 77 1.76 -53.10 -29.97
CA LEU D 77 3.11 -52.98 -30.52
C LEU D 77 3.80 -54.33 -30.67
N VAL D 78 3.77 -55.16 -29.63
CA VAL D 78 4.53 -56.40 -29.64
C VAL D 78 3.96 -57.38 -30.68
N TYR D 79 2.64 -57.48 -30.78
CA TYR D 79 2.03 -58.43 -31.70
C TYR D 79 1.79 -57.87 -33.10
N GLY D 80 2.36 -56.71 -33.41
CA GLY D 80 2.32 -56.21 -34.77
C GLY D 80 0.97 -55.75 -35.26
N LYS D 81 0.12 -55.24 -34.37
CA LYS D 81 -1.18 -54.72 -34.75
C LYS D 81 -1.18 -53.21 -34.94
N ALA D 82 -0.09 -52.53 -34.61
CA ALA D 82 0.05 -51.11 -34.86
C ALA D 82 1.50 -50.82 -35.24
N ASP D 83 1.71 -49.66 -35.86
CA ASP D 83 3.05 -49.26 -36.28
C ASP D 83 3.77 -48.42 -35.24
N ILE D 84 3.04 -47.64 -34.44
CA ILE D 84 3.63 -46.71 -33.49
C ILE D 84 2.59 -46.43 -32.41
N ALA D 85 3.04 -45.99 -31.25
CA ALA D 85 2.15 -45.55 -30.18
C ALA D 85 2.54 -44.15 -29.75
N ILE D 86 1.56 -43.27 -29.63
CA ILE D 86 1.79 -41.88 -29.21
C ILE D 86 0.74 -41.58 -28.14
N ALA D 87 1.15 -41.63 -26.88
CA ALA D 87 0.23 -41.50 -25.75
C ALA D 87 1.05 -41.14 -24.52
N PRO D 88 0.41 -40.68 -23.45
CA PRO D 88 1.13 -40.53 -22.18
C PRO D 88 1.50 -41.88 -21.59
N LEU D 89 2.57 -42.48 -22.13
CA LEU D 89 3.04 -43.80 -21.74
C LEU D 89 4.45 -43.67 -21.17
N THR D 90 4.66 -44.18 -19.97
CA THR D 90 5.88 -43.95 -19.21
C THR D 90 6.95 -44.98 -19.56
N ILE D 91 8.21 -44.53 -19.56
CA ILE D 91 9.35 -45.42 -19.80
C ILE D 91 9.65 -46.21 -18.54
N THR D 92 9.67 -47.53 -18.66
CA THR D 92 10.00 -48.44 -17.57
C THR D 92 10.85 -49.57 -18.10
N LEU D 93 11.64 -50.17 -17.20
CA LEU D 93 12.60 -51.19 -17.62
C LEU D 93 11.92 -52.40 -18.24
N VAL D 94 10.81 -52.85 -17.66
CA VAL D 94 10.13 -54.03 -18.18
C VAL D 94 9.59 -53.81 -19.59
N ARG D 95 9.19 -52.58 -19.91
CA ARG D 95 8.81 -52.26 -21.29
C ARG D 95 10.02 -52.16 -22.21
N GLU D 96 11.09 -51.51 -21.75
CA GLU D 96 12.32 -51.41 -22.55
C GLU D 96 12.84 -52.77 -23.00
N GLU D 97 12.57 -53.82 -22.22
CA GLU D 97 13.01 -55.16 -22.62
C GLU D 97 12.48 -55.58 -23.98
N VAL D 98 11.30 -55.09 -24.38
CA VAL D 98 10.62 -55.65 -25.55
C VAL D 98 10.28 -54.61 -26.60
N ILE D 99 10.30 -53.33 -26.24
CA ILE D 99 9.99 -52.26 -27.20
C ILE D 99 10.99 -51.13 -27.04
N ASP D 100 11.17 -50.38 -28.12
CA ASP D 100 12.15 -49.31 -28.21
C ASP D 100 11.50 -47.95 -28.03
N PHE D 101 12.04 -47.15 -27.11
CA PHE D 101 11.48 -45.85 -26.76
C PHE D 101 12.40 -44.74 -27.22
N SER D 102 11.81 -43.65 -27.71
CA SER D 102 12.57 -42.45 -28.02
C SER D 102 13.03 -41.78 -26.74
N LYS D 103 13.82 -40.72 -26.90
CA LYS D 103 14.14 -39.85 -25.78
C LYS D 103 12.86 -39.22 -25.24
N PRO D 104 12.79 -38.97 -23.94
CA PRO D 104 11.54 -38.51 -23.34
C PRO D 104 11.19 -37.09 -23.75
N PHE D 105 9.88 -36.83 -23.88
CA PHE D 105 9.41 -35.51 -24.25
C PHE D 105 8.79 -34.72 -23.10
N MET D 106 8.48 -35.36 -21.97
CA MET D 106 7.98 -34.63 -20.81
C MET D 106 8.34 -35.38 -19.55
N SER D 107 8.49 -34.63 -18.45
CA SER D 107 8.94 -35.17 -17.17
C SER D 107 7.90 -34.95 -16.08
N LEU D 108 7.74 -35.94 -15.21
CA LEU D 108 6.58 -36.02 -14.32
C LEU D 108 6.97 -36.81 -13.08
N GLY D 109 6.19 -36.61 -12.00
CA GLY D 109 6.34 -37.40 -10.80
C GLY D 109 4.98 -37.73 -10.20
N ILE D 110 5.03 -38.44 -9.07
CA ILE D 110 3.85 -38.98 -8.42
C ILE D 110 3.44 -38.07 -7.27
N SER D 111 2.15 -37.77 -7.18
CA SER D 111 1.64 -36.68 -6.36
C SER D 111 0.32 -37.07 -5.74
N ILE D 112 0.00 -36.45 -4.61
CA ILE D 112 -1.19 -36.78 -3.84
C ILE D 112 -2.26 -35.74 -4.13
N MET D 113 -3.49 -36.19 -4.36
CA MET D 113 -4.64 -35.33 -4.56
C MET D 113 -5.60 -35.43 -3.38
N ILE D 114 -6.05 -34.28 -2.87
CA ILE D 114 -6.95 -34.18 -1.74
C ILE D 114 -7.98 -33.10 -2.04
N LYS D 115 -9.14 -33.20 -1.40
CA LYS D 115 -10.25 -32.29 -1.68
C LYS D 115 -10.24 -31.20 -0.60
N LYS D 116 -10.16 -29.94 -1.06
CA LYS D 116 -9.65 -28.84 -0.26
C LYS D 116 -10.66 -28.40 0.80
N PRO D 117 -10.19 -28.03 1.99
CA PRO D 117 -11.09 -27.55 3.04
C PRO D 117 -11.47 -26.10 2.86
N GLN D 118 -12.61 -25.74 3.46
CA GLN D 118 -13.03 -24.35 3.49
C GLN D 118 -12.02 -23.49 4.25
N LYS D 119 -11.87 -22.23 3.82
CA LYS D 119 -10.74 -21.40 4.21
C LYS D 119 -10.73 -20.99 5.66
N SER D 120 -11.83 -21.19 6.40
CA SER D 120 -11.91 -20.99 7.85
C SER D 120 -11.81 -19.52 8.26
N LYS D 121 -12.72 -19.09 9.14
CA LYS D 121 -12.77 -17.76 9.70
C LYS D 121 -11.76 -17.60 10.84
N PRO D 122 -11.31 -16.38 11.11
CA PRO D 122 -10.39 -16.16 12.23
C PRO D 122 -11.08 -16.38 13.57
N GLY D 123 -10.25 -16.66 14.59
CA GLY D 123 -10.74 -17.07 15.88
C GLY D 123 -11.42 -15.97 16.67
N VAL D 124 -11.90 -16.36 17.85
CA VAL D 124 -12.62 -15.42 18.72
C VAL D 124 -11.65 -14.41 19.33
N PHE D 125 -10.55 -14.87 19.89
CA PHE D 125 -9.59 -13.99 20.55
C PHE D 125 -8.54 -13.47 19.59
N SER D 126 -8.99 -12.90 18.48
CA SER D 126 -8.06 -12.43 17.46
C SER D 126 -7.38 -11.12 17.87
N PHE D 127 -8.05 -10.29 18.66
CA PHE D 127 -7.47 -8.98 18.98
C PHE D 127 -6.10 -9.07 19.63
N LEU D 128 -5.83 -10.13 20.40
CA LEU D 128 -4.50 -10.25 20.99
C LEU D 128 -3.42 -10.65 20.00
N ASP D 129 -3.79 -11.10 18.81
CA ASP D 129 -2.86 -11.67 17.83
C ASP D 129 -1.67 -10.80 17.40
N PRO D 130 -1.82 -9.49 17.20
CA PRO D 130 -0.70 -8.71 16.64
C PRO D 130 0.58 -8.70 17.47
N LEU D 131 0.61 -9.28 18.65
CA LEU D 131 1.84 -9.38 19.42
C LEU D 131 2.05 -10.80 19.91
N ALA D 132 3.30 -11.23 19.95
CA ALA D 132 3.64 -12.57 20.40
C ALA D 132 3.37 -12.75 21.89
N TYR D 133 3.21 -14.03 22.28
CA TYR D 133 2.87 -14.39 23.66
C TYR D 133 3.91 -13.90 24.67
N GLU D 134 5.20 -14.00 24.33
CA GLU D 134 6.24 -13.53 25.24
C GLU D 134 6.12 -12.05 25.54
N ILE D 135 5.62 -11.26 24.59
CA ILE D 135 5.40 -9.85 24.86
C ILE D 135 4.32 -9.66 25.91
N TRP D 136 3.21 -10.39 25.80
CA TRP D 136 2.16 -10.24 26.82
C TRP D 136 2.61 -10.71 28.20
N MET D 137 3.46 -11.73 28.30
CA MET D 137 4.07 -12.05 29.59
C MET D 137 4.96 -10.92 30.10
N CYS D 138 5.82 -10.38 29.26
CA CYS D 138 6.74 -9.36 29.73
C CYS D 138 6.01 -8.07 30.10
N ILE D 139 4.92 -7.75 29.40
CA ILE D 139 4.07 -6.62 29.78
C ILE D 139 3.44 -6.83 31.15
N VAL D 140 2.97 -8.04 31.44
CA VAL D 140 2.40 -8.29 32.77
C VAL D 140 3.46 -8.14 33.87
N PHE D 141 4.65 -8.72 33.65
CA PHE D 141 5.70 -8.58 34.66
C PHE D 141 6.17 -7.13 34.84
N ALA D 142 6.21 -6.35 33.76
CA ALA D 142 6.56 -4.95 33.89
C ALA D 142 5.53 -4.18 34.68
N TYR D 143 4.23 -4.45 34.44
CA TYR D 143 3.19 -3.79 35.22
C TYR D 143 3.29 -4.08 36.71
N ILE D 144 3.54 -5.35 37.08
CA ILE D 144 3.75 -5.67 38.49
C ILE D 144 4.96 -4.95 39.06
N GLY D 145 6.07 -4.96 38.32
CA GLY D 145 7.28 -4.34 38.84
C GLY D 145 7.14 -2.85 39.07
N VAL D 146 6.60 -2.13 38.09
CA VAL D 146 6.41 -0.70 38.23
C VAL D 146 5.50 -0.40 39.41
N SER D 147 4.43 -1.16 39.58
CA SER D 147 3.48 -0.83 40.64
C SER D 147 4.08 -1.03 42.03
N VAL D 148 4.84 -2.12 42.22
CA VAL D 148 5.45 -2.32 43.53
C VAL D 148 6.60 -1.35 43.81
N VAL D 149 7.41 -1.04 42.80
CA VAL D 149 8.47 -0.05 43.02
C VAL D 149 7.89 1.32 43.36
N LEU D 150 6.84 1.75 42.66
CA LEU D 150 6.21 3.02 42.97
C LEU D 150 5.57 3.04 44.36
N PHE D 151 5.07 1.92 44.85
CA PHE D 151 4.66 1.89 46.25
C PHE D 151 5.83 1.98 47.23
N LEU D 152 6.91 1.25 46.96
CA LEU D 152 8.06 1.28 47.86
C LEU D 152 8.73 2.64 47.94
N VAL D 153 8.87 3.33 46.80
CA VAL D 153 9.59 4.59 46.78
C VAL D 153 8.80 5.70 47.46
N SER D 154 7.51 5.77 47.20
CA SER D 154 6.64 6.60 48.03
C SER D 154 6.49 5.94 49.39
N ARG D 155 5.66 6.52 50.26
CA ARG D 155 5.14 5.83 51.42
C ARG D 155 6.23 5.13 52.22
N PHE D 156 7.35 5.81 52.45
CA PHE D 156 8.50 5.17 53.08
C PHE D 156 8.56 5.34 54.60
N SER D 157 7.71 6.19 55.17
CA SER D 157 7.60 6.39 56.62
C SER D 157 8.92 6.78 57.29
N PRO D 158 9.35 8.03 57.16
CA PRO D 158 10.62 8.43 57.79
C PRO D 158 10.57 8.28 59.30
N TYR D 159 11.70 7.87 59.88
CA TYR D 159 11.85 7.81 61.33
C TYR D 159 12.23 9.17 61.92
N SER D 160 2.95 14.70 60.39
CA SER D 160 2.91 13.26 60.25
C SER D 160 2.99 12.84 58.79
N GLU D 161 3.71 11.74 58.54
CA GLU D 161 3.79 11.19 57.19
C GLU D 161 2.44 10.59 56.78
N SER D 162 1.68 11.35 55.99
CA SER D 162 0.40 10.86 55.47
C SER D 162 0.18 11.28 54.02
N THR D 163 0.84 12.36 53.61
CA THR D 163 0.47 13.05 52.38
C THR D 163 0.59 12.17 51.15
N ASN D 164 1.55 11.24 51.14
CA ASN D 164 1.73 10.34 50.00
C ASN D 164 0.61 9.31 50.02
N GLU D 165 -0.41 9.54 49.20
CA GLU D 165 -1.63 8.73 49.20
C GLU D 165 -1.48 7.43 48.44
N PHE D 166 -0.28 7.16 47.90
CA PHE D 166 -0.05 5.99 47.06
C PHE D 166 0.17 4.72 47.89
N GLY D 167 -0.88 4.29 48.57
CA GLY D 167 -0.94 2.93 49.06
C GLY D 167 -0.87 1.95 47.90
N ILE D 168 -0.77 0.67 48.22
CA ILE D 168 -0.51 -0.32 47.17
C ILE D 168 -1.67 -0.39 46.18
N PHE D 169 -2.91 -0.36 46.67
CA PHE D 169 -4.06 -0.47 45.78
C PHE D 169 -4.25 0.76 44.91
N ASN D 170 -3.94 1.95 45.43
CA ASN D 170 -3.99 3.16 44.62
C ASN D 170 -2.85 3.24 43.62
N SER D 171 -1.66 2.74 43.99
CA SER D 171 -0.56 2.67 43.03
C SER D 171 -0.91 1.74 41.86
N LEU D 172 -1.51 0.60 42.17
CA LEU D 172 -1.86 -0.39 41.16
C LEU D 172 -2.92 0.16 40.20
N TRP D 173 -3.87 0.93 40.73
CA TRP D 173 -4.85 1.60 39.88
C TRP D 173 -4.22 2.72 39.04
N PHE D 174 -3.37 3.54 39.65
CA PHE D 174 -2.69 4.57 38.87
C PHE D 174 -1.93 3.99 37.69
N SER D 175 -1.19 2.89 37.91
CA SER D 175 -0.45 2.27 36.81
C SER D 175 -1.37 1.73 35.72
N LEU D 176 -2.54 1.21 36.11
CA LEU D 176 -3.45 0.69 35.08
C LEU D 176 -4.04 1.81 34.25
N GLY D 177 -4.51 2.86 34.93
CA GLY D 177 -5.06 4.00 34.20
C GLY D 177 -4.03 4.61 33.27
N ALA D 178 -2.81 4.81 33.75
CA ALA D 178 -1.77 5.37 32.90
C ALA D 178 -1.48 4.51 31.68
N PHE D 179 -1.57 3.18 31.81
CA PHE D 179 -1.33 2.35 30.61
C PHE D 179 -2.47 2.43 29.61
N MET D 180 -3.72 2.37 30.06
CA MET D 180 -4.82 2.43 29.10
C MET D 180 -5.04 3.83 28.53
N GLN D 181 -4.50 4.85 29.17
CA GLN D 181 -4.55 6.24 28.73
C GLN D 181 -5.90 6.93 28.95
N GLN D 182 -6.59 6.56 30.01
CA GLN D 182 -7.50 7.47 30.68
C GLN D 182 -6.79 8.16 31.83
N GLY D 183 -7.17 9.41 32.08
CA GLY D 183 -6.57 10.17 33.16
C GLY D 183 -6.92 9.64 34.53
N CYS D 184 -6.19 10.13 35.53
CA CYS D 184 -6.34 9.72 36.91
C CYS D 184 -6.32 10.93 37.81
N ASP D 185 -6.75 10.72 39.06
CA ASP D 185 -6.99 11.79 40.01
C ASP D 185 -5.83 12.08 40.96
N ILE D 186 -4.70 11.39 40.85
CA ILE D 186 -3.54 11.64 41.71
C ILE D 186 -2.27 11.54 40.90
N SER D 187 -1.22 12.21 41.36
CA SER D 187 0.08 12.26 40.71
C SER D 187 1.20 12.24 41.74
N PRO D 188 2.38 11.75 41.37
CA PRO D 188 3.39 11.39 42.38
C PRO D 188 3.91 12.51 43.28
N ARG D 189 3.99 13.76 42.79
CA ARG D 189 4.35 14.95 43.57
C ARG D 189 5.63 14.79 44.41
N SER D 190 6.57 13.94 44.00
CA SER D 190 7.89 13.89 44.62
C SER D 190 8.87 13.37 43.58
N LEU D 191 10.16 13.68 43.78
CA LEU D 191 11.12 13.57 42.67
C LEU D 191 11.23 12.15 42.14
N SER D 192 11.44 11.18 43.02
CA SER D 192 11.58 9.80 42.57
C SER D 192 10.27 9.24 42.01
N GLY D 193 9.15 9.65 42.58
CA GLY D 193 7.87 9.28 42.00
C GLY D 193 7.70 9.83 40.60
N ARG D 194 8.12 11.08 40.39
CA ARG D 194 8.03 11.67 39.06
C ARG D 194 8.93 10.95 38.06
N ILE D 195 10.09 10.44 38.50
CA ILE D 195 10.93 9.65 37.59
C ILE D 195 10.22 8.37 37.16
N VAL D 196 9.67 7.65 38.13
CA VAL D 196 8.97 6.40 37.81
C VAL D 196 7.78 6.65 36.88
N GLY D 197 7.02 7.71 37.15
CA GLY D 197 5.93 8.05 36.26
C GLY D 197 6.40 8.34 34.84
N GLY D 198 7.47 9.13 34.72
CA GLY D 198 7.93 9.50 33.39
C GLY D 198 8.35 8.30 32.55
N VAL D 199 9.09 7.37 33.15
CA VAL D 199 9.50 6.20 32.38
C VAL D 199 8.34 5.27 32.06
N TRP D 200 7.34 5.16 32.94
CA TRP D 200 6.17 4.37 32.56
C TRP D 200 5.35 5.02 31.46
N TRP D 201 5.28 6.34 31.42
CA TRP D 201 4.61 7.03 30.31
C TRP D 201 5.33 6.84 28.99
N PHE D 202 6.66 6.85 28.99
CA PHE D 202 7.37 6.61 27.74
C PHE D 202 7.19 5.17 27.25
N PHE D 203 7.31 4.19 28.15
CA PHE D 203 7.07 2.80 27.77
C PHE D 203 5.69 2.63 27.15
N THR D 204 4.67 3.13 27.85
CA THR D 204 3.28 2.99 27.37
C THR D 204 3.21 3.53 25.97
N LEU D 205 3.67 4.76 25.77
CA LEU D 205 3.60 5.42 24.44
C LEU D 205 4.16 4.47 23.37
N ILE D 206 5.36 3.94 23.58
CA ILE D 206 6.00 3.07 22.54
C ILE D 206 5.10 1.86 22.29
N ILE D 207 4.72 1.13 23.35
CA ILE D 207 3.91 -0.11 23.18
C ILE D 207 2.65 0.18 22.36
N ILE D 208 1.79 1.09 22.83
CA ILE D 208 0.49 1.33 22.13
C ILE D 208 0.74 1.76 20.68
N SER D 209 1.80 2.55 20.42
CA SER D 209 2.04 3.07 19.05
C SER D 209 2.55 1.95 18.12
N SER D 210 2.45 0.68 18.54
CA SER D 210 3.02 -0.42 17.73
C SER D 210 2.03 -1.59 17.75
N TYR D 211 0.84 -1.38 18.29
CA TYR D 211 -0.20 -2.43 18.29
C TYR D 211 -1.36 -1.88 17.52
N THR D 212 -1.48 -0.55 17.46
CA THR D 212 -2.58 0.10 16.72
C THR D 212 -2.13 0.44 15.33
N ALA D 213 -0.93 0.02 14.93
CA ALA D 213 -0.45 0.26 13.56
C ALA D 213 -1.30 -0.58 12.60
N ASN D 214 -1.31 -1.90 12.78
CA ASN D 214 -2.17 -2.77 11.94
C ASN D 214 -3.02 -3.67 12.84
N LEU D 215 -4.20 -3.20 13.25
CA LEU D 215 -5.09 -4.06 14.06
C LEU D 215 -6.19 -4.61 13.14
N ALA D 216 -6.72 -3.78 12.24
CA ALA D 216 -7.86 -4.22 11.40
C ALA D 216 -7.49 -5.48 10.62
N ALA D 217 -6.38 -5.44 9.89
CA ALA D 217 -5.99 -6.62 9.08
C ALA D 217 -6.07 -7.88 9.93
N PHE D 218 -5.38 -7.90 11.06
CA PHE D 218 -5.33 -9.15 11.87
C PHE D 218 -6.73 -9.57 12.26
N LEU D 219 -7.75 -8.77 11.96
CA LEU D 219 -9.10 -9.26 12.22
C LEU D 219 -9.74 -9.95 11.02
N THR D 220 -9.11 -9.91 9.83
CA THR D 220 -9.77 -10.33 8.59
C THR D 220 -8.86 -11.21 7.74
N VAL D 221 -8.04 -12.06 8.34
CA VAL D 221 -7.00 -12.76 7.59
C VAL D 221 -7.56 -13.90 6.75
N GLU D 222 -8.16 -14.91 7.41
CA GLU D 222 -8.55 -16.18 6.78
C GLU D 222 -7.38 -16.95 6.17
N ARG D 223 -7.32 -18.27 6.42
CA ARG D 223 -6.26 -19.11 5.88
C ARG D 223 -6.58 -20.59 6.00
N MET D 224 -6.37 -21.35 4.92
CA MET D 224 -6.66 -22.77 4.91
C MET D 224 -5.64 -23.57 5.73
N VAL D 225 -6.12 -24.59 6.41
CA VAL D 225 -5.28 -25.55 7.13
C VAL D 225 -5.50 -26.93 6.51
N SER D 226 -4.44 -27.52 5.98
CA SER D 226 -4.54 -28.82 5.35
C SER D 226 -4.59 -29.92 6.41
N PRO D 227 -5.29 -31.03 6.12
CA PRO D 227 -5.26 -32.16 7.06
C PRO D 227 -3.94 -32.92 7.05
N ILE D 228 -3.26 -33.01 5.91
CA ILE D 228 -1.97 -33.69 5.80
C ILE D 228 -1.08 -32.88 4.87
N GLU D 229 0.23 -32.95 5.14
CA GLU D 229 1.19 -32.23 4.31
C GLU D 229 2.39 -33.08 3.92
N SER D 230 2.88 -33.91 4.85
CA SER D 230 4.17 -34.56 4.68
C SER D 230 4.18 -35.63 3.60
N ALA D 231 3.01 -36.04 3.08
CA ALA D 231 2.90 -37.15 2.15
C ALA D 231 3.35 -38.47 2.78
N GLU D 232 3.71 -38.42 4.05
CA GLU D 232 4.06 -39.62 4.81
C GLU D 232 3.03 -39.90 5.90
N ASP D 233 2.25 -38.90 6.29
CA ASP D 233 1.26 -39.07 7.34
C ASP D 233 0.29 -40.21 7.04
N LEU D 234 -0.06 -40.37 5.76
CA LEU D 234 -0.91 -41.49 5.35
C LEU D 234 -0.33 -42.84 5.78
N SER D 235 0.99 -42.96 5.88
CA SER D 235 1.57 -44.19 6.41
C SER D 235 1.19 -44.41 7.87
N LYS D 236 1.01 -43.33 8.64
CA LYS D 236 0.78 -43.48 10.07
C LYS D 236 -0.64 -43.92 10.40
N GLN D 237 -1.61 -43.56 9.56
CA GLN D 237 -2.99 -43.47 10.01
C GLN D 237 -3.92 -44.15 9.00
N THR D 238 -5.12 -44.47 9.48
CA THR D 238 -6.11 -45.19 8.69
C THR D 238 -7.46 -44.49 8.62
N GLU D 239 -7.58 -43.26 9.14
CA GLU D 239 -8.84 -42.52 9.03
C GLU D 239 -9.11 -42.13 7.58
N ILE D 240 -8.08 -41.76 6.83
CA ILE D 240 -8.21 -41.36 5.43
C ILE D 240 -7.62 -42.47 4.56
N ALA D 241 -8.38 -42.88 3.55
CA ALA D 241 -7.96 -43.94 2.65
C ALA D 241 -7.40 -43.35 1.36
N TYR D 242 -6.50 -44.10 0.73
CA TYR D 242 -5.78 -43.65 -0.45
C TYR D 242 -5.55 -44.80 -1.40
N GLY D 243 -5.52 -44.50 -2.69
CA GLY D 243 -5.67 -45.50 -3.72
C GLY D 243 -5.06 -45.06 -5.03
N THR D 244 -4.66 -46.03 -5.84
CA THR D 244 -4.01 -45.80 -7.12
C THR D 244 -4.86 -46.36 -8.26
N LEU D 245 -4.63 -45.82 -9.45
CA LEU D 245 -5.13 -46.43 -10.67
C LEU D 245 -4.75 -47.90 -10.76
N ASP D 246 -5.65 -48.71 -11.31
CA ASP D 246 -5.37 -50.10 -11.57
C ASP D 246 -4.53 -50.25 -12.83
N SER D 247 -3.71 -51.31 -12.86
CA SER D 247 -2.91 -51.70 -14.02
C SER D 247 -1.87 -50.66 -14.44
N GLY D 248 -1.80 -49.53 -13.74
CA GLY D 248 -0.90 -48.47 -14.13
C GLY D 248 0.52 -48.68 -13.66
N SER D 249 1.41 -47.81 -14.12
CA SER D 249 2.80 -47.83 -13.67
C SER D 249 2.93 -47.58 -12.18
N THR D 250 2.05 -46.76 -11.61
CA THR D 250 2.14 -46.41 -10.20
C THR D 250 1.93 -47.63 -9.30
N LYS D 251 0.97 -48.47 -9.65
CA LYS D 251 0.74 -49.69 -8.89
C LYS D 251 1.95 -50.61 -8.92
N GLU D 252 2.56 -50.77 -10.09
CA GLU D 252 3.78 -51.56 -10.17
C GLU D 252 4.91 -50.93 -9.37
N PHE D 253 5.04 -49.61 -9.42
CA PHE D 253 6.07 -48.93 -8.63
C PHE D 253 5.93 -49.22 -7.14
N PHE D 254 4.71 -49.09 -6.61
CA PHE D 254 4.50 -49.42 -5.20
C PHE D 254 4.73 -50.89 -4.90
N ARG D 255 4.33 -51.78 -5.80
CA ARG D 255 4.61 -53.20 -5.60
C ARG D 255 6.11 -53.49 -5.53
N ARG D 256 6.87 -52.95 -6.48
CA ARG D 256 8.28 -53.27 -6.61
C ARG D 256 9.13 -52.64 -5.52
N SER D 257 8.72 -51.48 -5.01
CA SER D 257 9.55 -50.68 -4.13
C SER D 257 9.91 -51.43 -2.85
N LYS D 258 11.14 -51.24 -2.38
CA LYS D 258 11.60 -51.76 -1.11
C LYS D 258 11.91 -50.65 -0.11
N ILE D 259 11.42 -49.44 -0.37
CA ILE D 259 11.46 -48.38 0.63
C ILE D 259 10.40 -48.67 1.68
N ALA D 260 10.78 -48.55 2.96
CA ALA D 260 9.92 -49.02 4.03
C ALA D 260 8.56 -48.33 4.03
N VAL D 261 8.54 -47.01 3.86
CA VAL D 261 7.27 -46.29 3.87
C VAL D 261 6.39 -46.69 2.69
N PHE D 262 7.00 -46.90 1.51
CA PHE D 262 6.23 -47.37 0.36
C PHE D 262 5.78 -48.81 0.52
N ASP D 263 6.61 -49.65 1.12
CA ASP D 263 6.20 -51.03 1.37
C ASP D 263 5.05 -51.11 2.36
N LYS D 264 5.06 -50.25 3.38
CA LYS D 264 3.92 -50.14 4.29
C LYS D 264 2.66 -49.63 3.58
N MET D 265 2.80 -48.61 2.73
CA MET D 265 1.65 -48.15 1.96
C MET D 265 1.10 -49.25 1.05
N TRP D 266 1.97 -50.01 0.38
CA TRP D 266 1.49 -51.12 -0.43
C TRP D 266 0.80 -52.19 0.41
N THR D 267 1.35 -52.50 1.58
CA THR D 267 0.73 -53.48 2.47
C THR D 267 -0.65 -53.05 2.94
N TYR D 268 -0.84 -51.75 3.20
CA TYR D 268 -2.18 -51.24 3.42
C TYR D 268 -3.05 -51.36 2.18
N MET D 269 -2.56 -50.88 1.03
CA MET D 269 -3.38 -50.82 -0.16
C MET D 269 -3.81 -52.19 -0.65
N ARG D 270 -2.99 -53.22 -0.42
CA ARG D 270 -3.34 -54.56 -0.85
C ARG D 270 -4.22 -55.31 0.13
N SER D 271 -4.52 -54.73 1.29
CA SER D 271 -5.29 -55.43 2.33
C SER D 271 -6.53 -54.70 2.82
N ALA D 272 -6.60 -53.39 2.67
CA ALA D 272 -7.79 -52.66 3.09
C ALA D 272 -8.98 -53.01 2.19
N GLU D 273 -10.17 -52.88 2.76
CA GLU D 273 -11.41 -53.18 2.07
C GLU D 273 -12.44 -52.11 2.37
N PRO D 274 -13.33 -51.79 1.42
CA PRO D 274 -13.45 -52.33 0.06
C PRO D 274 -12.32 -51.85 -0.86
N SER D 275 -12.28 -52.35 -2.10
CA SER D 275 -11.15 -52.08 -2.99
C SER D 275 -10.99 -50.59 -3.22
N VAL D 276 -9.75 -50.11 -3.11
CA VAL D 276 -9.45 -48.70 -3.27
C VAL D 276 -9.09 -48.33 -4.71
N PHE D 277 -8.85 -49.31 -5.58
CA PHE D 277 -8.43 -49.02 -6.94
C PHE D 277 -9.64 -48.60 -7.78
N VAL D 278 -9.33 -47.96 -8.92
CA VAL D 278 -10.34 -47.47 -9.85
C VAL D 278 -9.93 -47.84 -11.25
N ARG D 279 -10.90 -47.92 -12.15
CA ARG D 279 -10.64 -48.35 -13.52
C ARG D 279 -10.17 -47.21 -14.41
N THR D 280 -10.47 -45.96 -14.06
CA THR D 280 -10.03 -44.81 -14.82
C THR D 280 -9.72 -43.65 -13.86
N THR D 281 -8.96 -42.69 -14.36
CA THR D 281 -8.66 -41.48 -13.58
C THR D 281 -9.94 -40.72 -13.23
N ALA D 282 -10.86 -40.60 -14.18
CA ALA D 282 -12.09 -39.87 -13.94
C ALA D 282 -12.88 -40.46 -12.78
N GLU D 283 -12.88 -41.78 -12.66
CA GLU D 283 -13.54 -42.43 -11.53
C GLU D 283 -12.83 -42.12 -10.22
N GLY D 284 -11.50 -42.02 -10.24
CA GLY D 284 -10.78 -41.63 -9.03
C GLY D 284 -11.07 -40.21 -8.60
N VAL D 285 -11.07 -39.27 -9.54
CA VAL D 285 -11.37 -37.88 -9.22
C VAL D 285 -12.80 -37.73 -8.72
N ALA D 286 -13.76 -38.40 -9.36
CA ALA D 286 -15.13 -38.38 -8.87
C ALA D 286 -15.24 -38.97 -7.47
N ARG D 287 -14.55 -40.07 -7.21
CA ARG D 287 -14.58 -40.65 -5.87
C ARG D 287 -13.96 -39.72 -4.82
N VAL D 288 -12.92 -38.98 -5.20
CA VAL D 288 -12.36 -37.96 -4.31
C VAL D 288 -13.40 -36.89 -4.00
N ARG D 289 -14.07 -36.37 -5.03
CA ARG D 289 -15.08 -35.34 -4.80
C ARG D 289 -16.24 -35.85 -3.93
N LYS D 290 -16.72 -37.06 -4.20
CA LYS D 290 -17.84 -37.59 -3.44
C LYS D 290 -17.50 -37.92 -1.99
N SER D 291 -16.26 -38.33 -1.72
CA SER D 291 -15.91 -38.88 -0.41
C SER D 291 -15.73 -37.82 0.66
N LYS D 292 -16.10 -36.57 0.38
CA LYS D 292 -16.10 -35.50 1.39
C LYS D 292 -14.76 -35.35 2.08
N GLY D 293 -13.67 -35.59 1.34
CA GLY D 293 -12.34 -35.46 1.89
C GLY D 293 -11.84 -36.66 2.65
N LYS D 294 -12.59 -37.75 2.70
CA LYS D 294 -12.15 -38.96 3.41
C LYS D 294 -11.24 -39.84 2.56
N TYR D 295 -11.09 -39.56 1.27
CA TYR D 295 -10.32 -40.41 0.36
C TYR D 295 -9.39 -39.55 -0.50
N ALA D 296 -8.17 -40.03 -0.67
CA ALA D 296 -7.17 -39.38 -1.51
C ALA D 296 -6.78 -40.29 -2.66
N TYR D 297 -6.36 -39.69 -3.78
CA TYR D 297 -6.02 -40.42 -4.99
C TYR D 297 -4.59 -40.10 -5.39
N LEU D 298 -3.88 -41.10 -5.89
CA LEU D 298 -2.48 -40.99 -6.28
C LEU D 298 -2.36 -41.04 -7.80
N LEU D 299 -1.82 -39.98 -8.39
CA LEU D 299 -1.89 -39.69 -9.82
C LEU D 299 -0.73 -38.76 -10.13
N GLU D 300 -0.34 -38.73 -11.40
CA GLU D 300 0.95 -38.19 -11.78
C GLU D 300 0.79 -36.74 -12.22
N SER D 301 1.77 -35.92 -11.85
CA SER D 301 1.56 -34.49 -11.60
C SER D 301 0.92 -33.76 -12.77
N THR D 302 1.17 -34.18 -14.00
CA THR D 302 0.51 -33.55 -15.15
C THR D 302 -1.01 -33.65 -15.07
N MET D 303 -1.52 -34.76 -14.54
CA MET D 303 -2.96 -34.85 -14.31
C MET D 303 -3.39 -33.92 -13.20
N ASN D 304 -2.66 -33.94 -12.08
CA ASN D 304 -3.07 -33.16 -10.92
C ASN D 304 -3.16 -31.68 -11.28
N GLU D 305 -2.12 -31.17 -11.93
CA GLU D 305 -2.10 -29.76 -12.31
C GLU D 305 -3.09 -29.44 -13.41
N TYR D 306 -3.37 -30.37 -14.34
CA TYR D 306 -4.48 -30.11 -15.26
C TYR D 306 -5.82 -30.00 -14.54
N ILE D 307 -6.14 -30.98 -13.68
CA ILE D 307 -7.39 -30.99 -12.95
C ILE D 307 -7.55 -29.75 -12.06
N GLU D 308 -6.46 -29.26 -11.50
CA GLU D 308 -6.53 -28.04 -10.69
C GLU D 308 -6.90 -26.80 -11.50
N GLN D 309 -6.52 -26.74 -12.78
CA GLN D 309 -6.95 -25.60 -13.59
C GLN D 309 -8.44 -25.61 -13.87
N ARG D 310 -9.05 -26.78 -13.95
CA ARG D 310 -10.44 -26.87 -14.40
C ARG D 310 -11.42 -26.62 -13.26
N LYS D 311 -12.63 -26.23 -13.64
CA LYS D 311 -13.74 -26.15 -12.70
C LYS D 311 -14.08 -27.55 -12.17
N PRO D 312 -14.72 -27.65 -10.99
CA PRO D 312 -15.17 -26.57 -10.10
C PRO D 312 -14.21 -26.19 -8.99
N CYS D 313 -12.89 -26.25 -9.21
CA CYS D 313 -11.88 -25.74 -8.29
C CYS D 313 -11.87 -26.43 -6.93
N ASP D 314 -12.66 -27.49 -6.76
CA ASP D 314 -12.83 -28.08 -5.43
C ASP D 314 -11.71 -29.04 -5.04
N THR D 315 -10.65 -29.13 -5.83
CA THR D 315 -9.64 -30.16 -5.67
C THR D 315 -8.24 -29.56 -5.80
N MET D 316 -7.29 -30.08 -5.01
CA MET D 316 -6.04 -29.38 -4.76
C MET D 316 -4.91 -30.39 -4.64
N LYS D 317 -3.70 -29.95 -4.98
CA LYS D 317 -2.49 -30.75 -4.84
C LYS D 317 -1.71 -30.37 -3.59
N VAL D 318 -1.21 -31.39 -2.88
CA VAL D 318 -0.36 -31.19 -1.71
C VAL D 318 0.90 -32.04 -1.84
N GLY D 319 2.01 -31.50 -1.36
CA GLY D 319 3.26 -32.23 -1.31
C GLY D 319 4.04 -32.21 -2.62
N GLY D 320 5.29 -32.68 -2.53
CA GLY D 320 6.16 -32.77 -3.67
C GLY D 320 6.05 -34.09 -4.41
N ASN D 321 6.82 -34.18 -5.49
CA ASN D 321 6.86 -35.40 -6.30
C ASN D 321 7.72 -36.45 -5.61
N LEU D 322 7.24 -37.70 -5.63
CA LEU D 322 7.96 -38.79 -4.97
C LEU D 322 9.08 -39.36 -5.82
N ASP D 323 9.11 -39.11 -7.12
CA ASP D 323 10.14 -39.65 -7.99
C ASP D 323 10.15 -38.86 -9.30
N SER D 324 11.00 -39.27 -10.23
CA SER D 324 11.10 -38.63 -11.53
C SER D 324 11.07 -39.68 -12.64
N LYS D 325 10.25 -39.44 -13.67
CA LYS D 325 10.04 -40.36 -14.77
C LYS D 325 9.78 -39.57 -16.03
N GLY D 326 10.09 -40.17 -17.18
CA GLY D 326 9.81 -39.57 -18.48
C GLY D 326 8.77 -40.30 -19.31
N TYR D 327 8.10 -39.55 -20.18
CA TYR D 327 7.22 -40.10 -21.21
C TYR D 327 7.97 -40.15 -22.54
N GLY D 328 7.83 -41.23 -23.26
CA GLY D 328 8.50 -41.37 -24.55
C GLY D 328 7.64 -42.08 -25.56
N ILE D 329 7.85 -41.72 -26.83
CA ILE D 329 7.18 -42.40 -27.95
C ILE D 329 7.68 -43.83 -28.02
N ALA D 330 6.77 -44.75 -28.30
CA ALA D 330 7.11 -46.17 -28.36
C ALA D 330 6.93 -46.69 -29.77
N THR D 331 7.84 -47.56 -30.17
CA THR D 331 7.99 -48.08 -31.53
C THR D 331 8.45 -49.53 -31.39
N PRO D 332 8.18 -50.37 -32.37
CA PRO D 332 8.36 -51.81 -32.13
C PRO D 332 9.70 -52.29 -32.64
N LYS D 333 10.29 -53.25 -31.93
CA LYS D 333 11.72 -53.53 -32.02
C LYS D 333 12.17 -53.79 -33.45
N GLY D 334 13.19 -53.05 -33.89
CA GLY D 334 13.75 -53.19 -35.20
C GLY D 334 13.03 -52.46 -36.32
N SER D 335 11.96 -51.74 -36.02
CA SER D 335 11.30 -50.94 -37.04
C SER D 335 12.19 -49.77 -37.45
N SER D 336 12.15 -49.42 -38.73
CA SER D 336 13.00 -48.37 -39.26
C SER D 336 12.61 -46.98 -38.75
N LEU D 337 11.43 -46.82 -38.16
CA LEU D 337 10.97 -45.51 -37.71
C LEU D 337 11.75 -44.97 -36.53
N GLY D 338 12.48 -45.82 -35.81
CA GLY D 338 12.98 -45.43 -34.50
C GLY D 338 13.90 -44.22 -34.53
N THR D 339 14.89 -44.24 -35.41
CA THR D 339 15.84 -43.12 -35.49
C THR D 339 15.25 -41.83 -36.07
N PRO D 340 14.46 -41.84 -37.15
CA PRO D 340 13.87 -40.57 -37.59
C PRO D 340 12.88 -39.98 -36.62
N VAL D 341 12.10 -40.82 -35.92
CA VAL D 341 11.22 -40.32 -34.88
C VAL D 341 12.02 -39.74 -33.71
N ASN D 342 13.08 -40.45 -33.28
CA ASN D 342 13.91 -39.95 -32.19
C ASN D 342 14.53 -38.59 -32.52
N LEU D 343 15.14 -38.49 -33.70
CA LEU D 343 15.74 -37.22 -34.11
C LEU D 343 14.69 -36.13 -34.27
N ALA D 344 13.48 -36.49 -34.71
CA ALA D 344 12.39 -35.51 -34.73
C ALA D 344 12.01 -35.02 -33.34
N VAL D 345 12.01 -35.93 -32.35
CA VAL D 345 11.71 -35.52 -30.99
C VAL D 345 12.77 -34.55 -30.47
N LEU D 346 14.05 -34.86 -30.70
CA LEU D 346 15.10 -33.92 -30.31
C LEU D 346 14.94 -32.56 -30.99
N LYS D 347 14.74 -32.57 -32.31
CA LYS D 347 14.60 -31.30 -33.04
C LYS D 347 13.42 -30.48 -32.51
N LEU D 348 12.26 -31.12 -32.31
CA LEU D 348 11.10 -30.42 -31.77
C LEU D 348 11.34 -29.88 -30.37
N SER D 349 12.07 -30.62 -29.52
CA SER D 349 12.37 -30.13 -28.19
C SER D 349 13.33 -28.95 -28.22
N GLU D 350 14.29 -28.96 -29.15
CA GLU D 350 15.22 -27.84 -29.26
C GLU D 350 14.57 -26.60 -29.87
N GLN D 351 13.71 -26.78 -30.86
CA GLN D 351 12.94 -25.65 -31.39
C GLN D 351 12.00 -25.04 -30.35
N GLY D 352 11.47 -25.85 -29.44
CA GLY D 352 10.56 -25.35 -28.43
C GLY D 352 9.08 -25.50 -28.75
N VAL D 353 8.75 -26.33 -29.74
CA VAL D 353 7.34 -26.57 -30.08
C VAL D 353 6.59 -27.18 -28.91
N LEU D 354 7.25 -28.08 -28.18
CA LEU D 354 6.61 -28.77 -27.06
C LEU D 354 6.24 -27.82 -25.93
N ASP D 355 7.02 -26.77 -25.70
CA ASP D 355 6.62 -25.76 -24.72
C ASP D 355 5.39 -24.98 -25.17
N LYS D 356 5.34 -24.61 -26.45
CA LYS D 356 4.17 -23.90 -26.97
C LYS D 356 2.91 -24.73 -26.84
N LEU D 357 2.97 -26.01 -27.23
CA LEU D 357 1.82 -26.90 -27.06
C LEU D 357 1.48 -27.13 -25.59
N LYS D 358 2.48 -27.17 -24.72
CA LYS D 358 2.22 -27.31 -23.30
C LYS D 358 1.42 -26.14 -22.75
N ASN D 359 1.86 -24.92 -23.07
CA ASN D 359 1.11 -23.73 -22.65
C ASN D 359 -0.29 -23.72 -23.26
N LYS D 360 -0.39 -24.03 -24.55
CA LYS D 360 -1.67 -23.97 -25.25
C LYS D 360 -2.69 -24.91 -24.62
N TRP D 361 -2.34 -26.18 -24.41
CA TRP D 361 -3.31 -27.11 -23.87
C TRP D 361 -3.51 -26.94 -22.36
N TRP D 362 -2.45 -26.90 -21.55
CA TRP D 362 -2.67 -26.79 -20.11
C TRP D 362 -3.11 -25.40 -19.69
N TYR D 363 -2.29 -24.38 -19.95
CA TYR D 363 -2.49 -23.10 -19.29
C TYR D 363 -3.54 -22.24 -19.99
N ASP D 364 -3.51 -22.17 -21.31
CA ASP D 364 -4.39 -21.26 -22.03
C ASP D 364 -5.86 -21.64 -21.91
N LYS D 365 -6.18 -22.85 -21.48
CA LYS D 365 -7.56 -23.26 -21.22
C LYS D 365 -7.91 -23.24 -19.74
N GLY D 366 -7.14 -22.52 -18.92
CA GLY D 366 -7.47 -22.41 -17.52
C GLY D 366 -8.67 -21.51 -17.29
N GLU D 367 -9.49 -21.89 -16.30
CA GLU D 367 -10.69 -21.15 -15.97
C GLU D 367 -10.92 -20.96 -14.48
N CYS D 368 -10.17 -21.64 -13.61
CA CYS D 368 -10.46 -21.59 -12.18
C CYS D 368 -10.18 -20.21 -11.61
N GLY D 369 -11.01 -19.80 -10.65
CA GLY D 369 -10.85 -18.51 -10.01
C GLY D 369 -9.52 -18.32 -9.33
N ALA D 370 -8.93 -19.41 -8.82
CA ALA D 370 -7.60 -19.34 -8.21
C ALA D 370 -6.56 -18.73 -9.15
N LYS D 371 -6.75 -18.91 -10.46
CA LYS D 371 -5.80 -18.34 -11.42
C LYS D 371 -5.83 -16.82 -11.38
N ASP D 372 -6.97 -16.22 -11.06
CA ASP D 372 -7.16 -14.78 -11.18
C ASP D 372 -7.57 -14.09 -9.89
N SER D 373 -8.09 -14.83 -8.91
CA SER D 373 -8.69 -14.20 -7.72
C SER D 373 -7.69 -13.32 -6.97
N GLY D 374 -6.41 -13.65 -7.00
CA GLY D 374 -5.40 -12.82 -6.35
C GLY D 374 -5.41 -11.37 -6.76
N SER D 375 -5.81 -11.10 -8.02
CA SER D 375 -5.98 -9.72 -8.48
C SER D 375 -6.98 -8.92 -7.64
N LYS D 376 -7.91 -9.60 -6.96
CA LYS D 376 -9.05 -8.92 -6.34
C LYS D 376 -8.61 -7.79 -5.41
N GLU D 377 -9.42 -6.73 -5.40
CA GLU D 377 -9.13 -5.51 -4.64
C GLU D 377 -9.22 -5.75 -3.13
N LYS D 378 -8.86 -4.69 -2.39
CA LYS D 378 -8.75 -4.75 -0.94
C LYS D 378 -10.12 -4.94 -0.28
N THR D 379 -10.07 -5.30 1.00
CA THR D 379 -11.25 -5.55 1.82
C THR D 379 -11.96 -4.24 2.18
N SER D 380 -13.13 -4.37 2.80
CA SER D 380 -13.90 -3.22 3.23
C SER D 380 -14.75 -3.59 4.45
N ALA D 381 -15.23 -2.56 5.14
CA ALA D 381 -16.09 -2.67 6.31
C ALA D 381 -15.48 -3.53 7.42
N LEU D 382 -16.26 -3.85 8.44
CA LEU D 382 -15.78 -4.65 9.57
C LEU D 382 -17.00 -5.19 10.31
N SER D 383 -17.26 -6.48 10.16
CA SER D 383 -18.51 -7.07 10.62
C SER D 383 -18.43 -7.49 12.09
N LEU D 384 -19.60 -7.74 12.68
CA LEU D 384 -19.73 -8.04 14.10
C LEU D 384 -19.03 -9.33 14.49
N SER D 385 -18.99 -10.32 13.60
CA SER D 385 -18.28 -11.55 13.90
C SER D 385 -16.81 -11.31 14.19
N ASN D 386 -16.22 -10.29 13.58
CA ASN D 386 -14.84 -9.94 13.89
C ASN D 386 -14.66 -9.41 15.31
N VAL D 387 -15.67 -8.75 15.86
CA VAL D 387 -15.52 -8.01 17.11
C VAL D 387 -16.20 -8.69 18.29
N ALA D 388 -17.02 -9.72 18.07
CA ALA D 388 -17.85 -10.29 19.13
C ALA D 388 -17.03 -10.73 20.34
N GLY D 389 -15.80 -11.15 20.15
CA GLY D 389 -14.96 -11.56 21.27
C GLY D 389 -14.81 -10.54 22.37
N VAL D 390 -14.76 -9.26 22.02
CA VAL D 390 -14.65 -8.18 23.00
C VAL D 390 -15.92 -7.99 23.83
N PHE D 391 -17.09 -8.25 23.27
CA PHE D 391 -18.33 -8.14 24.04
C PHE D 391 -18.45 -9.21 25.12
N TYR D 392 -18.00 -10.43 24.85
CA TYR D 392 -18.07 -11.51 25.84
C TYR D 392 -17.27 -11.20 27.11
N ILE D 393 -16.06 -10.67 26.97
CA ILE D 393 -15.28 -10.37 28.17
C ILE D 393 -15.87 -9.20 28.94
N LEU D 394 -16.49 -8.25 28.24
CA LEU D 394 -17.18 -7.16 28.94
C LEU D 394 -18.32 -7.68 29.78
N VAL D 395 -19.20 -8.50 29.21
CA VAL D 395 -20.34 -8.96 30.00
C VAL D 395 -19.90 -9.90 31.13
N GLY D 396 -18.85 -10.70 30.91
CA GLY D 396 -18.30 -11.46 32.01
C GLY D 396 -17.76 -10.60 33.14
N GLY D 397 -17.12 -9.47 32.79
CA GLY D 397 -16.66 -8.57 33.82
C GLY D 397 -17.78 -7.91 34.61
N LEU D 398 -18.89 -7.59 33.95
CA LEU D 398 -20.02 -7.05 34.70
C LEU D 398 -20.65 -8.08 35.63
N GLY D 399 -20.72 -9.34 35.20
CA GLY D 399 -21.22 -10.38 36.07
C GLY D 399 -20.34 -10.62 37.29
N LEU D 400 -19.03 -10.62 37.08
CA LEU D 400 -18.11 -10.75 38.22
C LEU D 400 -18.21 -9.55 39.16
N ALA D 401 -18.35 -8.34 38.62
CA ALA D 401 -18.50 -7.17 39.49
C ALA D 401 -19.71 -7.29 40.40
N MET D 402 -20.84 -7.77 39.87
CA MET D 402 -21.99 -7.96 40.75
C MET D 402 -21.78 -9.06 41.78
N LEU D 403 -21.17 -10.17 41.39
CA LEU D 403 -20.88 -11.23 42.37
C LEU D 403 -19.99 -10.74 43.52
N VAL D 404 -18.92 -10.01 43.19
CA VAL D 404 -18.06 -9.45 44.22
C VAL D 404 -18.80 -8.46 45.12
N ALA D 405 -19.67 -7.64 44.54
CA ALA D 405 -20.40 -6.70 45.37
C ALA D 405 -21.33 -7.42 46.34
N LEU D 406 -21.99 -8.49 45.88
CA LEU D 406 -22.95 -9.16 46.77
C LEU D 406 -22.26 -9.94 47.88
N ILE D 407 -21.11 -10.56 47.61
CA ILE D 407 -20.39 -11.17 48.72
C ILE D 407 -19.89 -10.12 49.71
N GLU D 408 -19.40 -8.98 49.22
CA GLU D 408 -18.90 -7.95 50.12
C GLU D 408 -20.02 -7.43 51.02
N PHE D 409 -21.19 -7.15 50.44
CA PHE D 409 -22.33 -6.69 51.24
C PHE D 409 -22.77 -7.73 52.27
N CYS D 410 -22.98 -8.99 51.84
CA CYS D 410 -23.50 -9.95 52.79
C CYS D 410 -22.50 -10.30 53.89
N TYR D 411 -21.21 -10.28 53.58
CA TYR D 411 -20.20 -10.39 54.64
C TYR D 411 -20.25 -9.22 55.61
N LYS D 412 -20.34 -8.00 55.10
CA LYS D 412 -20.38 -6.84 55.97
C LYS D 412 -21.63 -6.80 56.86
N SER D 413 -22.78 -7.29 56.37
CA SER D 413 -24.01 -7.16 57.13
C SER D 413 -24.09 -8.11 58.32
N ARG D 414 -23.32 -9.19 58.34
CA ARG D 414 -23.40 -10.13 59.46
C ARG D 414 -22.09 -10.88 59.70
N ARG E 1 22.65 32.54 50.23
CA ARG E 1 22.72 33.99 50.38
C ARG E 1 24.07 34.51 49.88
N GLY E 2 24.04 35.56 49.07
CA GLY E 2 25.28 36.18 48.64
C GLY E 2 26.02 35.38 47.58
N VAL E 3 26.29 34.11 47.88
CA VAL E 3 27.06 33.25 46.96
C VAL E 3 26.37 33.12 45.60
N GLN E 4 25.03 33.20 45.56
CA GLN E 4 24.32 33.18 44.28
C GLN E 4 24.82 34.27 43.35
N MET E 5 25.24 35.41 43.90
CA MET E 5 25.77 36.47 43.06
C MET E 5 27.11 36.09 42.45
N LEU E 6 27.91 35.28 43.14
CA LEU E 6 29.12 34.72 42.53
C LEU E 6 28.79 33.75 41.40
N LEU E 7 27.88 32.81 41.64
CA LEU E 7 27.53 31.78 40.67
C LEU E 7 26.86 32.33 39.41
N THR E 8 26.10 33.41 39.51
CA THR E 8 25.57 34.02 38.30
C THR E 8 26.64 34.71 37.48
N THR E 9 27.57 35.42 38.13
CA THR E 9 28.63 36.07 37.36
C THR E 9 29.58 35.06 36.73
N VAL E 10 29.88 33.97 37.44
CA VAL E 10 30.69 32.90 36.88
C VAL E 10 29.97 32.21 35.71
N GLY E 11 28.68 31.93 35.86
CA GLY E 11 27.95 31.34 34.75
C GLY E 11 27.87 32.24 33.54
N ALA E 12 27.64 33.54 33.76
CA ALA E 12 27.57 34.47 32.65
C ALA E 12 28.89 34.57 31.90
N PHE E 13 30.01 34.64 32.63
CA PHE E 13 31.30 34.71 31.95
C PHE E 13 31.65 33.41 31.23
N ALA E 14 31.28 32.26 31.79
CA ALA E 14 31.48 31.00 31.08
C ALA E 14 30.67 30.95 29.79
N ALA E 15 29.39 31.30 29.86
CA ALA E 15 28.55 31.29 28.68
C ALA E 15 29.08 32.23 27.59
N PHE E 16 29.50 33.43 27.99
CA PHE E 16 30.05 34.37 27.02
C PHE E 16 31.31 33.82 26.35
N SER E 17 32.24 33.27 27.15
CA SER E 17 33.46 32.72 26.56
C SER E 17 33.18 31.57 25.59
N LEU E 18 32.29 30.65 25.98
CA LEU E 18 31.94 29.54 25.10
C LEU E 18 31.30 30.01 23.80
N MET E 19 30.37 30.96 23.88
CA MET E 19 29.72 31.39 22.66
C MET E 19 30.69 32.13 21.74
N THR E 20 31.49 33.03 22.29
CA THR E 20 32.39 33.81 21.45
C THR E 20 33.48 32.94 20.83
N ILE E 21 33.95 31.89 21.51
CA ILE E 21 34.84 30.93 20.86
C ILE E 21 34.11 30.12 19.79
N ALA E 22 32.85 29.77 20.04
CA ALA E 22 32.10 29.00 19.04
C ALA E 22 31.83 29.78 17.76
N VAL E 23 31.66 31.11 17.84
CA VAL E 23 31.46 31.89 16.63
C VAL E 23 32.76 32.01 15.82
N GLY E 24 33.91 32.02 16.48
CA GLY E 24 35.16 32.29 15.78
C GLY E 24 36.06 31.10 15.50
N THR E 25 35.49 29.92 15.28
CA THR E 25 36.30 28.75 14.98
C THR E 25 35.70 28.01 13.80
N ASP E 26 36.55 27.22 13.13
CA ASP E 26 36.31 26.76 11.77
C ASP E 26 35.86 25.30 11.70
N TYR E 27 35.28 24.76 12.77
CA TYR E 27 35.07 23.31 12.89
C TYR E 27 33.62 22.99 13.28
N TRP E 28 32.68 23.52 12.51
CA TRP E 28 31.29 23.18 12.75
C TRP E 28 30.91 21.85 12.09
N LEU E 29 31.47 21.56 10.91
CA LEU E 29 30.96 20.49 10.06
C LEU E 29 32.11 19.88 9.26
N TYR E 30 31.95 18.62 8.87
CA TYR E 30 32.88 17.94 7.99
C TYR E 30 32.19 17.54 6.68
N SER E 31 32.89 17.76 5.57
CA SER E 31 32.31 17.68 4.23
C SER E 31 33.44 17.45 3.23
N ARG E 32 33.07 16.84 2.09
CA ARG E 32 34.02 16.58 1.02
C ARG E 32 33.85 17.65 -0.06
N GLY E 33 34.90 18.43 -0.28
CA GLY E 33 34.83 19.54 -1.21
C GLY E 33 36.21 19.98 -1.65
N VAL E 34 36.29 20.63 -2.80
CA VAL E 34 37.55 21.15 -3.31
C VAL E 34 37.70 22.62 -2.90
N CYS E 35 38.86 22.94 -2.35
CA CYS E 35 39.21 24.32 -2.00
C CYS E 35 39.73 25.10 -3.20
N LYS E 36 38.96 25.14 -4.28
CA LYS E 36 39.37 25.87 -5.48
C LYS E 36 39.44 27.37 -5.22
N GLU E 37 37.16 12.98 -3.73
CA GLU E 37 37.40 14.34 -3.27
C GLU E 37 38.26 14.36 -2.02
N VAL E 38 38.72 15.54 -1.64
CA VAL E 38 39.51 15.72 -0.43
C VAL E 38 38.58 16.19 0.67
N MET E 39 38.99 15.96 1.92
CA MET E 39 38.13 16.20 3.07
C MET E 39 38.31 17.62 3.57
N THR E 40 37.25 18.16 4.18
CA THR E 40 37.20 19.55 4.56
C THR E 40 36.49 19.69 5.90
N HIS E 41 36.84 20.77 6.60
CA HIS E 41 36.12 21.21 7.78
C HIS E 41 35.71 22.67 7.59
N SER E 42 34.55 23.03 8.15
CA SER E 42 33.90 24.29 7.80
C SER E 42 33.41 25.04 9.04
N GLY E 43 33.57 26.36 9.02
CA GLY E 43 32.90 27.23 9.96
C GLY E 43 31.69 27.90 9.35
N LEU E 44 31.19 28.92 10.05
CA LEU E 44 30.10 29.74 9.52
C LEU E 44 30.54 30.51 8.28
N TRP E 45 31.77 31.02 8.29
CA TRP E 45 32.26 31.95 7.27
C TRP E 45 33.16 31.31 6.23
N ARG E 46 33.99 30.35 6.60
CA ARG E 46 35.09 29.94 5.74
C ARG E 46 35.29 28.44 5.84
N THR E 47 35.84 27.87 4.77
CA THR E 47 36.09 26.43 4.69
C THR E 47 37.57 26.20 4.42
N CYS E 48 38.11 25.16 5.05
CA CYS E 48 39.51 24.77 4.87
C CYS E 48 39.60 23.30 4.53
N CYS E 49 40.63 22.95 3.78
CA CYS E 49 40.89 21.58 3.35
C CYS E 49 41.95 20.94 4.24
N LEU E 50 41.80 19.66 4.52
CA LEU E 50 42.78 18.92 5.31
C LEU E 50 42.97 17.55 4.68
N GLU E 51 43.99 16.83 5.18
CA GLU E 51 44.31 15.48 4.72
C GLU E 51 44.57 15.48 3.21
N GLY E 52 45.49 16.32 2.78
CA GLY E 52 45.85 16.37 1.37
C GLY E 52 47.01 17.31 1.14
N ASN E 53 47.38 17.44 -0.13
CA ASN E 53 48.49 18.32 -0.50
C ASN E 53 48.17 19.78 -0.23
N PHE E 54 46.88 20.13 -0.25
CA PHE E 54 46.44 21.49 0.02
C PHE E 54 46.15 21.74 1.49
N LYS E 55 46.62 20.87 2.38
CA LYS E 55 46.30 20.98 3.80
C LYS E 55 46.65 22.36 4.33
N GLY E 56 45.66 23.00 4.95
CA GLY E 56 45.79 24.35 5.46
C GLY E 56 45.37 25.44 4.50
N LEU E 57 45.10 25.11 3.24
CA LEU E 57 44.49 26.09 2.34
C LEU E 57 43.03 26.31 2.71
N CYS E 58 42.58 27.56 2.57
CA CYS E 58 41.22 27.92 2.94
C CYS E 58 40.63 28.84 1.87
N LYS E 59 39.31 28.81 1.78
CA LYS E 59 38.55 29.71 0.92
C LYS E 59 37.32 30.19 1.68
N GLN E 60 36.83 31.37 1.30
CA GLN E 60 35.64 31.95 1.90
C GLN E 60 34.46 31.66 0.98
N ILE E 61 33.48 30.92 1.49
CA ILE E 61 32.44 30.34 0.65
C ILE E 61 31.45 31.40 0.22
N ASP E 62 31.01 31.32 -1.02
CA ASP E 62 29.93 32.16 -1.53
C ASP E 62 28.60 31.53 -1.14
N HIS E 63 27.88 32.18 -0.23
CA HIS E 63 26.58 31.65 0.21
C HIS E 63 25.53 31.72 -0.88
N PHE E 64 25.75 32.50 -1.93
CA PHE E 64 24.78 32.61 -3.02
C PHE E 64 25.29 31.88 -4.27
N ALA E 65 10.07 32.44 1.08
CA ALA E 65 10.95 32.08 -0.02
C ALA E 65 12.31 31.62 0.48
N GLU E 66 13.03 30.86 -0.35
CA GLU E 66 14.34 30.37 0.02
C GLU E 66 15.36 31.50 0.15
N TYR E 67 15.21 32.57 -0.64
CA TYR E 67 16.19 33.65 -0.62
C TYR E 67 16.31 34.27 0.78
N PHE E 68 15.21 34.37 1.52
CA PHE E 68 15.29 34.85 2.89
C PHE E 68 16.11 33.91 3.76
N LEU E 69 15.98 32.60 3.54
CA LEU E 69 16.81 31.64 4.25
C LEU E 69 18.28 31.82 3.92
N ARG E 70 18.59 32.01 2.64
CA ARG E 70 19.97 32.28 2.24
C ARG E 70 20.52 33.56 2.87
N ALA E 71 19.73 34.62 2.90
CA ALA E 71 20.17 35.88 3.50
C ALA E 71 20.40 35.76 5.01
N VAL E 72 19.49 35.08 5.72
CA VAL E 72 19.68 34.86 7.15
C VAL E 72 20.92 34.00 7.41
N ARG E 73 21.07 32.91 6.67
CA ARG E 73 22.27 32.07 6.83
C ARG E 73 23.54 32.84 6.53
N ALA E 74 23.55 33.65 5.48
CA ALA E 74 24.75 34.40 5.11
C ALA E 74 25.11 35.45 6.16
N SER E 75 24.12 36.20 6.64
CA SER E 75 24.41 37.18 7.68
C SER E 75 24.69 36.54 9.04
N SER E 76 24.03 35.41 9.36
CA SER E 76 24.19 34.76 10.67
C SER E 76 23.87 35.74 11.80
N ILE E 77 22.79 36.49 11.65
CA ILE E 77 22.43 37.53 12.61
C ILE E 77 22.15 36.96 13.99
N PHE E 78 21.50 35.78 14.07
CA PHE E 78 21.11 35.23 15.37
C PHE E 78 22.26 34.87 16.29
N PRO E 79 23.32 34.18 15.86
CA PRO E 79 24.50 34.06 16.73
C PRO E 79 25.07 35.38 17.24
N ILE E 80 25.18 36.38 16.38
CA ILE E 80 25.72 37.67 16.81
C ILE E 80 24.79 38.35 17.82
N LEU E 81 23.48 38.26 17.61
CA LEU E 81 22.54 38.75 18.61
C LEU E 81 22.72 38.05 19.95
N SER E 82 22.84 36.72 19.93
CA SER E 82 23.00 36.00 21.18
C SER E 82 24.26 36.43 21.92
N VAL E 83 25.35 36.66 21.19
CA VAL E 83 26.57 37.17 21.81
C VAL E 83 26.36 38.56 22.39
N ILE E 84 25.65 39.42 21.67
CA ILE E 84 25.39 40.76 22.17
C ILE E 84 24.57 40.71 23.46
N LEU E 85 23.52 39.89 23.46
CA LEU E 85 22.65 39.84 24.63
C LEU E 85 23.35 39.25 25.85
N LEU E 86 24.25 38.29 25.66
CA LEU E 86 25.09 37.84 26.77
C LEU E 86 26.00 38.95 27.29
N PHE E 87 26.51 39.81 26.39
CA PHE E 87 27.30 40.95 26.87
C PHE E 87 26.44 41.98 27.62
N MET E 88 25.23 42.25 27.14
CA MET E 88 24.31 43.12 27.87
C MET E 88 23.96 42.57 29.26
N GLY E 89 23.69 41.28 29.35
CA GLY E 89 23.44 40.68 30.66
C GLY E 89 24.61 40.79 31.61
N GLY E 90 25.82 40.49 31.12
CA GLY E 90 27.00 40.70 31.93
C GLY E 90 27.15 42.13 32.40
N LEU E 91 26.91 43.09 31.52
CA LEU E 91 26.91 44.50 31.91
C LEU E 91 25.92 44.78 33.03
N CYS E 92 24.72 44.21 32.93
CA CYS E 92 23.69 44.47 33.94
C CYS E 92 24.05 43.89 35.31
N ILE E 93 24.48 42.63 35.36
CA ILE E 93 24.78 42.03 36.66
C ILE E 93 26.00 42.68 37.32
N ALA E 94 27.01 43.07 36.54
CA ALA E 94 28.13 43.82 37.11
C ALA E 94 27.68 45.16 37.70
N ALA E 95 26.85 45.89 36.97
CA ALA E 95 26.32 47.16 37.46
C ALA E 95 25.39 46.96 38.66
N SER E 96 24.67 45.84 38.70
CA SER E 96 23.74 45.58 39.79
C SER E 96 24.43 45.53 41.15
N GLU E 97 25.70 45.14 41.19
CA GLU E 97 26.47 45.30 42.42
C GLU E 97 26.53 46.74 42.89
N PHE E 98 26.51 47.70 41.98
CA PHE E 98 26.38 49.09 42.37
C PHE E 98 24.92 49.53 42.23
N TYR E 99 24.62 50.75 42.67
CA TYR E 99 23.25 51.28 42.66
C TYR E 99 22.27 50.30 43.30
N LYS E 100 22.66 49.74 44.45
CA LYS E 100 21.81 48.78 45.14
C LYS E 100 20.45 49.36 45.44
N THR E 101 19.48 48.46 45.69
CA THR E 101 18.10 48.79 46.04
C THR E 101 17.29 49.36 44.88
N ARG E 102 17.65 49.05 43.64
CA ARG E 102 16.72 49.32 42.53
C ARG E 102 15.99 48.09 42.05
N HIS E 103 16.57 46.90 42.20
CA HIS E 103 15.90 45.62 41.97
C HIS E 103 15.36 45.40 40.57
N ASN E 104 15.48 46.38 39.67
CA ASN E 104 14.99 46.19 38.31
C ASN E 104 16.09 45.64 37.40
N ILE E 105 17.33 45.99 37.72
CA ILE E 105 18.48 45.51 36.96
C ILE E 105 18.48 43.98 36.86
N ILE E 106 18.21 43.29 37.97
CA ILE E 106 18.22 41.83 37.93
C ILE E 106 17.06 41.26 37.12
N LEU E 107 15.92 41.94 37.11
CA LEU E 107 14.83 41.57 36.21
C LEU E 107 15.25 41.66 34.75
N SER E 108 15.86 42.78 34.37
CA SER E 108 16.29 42.94 32.98
C SER E 108 17.39 41.95 32.61
N ALA E 109 18.29 41.64 33.55
CA ALA E 109 19.30 40.61 33.30
C ALA E 109 18.67 39.26 33.01
N GLY E 110 17.70 38.84 33.83
CA GLY E 110 17.01 37.59 33.57
C GLY E 110 16.30 37.55 32.21
N ILE E 111 15.74 38.68 31.80
CA ILE E 111 15.14 38.73 30.47
C ILE E 111 16.19 38.64 29.37
N PHE E 112 17.35 39.26 29.57
CA PHE E 112 18.41 39.17 28.55
C PHE E 112 18.89 37.73 28.39
N PHE E 113 19.15 37.04 29.48
CA PHE E 113 19.61 35.65 29.37
C PHE E 113 18.59 34.72 28.73
N VAL E 114 17.31 34.82 29.13
CA VAL E 114 16.31 33.97 28.49
C VAL E 114 16.21 34.26 27.00
N SER E 115 16.13 35.54 26.62
CA SER E 115 16.00 35.86 25.20
C SER E 115 17.22 35.47 24.38
N ALA E 116 18.42 35.57 24.95
CA ALA E 116 19.61 35.05 24.26
C ALA E 116 19.53 33.55 24.04
N GLY E 117 18.98 32.81 25.00
CA GLY E 117 18.80 31.38 24.77
C GLY E 117 17.87 31.07 23.61
N LEU E 118 16.74 31.77 23.55
CA LEU E 118 15.83 31.57 22.40
C LEU E 118 16.49 31.93 21.08
N SER E 119 17.26 33.02 21.06
CA SER E 119 17.96 33.40 19.83
C SER E 119 18.94 32.33 19.39
N ASN E 120 19.65 31.72 20.34
CA ASN E 120 20.57 30.64 20.01
C ASN E 120 19.84 29.43 19.41
N ILE E 121 18.66 29.10 19.94
CA ILE E 121 17.90 28.01 19.35
C ILE E 121 17.52 28.30 17.90
N ILE E 122 17.06 29.52 17.62
CA ILE E 122 16.71 29.84 16.24
C ILE E 122 17.92 29.78 15.31
N GLY E 123 19.07 30.30 15.76
CA GLY E 123 20.28 30.18 14.98
C GLY E 123 20.67 28.75 14.65
N ILE E 124 20.51 27.84 15.61
CA ILE E 124 20.78 26.43 15.36
C ILE E 124 19.83 25.87 14.30
N ILE E 125 18.53 26.16 14.46
CA ILE E 125 17.55 25.58 13.54
C ILE E 125 17.77 26.08 12.12
N VAL E 126 18.12 27.36 11.96
CA VAL E 126 18.49 27.89 10.65
C VAL E 126 19.72 27.18 10.08
N TYR E 127 20.78 27.05 10.89
CA TYR E 127 22.02 26.46 10.36
C TYR E 127 21.87 25.00 9.95
N ILE E 128 21.21 24.18 10.76
CA ILE E 128 21.03 22.76 10.41
C ILE E 128 20.26 22.62 9.11
N SER E 129 19.17 23.36 8.95
CA SER E 129 18.31 23.19 7.78
C SER E 129 18.96 23.70 6.49
N ALA E 130 19.71 24.80 6.55
CA ALA E 130 20.41 25.27 5.35
C ALA E 130 21.45 24.29 4.82
N ASN E 131 22.22 23.67 5.70
CA ASN E 131 23.19 22.67 5.24
C ASN E 131 22.53 21.37 4.79
N ALA E 132 21.40 20.99 5.38
CA ALA E 132 20.63 19.89 4.82
C ALA E 132 20.01 20.26 3.49
N GLY E 133 19.64 21.52 3.31
CA GLY E 133 19.14 21.99 2.02
C GLY E 133 20.24 22.27 1.02
N ASN E 134 25.77 12.79 3.22
CA ASN E 134 27.17 12.81 2.82
C ASN E 134 28.05 12.24 3.92
N SER E 135 27.43 11.53 4.86
CA SER E 135 28.13 10.95 6.02
C SER E 135 28.83 12.02 6.85
N TYR E 136 28.25 13.22 6.89
CA TYR E 136 28.83 14.31 7.64
C TYR E 136 28.65 14.10 9.14
N SER E 137 29.44 14.86 9.91
CA SER E 137 29.31 14.86 11.35
C SER E 137 29.70 16.24 11.86
N TYR E 138 29.27 16.55 13.08
CA TYR E 138 29.39 17.89 13.62
C TYR E 138 30.62 18.01 14.51
N GLY E 139 31.30 19.16 14.42
CA GLY E 139 32.50 19.40 15.19
C GLY E 139 32.19 19.94 16.57
N TRP E 140 33.26 20.14 17.35
CA TRP E 140 33.09 20.49 18.75
C TRP E 140 32.47 21.88 18.95
N SER E 141 32.73 22.82 18.05
CA SER E 141 32.22 24.17 18.24
C SER E 141 30.69 24.23 18.21
N PHE E 142 30.05 23.34 17.46
CA PHE E 142 28.60 23.21 17.54
C PHE E 142 28.16 22.85 18.96
N TYR E 143 28.84 21.88 19.56
CA TYR E 143 28.55 21.51 20.93
C TYR E 143 28.91 22.61 21.93
N PHE E 144 29.92 23.42 21.66
CA PHE E 144 30.13 24.62 22.48
C PHE E 144 28.93 25.56 22.41
N GLY E 145 28.33 25.71 21.24
CA GLY E 145 27.13 26.52 21.14
C GLY E 145 25.98 26.00 21.98
N ALA E 146 25.71 24.69 21.89
CA ALA E 146 24.67 24.09 22.72
C ALA E 146 24.95 24.19 24.22
N LEU E 147 26.22 24.05 24.61
CA LEU E 147 26.53 24.21 26.03
C LEU E 147 26.33 25.65 26.49
N SER E 148 26.67 26.62 25.65
CA SER E 148 26.42 28.01 26.03
C SER E 148 24.94 28.31 26.17
N PHE E 149 24.11 27.67 25.37
CA PHE E 149 22.67 27.75 25.57
C PHE E 149 22.26 27.27 26.96
N ILE E 150 22.72 26.08 27.34
CA ILE E 150 22.31 25.53 28.65
C ILE E 150 22.76 26.40 29.82
N ILE E 151 24.01 26.88 29.80
CA ILE E 151 24.44 27.76 30.89
C ILE E 151 23.63 29.06 30.90
N ALA E 152 23.34 29.62 29.73
CA ALA E 152 22.56 30.86 29.73
C ALA E 152 21.20 30.66 30.39
N GLU E 153 20.53 29.53 30.12
CA GLU E 153 19.25 29.28 30.79
C GLU E 153 19.39 29.11 32.31
N MET E 154 20.40 28.38 32.77
CA MET E 154 20.57 28.20 34.21
C MET E 154 20.85 29.51 34.95
N VAL E 155 21.72 30.35 34.39
CA VAL E 155 21.97 31.64 35.03
C VAL E 155 20.76 32.57 34.96
N GLY E 156 19.95 32.48 33.92
CA GLY E 156 18.69 33.21 33.92
C GLY E 156 17.79 32.82 35.08
N VAL E 157 17.63 31.52 35.31
CA VAL E 157 16.83 31.07 36.44
C VAL E 157 17.37 31.58 37.78
N LEU E 158 18.69 31.51 37.98
CA LEU E 158 19.24 32.03 39.23
C LEU E 158 19.00 33.52 39.40
N ALA E 159 19.03 34.29 38.31
CA ALA E 159 18.70 35.70 38.42
C ALA E 159 17.24 35.93 38.80
N VAL E 160 16.33 35.13 38.25
CA VAL E 160 14.92 35.28 38.66
C VAL E 160 14.74 34.96 40.14
N HIS E 161 15.38 33.89 40.63
CA HIS E 161 15.31 33.61 42.07
C HIS E 161 15.84 34.77 42.90
N MET E 162 16.96 35.37 42.50
CA MET E 162 17.45 36.51 43.27
C MET E 162 16.49 37.68 43.27
N PHE E 163 15.82 37.92 42.15
CA PHE E 163 14.80 38.97 42.14
C PHE E 163 13.66 38.68 43.10
N ILE E 164 13.09 37.47 43.03
CA ILE E 164 12.02 37.13 43.96
C ILE E 164 12.48 37.29 45.40
N ASP E 165 13.63 36.71 45.73
CA ASP E 165 14.13 36.70 47.10
C ASP E 165 14.35 38.11 47.65
N ARG E 166 14.96 39.00 46.86
CA ARG E 166 15.16 40.37 47.33
C ARG E 166 13.87 41.15 47.40
N HIS E 167 12.99 40.98 46.42
CA HIS E 167 11.70 41.66 46.45
C HIS E 167 10.84 41.25 47.64
N LYS E 168 10.96 39.99 48.07
CA LYS E 168 10.31 39.55 49.30
C LYS E 168 10.91 40.17 50.56
N GLN E 169 12.23 40.26 50.69
CA GLN E 169 12.78 40.79 51.94
C GLN E 169 12.33 42.21 52.22
N LEU E 170 12.12 43.03 51.18
CA LEU E 170 11.57 44.37 51.40
C LEU E 170 10.22 44.33 52.10
N THR E 171 9.43 43.28 51.90
CA THR E 171 8.09 43.23 52.49
C THR E 171 8.13 43.05 54.00
N GLY E 172 9.27 42.72 54.58
CA GLY E 172 9.38 42.54 56.00
C GLY E 172 10.79 42.17 56.45
N ARG F 1 -23.53 49.45 32.52
CA ARG F 1 -24.31 50.68 32.42
C ARG F 1 -23.64 51.70 31.52
N GLY F 2 -24.44 52.41 30.74
CA GLY F 2 -23.93 53.48 29.90
C GLY F 2 -23.32 53.02 28.60
N VAL F 3 -21.99 53.01 28.55
CA VAL F 3 -21.24 52.81 27.30
C VAL F 3 -21.57 51.48 26.64
N GLN F 4 -21.89 50.46 27.43
CA GLN F 4 -22.28 49.17 26.86
C GLN F 4 -23.48 49.28 25.93
N MET F 5 -24.42 50.18 26.21
CA MET F 5 -25.56 50.33 25.32
C MET F 5 -25.18 50.96 23.99
N LEU F 6 -24.19 51.86 24.00
CA LEU F 6 -23.69 52.43 22.75
C LEU F 6 -22.94 51.40 21.93
N LEU F 7 -22.05 50.65 22.60
CA LEU F 7 -21.30 49.61 21.90
C LEU F 7 -22.24 48.59 21.27
N THR F 8 -23.25 48.14 22.02
CA THR F 8 -24.16 47.14 21.48
C THR F 8 -25.03 47.68 20.36
N THR F 9 -25.59 48.89 20.50
CA THR F 9 -26.43 49.42 19.43
C THR F 9 -25.65 49.66 18.14
N VAL F 10 -24.43 50.18 18.25
CA VAL F 10 -23.59 50.32 17.06
C VAL F 10 -23.25 48.97 16.44
N GLY F 11 -22.88 47.98 17.26
CA GLY F 11 -22.58 46.66 16.71
C GLY F 11 -23.77 46.00 16.04
N ALA F 12 -24.95 46.10 16.65
CA ALA F 12 -26.17 45.54 16.05
C ALA F 12 -26.49 46.19 14.71
N PHE F 13 -26.41 47.52 14.64
CA PHE F 13 -26.64 48.20 13.37
C PHE F 13 -25.60 47.82 12.32
N ALA F 14 -24.33 47.71 12.72
CA ALA F 14 -23.29 47.34 11.77
C ALA F 14 -23.49 45.94 11.22
N ALA F 15 -23.80 44.97 12.09
CA ALA F 15 -24.05 43.61 11.64
C ALA F 15 -25.25 43.51 10.71
N PHE F 16 -26.34 44.20 11.04
CA PHE F 16 -27.50 44.23 10.14
C PHE F 16 -27.15 44.83 8.79
N SER F 17 -26.44 45.97 8.78
CA SER F 17 -26.04 46.59 7.52
C SER F 17 -25.15 45.69 6.69
N LEU F 18 -24.14 45.08 7.32
CA LEU F 18 -23.23 44.19 6.60
C LEU F 18 -23.97 43.01 5.97
N MET F 19 -24.85 42.36 6.73
CA MET F 19 -25.55 41.22 6.14
C MET F 19 -26.51 41.64 5.04
N THR F 20 -27.25 42.73 5.24
CA THR F 20 -28.21 43.13 4.22
C THR F 20 -27.52 43.60 2.94
N ILE F 21 -26.35 44.21 3.05
CA ILE F 21 -25.55 44.51 1.85
C ILE F 21 -25.04 43.24 1.19
N ALA F 22 -24.57 42.27 1.99
CA ALA F 22 -24.02 41.05 1.44
C ALA F 22 -25.05 40.23 0.66
N VAL F 23 -26.29 40.21 1.13
CA VAL F 23 -27.29 39.42 0.42
C VAL F 23 -27.65 40.03 -0.93
N GLY F 24 -27.58 41.35 -1.06
CA GLY F 24 -28.04 42.02 -2.26
C GLY F 24 -27.06 42.27 -3.39
N THR F 25 -25.85 41.72 -3.34
CA THR F 25 -24.84 42.04 -4.35
C THR F 25 -24.33 40.76 -5.00
N ASP F 26 -23.70 40.94 -6.16
CA ASP F 26 -23.42 39.85 -7.09
C ASP F 26 -21.94 39.51 -7.19
N TYR F 27 -21.21 39.57 -6.08
CA TYR F 27 -19.77 39.38 -6.07
C TYR F 27 -19.33 38.26 -5.14
N TRP F 28 -20.11 37.19 -5.03
CA TRP F 28 -19.74 36.10 -4.13
C TRP F 28 -18.60 35.26 -4.69
N LEU F 29 -18.51 35.11 -6.00
CA LEU F 29 -17.57 34.17 -6.60
C LEU F 29 -17.12 34.69 -7.95
N TYR F 30 -15.92 34.29 -8.37
CA TYR F 30 -15.46 34.46 -9.75
C TYR F 30 -15.24 33.11 -10.40
N SER F 31 -15.79 32.95 -11.60
CA SER F 31 -15.84 31.66 -12.30
C SER F 31 -16.03 31.92 -13.78
N ARG F 32 -15.59 30.96 -14.60
CA ARG F 32 -15.67 31.08 -16.05
C ARG F 32 -16.88 30.32 -16.57
N GLY F 33 -17.76 31.02 -17.29
CA GLY F 33 -19.01 30.44 -17.73
C GLY F 33 -19.58 31.23 -18.89
N VAL F 34 -20.42 30.57 -19.69
CA VAL F 34 -21.10 31.24 -20.79
C VAL F 34 -22.07 32.26 -20.23
N CYS F 35 -21.92 33.51 -20.64
CA CYS F 35 -22.70 34.62 -20.11
C CYS F 35 -24.08 34.75 -20.74
N LYS F 36 -24.33 34.08 -21.87
CA LYS F 36 -25.58 34.25 -22.60
C LYS F 36 -26.79 33.75 -21.80
N GLU F 37 -12.34 30.82 -22.44
CA GLU F 37 -13.65 31.29 -22.03
C GLU F 37 -13.56 32.67 -21.38
N VAL F 38 -14.71 33.27 -21.12
CA VAL F 38 -14.78 34.61 -20.55
C VAL F 38 -15.00 34.49 -19.04
N MET F 39 -14.55 35.51 -18.30
CA MET F 39 -14.57 35.49 -16.86
C MET F 39 -15.84 36.16 -16.34
N THR F 40 -16.41 35.60 -15.27
CA THR F 40 -17.73 35.98 -14.79
C THR F 40 -17.70 36.06 -13.27
N HIS F 41 -18.59 36.88 -12.72
CA HIS F 41 -18.77 36.98 -11.28
C HIS F 41 -20.24 36.74 -10.96
N SER F 42 -20.49 36.21 -9.76
CA SER F 42 -21.79 35.63 -9.45
C SER F 42 -22.26 36.04 -8.06
N GLY F 43 -23.56 36.26 -7.92
CA GLY F 43 -24.20 36.38 -6.63
C GLY F 43 -24.92 35.10 -6.24
N LEU F 44 -25.90 35.25 -5.35
CA LEU F 44 -26.77 34.12 -5.04
C LEU F 44 -27.75 33.83 -6.17
N TRP F 45 -28.18 34.86 -6.91
CA TRP F 45 -29.30 34.76 -7.83
C TRP F 45 -28.93 34.81 -9.30
N ARG F 46 -27.78 35.40 -9.66
CA ARG F 46 -27.56 35.82 -11.03
C ARG F 46 -26.07 35.87 -11.31
N THR F 47 -25.71 35.71 -12.59
CA THR F 47 -24.33 35.76 -13.01
C THR F 47 -24.15 36.90 -14.00
N CYS F 48 -23.06 37.65 -13.83
CA CYS F 48 -22.77 38.82 -14.64
C CYS F 48 -21.40 38.67 -15.29
N CYS F 49 -21.25 39.30 -16.45
CA CYS F 49 -20.16 39.03 -17.37
C CYS F 49 -19.20 40.21 -17.39
N LEU F 50 -17.90 39.91 -17.46
CA LEU F 50 -16.90 40.95 -17.61
C LEU F 50 -15.76 40.41 -18.47
N GLU F 51 -14.87 41.32 -18.88
CA GLU F 51 -13.72 40.99 -19.72
C GLU F 51 -14.15 40.32 -21.02
N GLY F 52 -15.12 40.92 -21.69
CA GLY F 52 -15.57 40.39 -22.96
C GLY F 52 -16.52 41.35 -23.63
N ASN F 53 -16.96 40.97 -24.83
CA ASN F 53 -17.88 41.81 -25.58
C ASN F 53 -19.23 41.92 -24.90
N PHE F 54 -19.62 40.91 -24.13
CA PHE F 54 -20.85 40.92 -23.36
C PHE F 54 -20.68 41.55 -21.98
N LYS F 55 -19.59 42.30 -21.76
CA LYS F 55 -19.33 42.91 -20.46
C LYS F 55 -20.50 43.73 -19.98
N GLY F 56 -20.97 43.44 -18.76
CA GLY F 56 -22.12 44.09 -18.18
C GLY F 56 -23.43 43.38 -18.38
N LEU F 57 -23.49 42.40 -19.27
CA LEU F 57 -24.69 41.57 -19.39
C LEU F 57 -24.81 40.64 -18.19
N CYS F 58 -26.05 40.34 -17.80
CA CYS F 58 -26.30 39.43 -16.70
C CYS F 58 -27.41 38.47 -17.08
N LYS F 59 -27.32 37.25 -16.54
CA LYS F 59 -28.31 36.20 -16.74
C LYS F 59 -28.67 35.59 -15.39
N GLN F 60 -29.88 35.05 -15.31
CA GLN F 60 -30.44 34.55 -14.06
C GLN F 60 -30.26 33.04 -14.01
N ILE F 61 -29.72 32.55 -12.89
CA ILE F 61 -29.17 31.20 -12.84
C ILE F 61 -30.30 30.17 -12.81
N ASP F 62 -29.98 28.97 -13.26
CA ASP F 62 -30.89 27.83 -13.23
C ASP F 62 -30.32 26.79 -12.27
N HIS F 63 -31.13 26.41 -11.27
CA HIS F 63 -30.71 25.42 -10.28
C HIS F 63 -31.05 23.98 -10.67
N PHE F 64 -31.78 23.78 -11.76
CA PHE F 64 -32.20 22.43 -12.15
C PHE F 64 -31.97 22.18 -13.62
N ALA F 65 -32.34 11.61 -0.79
CA ALA F 65 -31.61 12.13 -1.94
C ALA F 65 -31.11 13.55 -1.66
N GLU F 66 -30.28 14.07 -2.57
CA GLU F 66 -29.76 15.43 -2.44
C GLU F 66 -30.79 16.49 -2.76
N TYR F 67 -32.03 16.11 -3.11
CA TYR F 67 -33.03 17.10 -3.49
C TYR F 67 -33.26 18.14 -2.41
N PHE F 68 -33.13 17.75 -1.14
CA PHE F 68 -33.20 18.74 -0.06
C PHE F 68 -32.11 19.79 -0.19
N LEU F 69 -30.91 19.39 -0.60
CA LEU F 69 -29.86 20.37 -0.85
C LEU F 69 -30.20 21.28 -2.01
N ARG F 70 -30.81 20.73 -3.07
CA ARG F 70 -31.22 21.54 -4.21
C ARG F 70 -32.25 22.59 -3.79
N ALA F 71 -33.29 22.17 -3.07
CA ALA F 71 -34.34 23.09 -2.65
C ALA F 71 -33.83 24.13 -1.65
N VAL F 72 -33.01 23.72 -0.69
CA VAL F 72 -32.47 24.67 0.29
C VAL F 72 -31.55 25.68 -0.37
N ARG F 73 -30.68 25.24 -1.29
CA ARG F 73 -29.85 26.19 -2.01
C ARG F 73 -30.67 27.13 -2.88
N ALA F 74 -31.70 26.61 -3.56
CA ALA F 74 -32.52 27.45 -4.43
C ALA F 74 -33.30 28.50 -3.65
N SER F 75 -33.92 28.12 -2.54
CA SER F 75 -34.60 29.10 -1.71
C SER F 75 -33.64 30.01 -0.94
N SER F 76 -32.49 29.49 -0.51
CA SER F 76 -31.53 30.27 0.28
C SER F 76 -32.19 30.86 1.52
N ILE F 77 -32.97 30.03 2.21
CA ILE F 77 -33.76 30.48 3.35
C ILE F 77 -32.88 30.96 4.51
N PHE F 78 -31.74 30.31 4.71
CA PHE F 78 -30.92 30.61 5.89
C PHE F 78 -30.37 32.03 5.95
N PRO F 79 -29.77 32.59 4.89
CA PRO F 79 -29.43 34.02 4.93
C PRO F 79 -30.60 34.92 5.27
N ILE F 80 -31.76 34.67 4.65
CA ILE F 80 -32.93 35.51 4.92
C ILE F 80 -33.34 35.41 6.38
N LEU F 81 -33.36 34.19 6.93
CA LEU F 81 -33.66 34.03 8.35
C LEU F 81 -32.70 34.83 9.22
N SER F 82 -31.41 34.79 8.90
CA SER F 82 -30.47 35.55 9.71
C SER F 82 -30.73 37.05 9.64
N VAL F 83 -31.17 37.54 8.48
CA VAL F 83 -31.52 38.95 8.37
C VAL F 83 -32.77 39.29 9.18
N ILE F 84 -33.74 38.39 9.19
CA ILE F 84 -34.96 38.60 9.99
C ILE F 84 -34.61 38.62 11.48
N LEU F 85 -33.80 37.67 11.93
CA LEU F 85 -33.44 37.61 13.35
C LEU F 85 -32.59 38.81 13.78
N LEU F 86 -31.69 39.29 12.92
CA LEU F 86 -30.97 40.52 13.26
C LEU F 86 -31.90 41.72 13.36
N PHE F 87 -32.93 41.79 12.51
CA PHE F 87 -33.93 42.84 12.67
C PHE F 87 -34.68 42.73 13.99
N MET F 88 -35.11 41.52 14.34
CA MET F 88 -35.80 41.29 15.60
C MET F 88 -34.95 41.69 16.80
N GLY F 89 -33.66 41.32 16.80
CA GLY F 89 -32.78 41.70 17.89
C GLY F 89 -32.60 43.19 18.03
N GLY F 90 -32.38 43.88 16.91
CA GLY F 90 -32.28 45.33 16.98
C GLY F 90 -33.55 45.98 17.50
N LEU F 91 -34.71 45.48 17.07
CA LEU F 91 -35.97 46.00 17.60
C LEU F 91 -36.10 45.77 19.10
N CYS F 92 -35.72 44.58 19.57
CA CYS F 92 -35.81 44.28 20.99
C CYS F 92 -34.89 45.18 21.83
N ILE F 93 -33.68 45.44 21.36
CA ILE F 93 -32.83 46.35 22.14
C ILE F 93 -33.36 47.78 22.07
N ALA F 94 -33.97 48.18 20.96
CA ALA F 94 -34.65 49.47 20.95
C ALA F 94 -35.82 49.50 21.94
N ALA F 95 -36.61 48.44 21.98
CA ALA F 95 -37.72 48.34 22.92
C ALA F 95 -37.24 48.26 24.38
N SER F 96 -36.14 47.55 24.62
CA SER F 96 -35.59 47.44 25.98
C SER F 96 -35.19 48.79 26.56
N GLU F 97 -34.82 49.75 25.72
CA GLU F 97 -34.60 51.11 26.21
C GLU F 97 -35.85 51.64 26.91
N PHE F 98 -37.02 51.46 26.32
CA PHE F 98 -38.28 51.81 26.96
C PHE F 98 -38.75 50.63 27.82
N TYR F 99 -39.92 50.77 28.45
CA TYR F 99 -40.53 49.71 29.26
C TYR F 99 -39.54 49.13 30.27
N LYS F 100 -38.81 50.01 30.96
CA LYS F 100 -37.76 49.59 31.87
C LYS F 100 -38.32 48.69 32.97
N THR F 101 -37.40 47.99 33.64
CA THR F 101 -37.63 47.09 34.77
C THR F 101 -38.38 45.81 34.41
N ARG F 102 -38.54 45.51 33.12
CA ARG F 102 -39.02 44.17 32.75
C ARG F 102 -37.89 43.15 32.68
N HIS F 103 -36.65 43.60 32.52
CA HIS F 103 -35.44 42.79 32.69
C HIS F 103 -35.29 41.59 31.75
N ASN F 104 -36.27 41.32 30.90
CA ASN F 104 -36.17 40.08 30.13
C ASN F 104 -36.00 40.33 28.64
N ILE F 105 -36.20 41.56 28.19
CA ILE F 105 -36.03 41.90 26.78
C ILE F 105 -34.58 41.72 26.34
N ILE F 106 -33.64 42.06 27.23
CA ILE F 106 -32.23 41.82 26.95
C ILE F 106 -31.92 40.34 26.74
N LEU F 107 -32.55 39.47 27.51
CA LEU F 107 -32.36 38.04 27.31
C LEU F 107 -32.82 37.61 25.91
N SER F 108 -33.97 38.11 25.47
CA SER F 108 -34.46 37.81 24.13
C SER F 108 -33.53 38.35 23.05
N ALA F 109 -32.94 39.52 23.27
CA ALA F 109 -31.95 40.03 22.31
C ALA F 109 -30.71 39.13 22.23
N GLY F 110 -30.20 38.70 23.37
CA GLY F 110 -29.08 37.77 23.35
C GLY F 110 -29.38 36.48 22.61
N ILE F 111 -30.56 35.90 22.87
CA ILE F 111 -30.94 34.68 22.17
C ILE F 111 -31.08 34.91 20.67
N PHE F 112 -31.62 36.06 20.25
CA PHE F 112 -31.73 36.33 18.83
C PHE F 112 -30.37 36.45 18.16
N PHE F 113 -29.44 37.19 18.75
CA PHE F 113 -28.12 37.34 18.13
C PHE F 113 -27.36 36.02 18.05
N VAL F 114 -27.45 35.18 19.09
CA VAL F 114 -26.79 33.88 19.02
C VAL F 114 -27.42 32.98 17.94
N SER F 115 -28.74 32.86 17.94
CA SER F 115 -29.37 31.97 16.98
C SER F 115 -29.18 32.45 15.54
N ALA F 116 -29.16 33.77 15.32
CA ALA F 116 -28.84 34.27 13.99
C ALA F 116 -27.41 33.97 13.58
N GLY F 117 -26.47 33.96 14.53
CA GLY F 117 -25.14 33.50 14.18
C GLY F 117 -25.12 32.06 13.69
N LEU F 118 -25.80 31.17 14.43
CA LEU F 118 -25.84 29.76 14.00
C LEU F 118 -26.48 29.59 12.63
N SER F 119 -27.54 30.36 12.35
CA SER F 119 -28.14 30.32 11.02
C SER F 119 -27.16 30.78 9.95
N ASN F 120 -26.37 31.81 10.23
CA ASN F 120 -25.38 32.26 9.25
C ASN F 120 -24.34 31.19 8.96
N ILE F 121 -23.88 30.47 10.00
CA ILE F 121 -22.95 29.36 9.78
C ILE F 121 -23.54 28.32 8.85
N ILE F 122 -24.79 27.90 9.10
CA ILE F 122 -25.39 26.91 8.20
C ILE F 122 -25.52 27.44 6.78
N GLY F 123 -25.87 28.72 6.63
CA GLY F 123 -25.93 29.31 5.31
C GLY F 123 -24.62 29.23 4.54
N ILE F 124 -23.51 29.54 5.21
CA ILE F 124 -22.21 29.44 4.56
C ILE F 124 -21.88 28.00 4.19
N ILE F 125 -22.15 27.06 5.08
CA ILE F 125 -21.79 25.67 4.79
C ILE F 125 -22.61 25.13 3.61
N VAL F 126 -23.90 25.45 3.55
CA VAL F 126 -24.71 25.00 2.43
C VAL F 126 -24.29 25.68 1.12
N TYR F 127 -23.93 26.97 1.17
CA TYR F 127 -23.45 27.62 -0.04
C TYR F 127 -22.18 26.98 -0.58
N ILE F 128 -21.19 26.77 0.28
CA ILE F 128 -19.93 26.17 -0.17
C ILE F 128 -20.16 24.76 -0.69
N SER F 129 -20.92 23.95 0.04
CA SER F 129 -21.13 22.56 -0.36
C SER F 129 -21.89 22.44 -1.69
N ALA F 130 -22.91 23.28 -1.90
CA ALA F 130 -23.65 23.24 -3.16
C ALA F 130 -22.84 23.71 -4.37
N ASN F 131 -21.92 24.66 -4.20
CA ASN F 131 -21.02 25.00 -5.29
C ASN F 131 -20.07 23.86 -5.63
N ALA F 132 -19.56 23.17 -4.61
CA ALA F 132 -18.71 22.02 -4.87
C ALA F 132 -19.50 20.88 -5.49
N GLY F 133 -20.77 20.71 -5.10
CA GLY F 133 -21.62 19.70 -5.67
C GLY F 133 -22.03 20.00 -7.10
N ASN F 134 -10.33 25.03 -10.62
CA ASN F 134 -10.78 25.88 -11.71
C ASN F 134 -10.30 27.31 -11.53
N SER F 135 -9.36 27.51 -10.60
CA SER F 135 -8.80 28.81 -10.27
C SER F 135 -9.86 29.79 -9.78
N TYR F 136 -10.97 29.30 -9.23
CA TYR F 136 -11.98 30.16 -8.66
C TYR F 136 -11.44 30.88 -7.42
N SER F 137 -12.08 32.00 -7.08
CA SER F 137 -11.76 32.70 -5.85
C SER F 137 -12.99 33.47 -5.38
N TYR F 138 -13.05 33.71 -4.07
CA TYR F 138 -14.20 34.35 -3.46
C TYR F 138 -14.10 35.87 -3.48
N GLY F 139 -15.25 36.53 -3.51
CA GLY F 139 -15.32 37.97 -3.56
C GLY F 139 -15.64 38.60 -2.22
N TRP F 140 -15.78 39.92 -2.24
CA TRP F 140 -15.85 40.68 -0.99
C TRP F 140 -17.15 40.44 -0.22
N SER F 141 -18.26 40.15 -0.90
CA SER F 141 -19.51 39.96 -0.18
C SER F 141 -19.50 38.72 0.71
N PHE F 142 -18.77 37.68 0.32
CA PHE F 142 -18.56 36.53 1.20
C PHE F 142 -17.90 36.95 2.51
N TYR F 143 -16.84 37.75 2.41
CA TYR F 143 -16.17 38.25 3.60
C TYR F 143 -17.03 39.21 4.40
N PHE F 144 -17.91 39.96 3.74
CA PHE F 144 -18.90 40.74 4.49
C PHE F 144 -19.82 39.84 5.30
N GLY F 145 -20.23 38.71 4.75
CA GLY F 145 -21.04 37.77 5.51
C GLY F 145 -20.34 37.22 6.74
N ALA F 146 -19.09 36.77 6.56
CA ALA F 146 -18.33 36.29 7.72
C ALA F 146 -18.09 37.37 8.78
N LEU F 147 -17.83 38.60 8.34
CA LEU F 147 -17.69 39.68 9.32
C LEU F 147 -18.98 39.93 10.08
N SER F 148 -20.13 39.87 9.39
CA SER F 148 -21.40 40.06 10.08
C SER F 148 -21.64 38.97 11.11
N PHE F 149 -21.21 37.75 10.83
CA PHE F 149 -21.27 36.69 11.84
C PHE F 149 -20.46 37.04 13.09
N ILE F 150 -19.22 37.50 12.90
CA ILE F 150 -18.38 37.79 14.06
C ILE F 150 -18.94 38.92 14.93
N ILE F 151 -19.44 40.00 14.30
CA ILE F 151 -20.08 41.03 15.12
C ILE F 151 -21.35 40.53 15.79
N ALA F 152 -22.13 39.68 15.13
CA ALA F 152 -23.34 39.19 15.77
C ALA F 152 -23.03 38.42 17.06
N GLU F 153 -22.01 37.55 17.03
CA GLU F 153 -21.63 36.86 18.27
C GLU F 153 -21.07 37.80 19.34
N MET F 154 -20.28 38.80 18.96
CA MET F 154 -19.77 39.73 19.97
C MET F 154 -20.89 40.52 20.65
N VAL F 155 -21.85 41.02 19.86
CA VAL F 155 -22.94 41.78 20.48
C VAL F 155 -23.83 40.88 21.33
N GLY F 156 -24.01 39.62 20.94
CA GLY F 156 -24.72 38.70 21.82
C GLY F 156 -24.05 38.52 23.16
N VAL F 157 -22.72 38.42 23.17
CA VAL F 157 -21.98 38.31 24.43
C VAL F 157 -22.22 39.54 25.31
N LEU F 158 -22.09 40.73 24.73
CA LEU F 158 -22.32 41.94 25.54
C LEU F 158 -23.76 42.06 26.03
N ALA F 159 -24.74 41.63 25.24
CA ALA F 159 -26.13 41.63 25.74
C ALA F 159 -26.31 40.72 26.95
N VAL F 160 -25.75 39.51 26.89
CA VAL F 160 -25.84 38.65 28.07
C VAL F 160 -25.15 39.29 29.27
N HIS F 161 -23.98 39.89 29.06
CA HIS F 161 -23.25 40.45 30.20
C HIS F 161 -23.98 41.63 30.83
N MET F 162 -24.70 42.42 30.02
CA MET F 162 -25.58 43.44 30.58
C MET F 162 -26.74 42.84 31.36
N PHE F 163 -27.37 41.78 30.85
CA PHE F 163 -28.47 41.17 31.59
C PHE F 163 -28.02 40.62 32.95
N ILE F 164 -26.85 39.99 32.97
CA ILE F 164 -26.31 39.51 34.23
C ILE F 164 -26.10 40.66 35.19
N ASP F 165 -25.48 41.75 34.71
CA ASP F 165 -25.27 42.90 35.58
C ASP F 165 -26.60 43.47 36.10
N ARG F 166 -27.62 43.54 35.25
CA ARG F 166 -28.92 44.06 35.67
C ARG F 166 -29.53 43.27 36.81
N HIS F 167 -29.54 41.94 36.71
CA HIS F 167 -30.07 41.16 37.84
C HIS F 167 -29.15 41.15 39.06
N LYS F 168 -27.83 41.12 38.86
CA LYS F 168 -26.91 41.14 39.99
C LYS F 168 -27.11 42.38 40.85
N GLN F 169 -27.17 43.55 40.24
CA GLN F 169 -27.45 44.77 40.99
C GLN F 169 -28.86 44.79 41.57
N LEU F 170 -29.82 44.15 40.91
CA LEU F 170 -31.17 44.05 41.47
C LEU F 170 -31.20 43.31 42.79
N THR F 171 -30.30 42.34 42.99
CA THR F 171 -30.29 41.59 44.24
C THR F 171 -29.97 42.47 45.43
N GLY F 172 -29.15 43.50 45.24
CA GLY F 172 -28.78 44.38 46.34
C GLY F 172 -27.55 45.23 46.05
N ARG G 1 -44.08 9.51 45.30
CA ARG G 1 -44.40 8.61 46.41
C ARG G 1 -45.51 7.66 46.01
N GLY G 2 -45.36 6.38 46.34
CA GLY G 2 -46.41 5.42 46.09
C GLY G 2 -46.59 5.03 44.64
N VAL G 3 -46.73 6.05 43.78
CA VAL G 3 -46.97 5.83 42.36
C VAL G 3 -45.84 5.03 41.72
N GLN G 4 -44.61 5.17 42.21
CA GLN G 4 -43.49 4.39 41.68
C GLN G 4 -43.79 2.90 41.70
N MET G 5 -44.56 2.44 42.69
CA MET G 5 -44.94 1.03 42.74
C MET G 5 -45.89 0.65 41.61
N LEU G 6 -46.74 1.58 41.17
CA LEU G 6 -47.54 1.35 39.97
C LEU G 6 -46.68 1.25 38.71
N LEU G 7 -45.80 2.23 38.50
CA LEU G 7 -44.98 2.31 37.29
C LEU G 7 -44.00 1.15 37.14
N THR G 8 -43.48 0.61 38.24
CA THR G 8 -42.65 -0.58 38.11
C THR G 8 -43.45 -1.82 37.71
N THR G 9 -44.65 -2.01 38.27
CA THR G 9 -45.45 -3.16 37.87
C THR G 9 -45.95 -3.04 36.44
N VAL G 10 -46.28 -1.82 36.01
CA VAL G 10 -46.65 -1.60 34.60
C VAL G 10 -45.47 -1.86 33.68
N GLY G 11 -44.28 -1.36 34.02
CA GLY G 11 -43.14 -1.64 33.17
C GLY G 11 -42.75 -3.10 33.13
N ALA G 12 -42.84 -3.79 34.26
CA ALA G 12 -42.55 -5.22 34.29
C ALA G 12 -43.51 -6.03 33.41
N PHE G 13 -44.82 -5.75 33.52
CA PHE G 13 -45.77 -6.47 32.67
C PHE G 13 -45.60 -6.13 31.19
N ALA G 14 -45.29 -4.88 30.86
CA ALA G 14 -45.01 -4.54 29.47
C ALA G 14 -43.80 -5.30 28.94
N ALA G 15 -42.71 -5.30 29.68
CA ALA G 15 -41.50 -5.99 29.24
C ALA G 15 -41.74 -7.48 29.06
N PHE G 16 -42.46 -8.10 30.00
CA PHE G 16 -42.79 -9.51 29.87
C PHE G 16 -43.61 -9.80 28.63
N SER G 17 -44.63 -8.99 28.36
CA SER G 17 -45.46 -9.22 27.18
C SER G 17 -44.67 -9.07 25.89
N LEU G 18 -43.86 -8.01 25.80
CA LEU G 18 -43.06 -7.80 24.59
C LEU G 18 -42.07 -8.93 24.36
N MET G 19 -41.38 -9.38 25.41
CA MET G 19 -40.41 -10.45 25.18
C MET G 19 -41.09 -11.76 24.83
N THR G 20 -42.18 -12.11 25.51
CA THR G 20 -42.84 -13.38 25.23
C THR G 20 -43.48 -13.41 23.84
N ILE G 21 -43.94 -12.26 23.34
CA ILE G 21 -44.38 -12.22 21.94
C ILE G 21 -43.18 -12.31 20.99
N ALA G 22 -42.07 -11.67 21.32
CA ALA G 22 -40.89 -11.70 20.47
C ALA G 22 -40.33 -13.11 20.31
N VAL G 23 -40.41 -13.93 21.35
CA VAL G 23 -39.95 -15.32 21.22
C VAL G 23 -40.90 -16.16 20.38
N GLY G 24 -42.19 -15.84 20.38
CA GLY G 24 -43.16 -16.70 19.71
C GLY G 24 -43.63 -16.27 18.34
N THR G 25 -42.84 -15.51 17.59
CA THR G 25 -43.25 -15.02 16.30
C THR G 25 -42.16 -15.29 15.28
N ASP G 26 -42.57 -15.32 14.01
CA ASP G 26 -41.80 -15.93 12.93
C ASP G 26 -41.09 -14.92 12.03
N TYR G 27 -40.91 -13.69 12.49
CA TYR G 27 -40.52 -12.57 11.62
C TYR G 27 -39.28 -11.85 12.15
N TRP G 28 -38.21 -12.60 12.39
CA TRP G 28 -36.96 -11.98 12.79
C TRP G 28 -36.15 -11.47 11.61
N LEU G 29 -36.22 -12.15 10.47
CA LEU G 29 -35.27 -11.91 9.38
C LEU G 29 -35.95 -12.18 8.05
N TYR G 30 -35.46 -11.52 6.99
CA TYR G 30 -35.86 -11.80 5.63
C TYR G 30 -34.70 -12.32 4.80
N SER G 31 -34.98 -13.32 3.97
CA SER G 31 -33.97 -14.20 3.38
C SER G 31 -34.55 -14.83 2.12
N ARG G 32 -33.67 -15.24 1.22
CA ARG G 32 -34.06 -16.02 0.05
C ARG G 32 -33.77 -17.50 0.31
N GLY G 33 -34.80 -18.32 0.22
CA GLY G 33 -34.71 -19.71 0.65
C GLY G 33 -35.82 -20.54 0.05
N VAL G 34 -35.59 -21.85 0.00
CA VAL G 34 -36.58 -22.81 -0.49
C VAL G 34 -37.11 -23.63 0.67
N CYS G 35 -38.43 -23.68 0.80
CA CYS G 35 -39.09 -24.47 1.84
C CYS G 35 -39.24 -25.94 1.44
N LYS G 36 -38.13 -26.59 1.07
CA LYS G 36 -38.16 -28.00 0.68
C LYS G 36 -38.57 -28.88 1.86
N GLU G 37 -34.50 -16.65 -6.64
CA GLU G 37 -35.22 -17.59 -5.80
C GLU G 37 -36.50 -16.97 -5.28
N VAL G 38 -37.19 -17.69 -4.41
CA VAL G 38 -38.42 -17.20 -3.81
C VAL G 38 -38.09 -16.62 -2.44
N MET G 39 -38.92 -15.69 -1.97
CA MET G 39 -38.64 -14.90 -0.79
C MET G 39 -39.18 -15.60 0.45
N THR G 40 -38.54 -15.30 1.59
CA THR G 40 -38.69 -16.13 2.77
C THR G 40 -38.47 -15.26 4.00
N HIS G 41 -39.10 -15.65 5.11
CA HIS G 41 -38.89 -15.01 6.41
C HIS G 41 -38.78 -16.08 7.48
N SER G 42 -38.05 -15.77 8.55
CA SER G 42 -37.63 -16.79 9.51
C SER G 42 -37.76 -16.31 10.94
N GLY G 43 -38.07 -17.24 11.84
CA GLY G 43 -37.95 -17.02 13.27
C GLY G 43 -36.76 -17.77 13.85
N LEU G 44 -36.74 -17.86 15.19
CA LEU G 44 -35.72 -18.65 15.87
C LEU G 44 -35.85 -20.13 15.55
N TRP G 45 -37.09 -20.64 15.50
CA TRP G 45 -37.35 -22.07 15.40
C TRP G 45 -37.74 -22.53 14.00
N ARG G 46 -38.51 -21.73 13.25
CA ARG G 46 -39.18 -22.24 12.07
C ARG G 46 -39.16 -21.18 10.97
N THR G 47 -39.22 -21.65 9.74
CA THR G 47 -39.01 -20.80 8.57
C THR G 47 -40.15 -21.02 7.58
N CYS G 48 -40.61 -19.94 6.96
CA CYS G 48 -41.78 -19.97 6.11
C CYS G 48 -41.54 -19.17 4.84
N CYS G 49 -42.16 -19.63 3.76
CA CYS G 49 -42.03 -19.04 2.44
C CYS G 49 -43.22 -18.13 2.14
N LEU G 50 -42.97 -17.03 1.46
CA LEU G 50 -44.02 -16.11 1.06
C LEU G 50 -43.71 -15.58 -0.34
N GLU G 51 -44.67 -14.86 -0.91
CA GLU G 51 -44.53 -14.27 -2.23
C GLU G 51 -44.24 -15.34 -3.28
N GLY G 52 -45.02 -16.41 -3.26
CA GLY G 52 -44.84 -17.49 -4.20
C GLY G 52 -45.98 -18.47 -4.12
N ASN G 53 -45.92 -19.49 -4.99
CA ASN G 53 -46.97 -20.50 -5.05
C ASN G 53 -47.08 -21.30 -3.76
N PHE G 54 -45.98 -21.40 -3.01
CA PHE G 54 -45.95 -22.13 -1.75
C PHE G 54 -46.28 -21.25 -0.55
N LYS G 55 -46.86 -20.06 -0.77
CA LYS G 55 -47.12 -19.10 0.30
C LYS G 55 -47.86 -19.75 1.46
N GLY G 56 -47.29 -19.63 2.66
CA GLY G 56 -47.84 -20.23 3.84
C GLY G 56 -47.25 -21.58 4.21
N LEU G 57 -46.47 -22.19 3.32
CA LEU G 57 -45.74 -23.40 3.68
C LEU G 57 -44.61 -23.06 4.63
N CYS G 58 -44.33 -23.96 5.57
CA CYS G 58 -43.29 -23.75 6.55
C CYS G 58 -42.51 -25.04 6.78
N LYS G 59 -41.26 -24.88 7.18
CA LYS G 59 -40.40 -25.99 7.57
C LYS G 59 -39.66 -25.63 8.86
N GLN G 60 -39.28 -26.65 9.61
CA GLN G 60 -38.49 -26.45 10.83
C GLN G 60 -37.04 -26.73 10.49
N ILE G 61 -36.19 -25.72 10.67
CA ILE G 61 -34.85 -25.74 10.10
C ILE G 61 -33.91 -26.58 10.94
N ASP G 62 -32.97 -27.24 10.27
CA ASP G 62 -31.92 -28.00 10.94
C ASP G 62 -30.75 -27.07 11.21
N HIS G 63 -30.50 -26.78 12.49
CA HIS G 63 -29.37 -25.92 12.85
C HIS G 63 -28.02 -26.59 12.67
N PHE G 64 -27.99 -27.88 12.37
CA PHE G 64 -26.73 -28.59 12.15
C PHE G 64 -26.63 -29.09 10.72
N ALA G 65 -14.96 -22.97 19.96
CA ALA G 65 -15.20 -23.65 18.68
C ALA G 65 -16.57 -23.28 18.12
N GLU G 66 -16.73 -23.50 16.81
CA GLU G 66 -17.99 -23.17 16.16
C GLU G 66 -19.13 -24.06 16.62
N TYR G 67 -18.84 -25.31 16.99
CA TYR G 67 -19.90 -26.22 17.42
C TYR G 67 -20.63 -25.71 18.65
N PHE G 68 -19.90 -25.10 19.59
CA PHE G 68 -20.55 -24.50 20.75
C PHE G 68 -21.46 -23.36 20.34
N LEU G 69 -21.03 -22.57 19.36
CA LEU G 69 -21.87 -21.49 18.83
C LEU G 69 -23.17 -22.04 18.24
N ARG G 70 -23.06 -23.11 17.45
CA ARG G 70 -24.26 -23.74 16.88
C ARG G 70 -25.16 -24.34 17.95
N ALA G 71 -24.58 -24.95 18.98
CA ALA G 71 -25.38 -25.51 20.07
C ALA G 71 -26.12 -24.45 20.86
N VAL G 72 -25.46 -23.32 21.14
CA VAL G 72 -26.13 -22.19 21.80
C VAL G 72 -27.23 -21.62 20.92
N ARG G 73 -26.93 -21.38 19.64
CA ARG G 73 -27.95 -20.87 18.73
C ARG G 73 -29.14 -21.80 18.63
N ALA G 74 -28.89 -23.12 18.55
CA ALA G 74 -29.97 -24.08 18.39
C ALA G 74 -30.83 -24.18 19.64
N SER G 75 -30.22 -24.20 20.83
CA SER G 75 -31.00 -24.19 22.05
C SER G 75 -31.65 -22.83 22.33
N SER G 76 -30.98 -21.73 21.97
CA SER G 76 -31.48 -20.38 22.25
C SER G 76 -31.79 -20.21 23.73
N ILE G 77 -30.85 -20.65 24.58
CA ILE G 77 -31.06 -20.66 26.03
C ILE G 77 -31.27 -19.24 26.58
N PHE G 78 -30.53 -18.26 26.06
CA PHE G 78 -30.54 -16.91 26.60
C PHE G 78 -31.86 -16.15 26.50
N PRO G 79 -32.57 -16.16 25.36
CA PRO G 79 -33.95 -15.65 25.39
C PRO G 79 -34.85 -16.28 26.43
N ILE G 80 -34.79 -17.60 26.58
CA ILE G 80 -35.63 -18.27 27.55
C ILE G 80 -35.24 -17.90 28.98
N LEU G 81 -33.94 -17.76 29.25
CA LEU G 81 -33.52 -17.24 30.55
C LEU G 81 -34.07 -15.84 30.80
N SER G 82 -33.96 -14.95 29.81
CA SER G 82 -34.45 -13.60 30.03
C SER G 82 -35.95 -13.57 30.33
N VAL G 83 -36.73 -14.42 29.65
CA VAL G 83 -38.15 -14.55 29.96
C VAL G 83 -38.37 -15.07 31.38
N ILE G 84 -37.59 -16.07 31.78
CA ILE G 84 -37.74 -16.60 33.13
C ILE G 84 -37.43 -15.53 34.17
N LEU G 85 -36.34 -14.79 33.99
CA LEU G 85 -35.95 -13.79 34.96
C LEU G 85 -36.96 -12.64 35.05
N LEU G 86 -37.60 -12.28 33.94
CA LEU G 86 -38.70 -11.33 34.02
C LEU G 86 -39.89 -11.89 34.80
N PHE G 87 -40.17 -13.18 34.67
CA PHE G 87 -41.22 -13.77 35.50
C PHE G 87 -40.86 -13.81 36.99
N MET G 88 -39.60 -14.13 37.30
CA MET G 88 -39.14 -14.07 38.69
C MET G 88 -39.24 -12.66 39.27
N GLY G 89 -38.86 -11.64 38.50
CA GLY G 89 -39.02 -10.28 38.96
C GLY G 89 -40.47 -9.89 39.21
N GLY G 90 -41.37 -10.28 38.31
CA GLY G 90 -42.79 -10.08 38.56
C GLY G 90 -43.28 -10.73 39.84
N LEU G 91 -42.87 -11.98 40.09
CA LEU G 91 -43.20 -12.63 41.37
C LEU G 91 -42.70 -11.82 42.56
N CYS G 92 -41.47 -11.32 42.48
CA CYS G 92 -40.90 -10.57 43.60
C CYS G 92 -41.66 -9.27 43.86
N ILE G 93 -41.91 -8.47 42.83
CA ILE G 93 -42.61 -7.20 43.05
C ILE G 93 -44.06 -7.41 43.48
N ALA G 94 -44.74 -8.44 42.93
CA ALA G 94 -46.08 -8.73 43.42
C ALA G 94 -46.10 -9.15 44.88
N ALA G 95 -45.17 -10.02 45.28
CA ALA G 95 -45.06 -10.44 46.68
C ALA G 95 -44.63 -9.29 47.59
N SER G 96 -43.82 -8.37 47.08
CA SER G 96 -43.37 -7.23 47.87
C SER G 96 -44.51 -6.37 48.39
N GLU G 97 -45.64 -6.33 47.67
CA GLU G 97 -46.83 -5.70 48.23
C GLU G 97 -47.28 -6.37 49.53
N PHE G 98 -47.06 -7.68 49.66
CA PHE G 98 -47.29 -8.34 50.92
C PHE G 98 -45.98 -8.45 51.70
N TYR G 99 -46.05 -8.96 52.93
CA TYR G 99 -44.87 -9.09 53.79
C TYR G 99 -44.10 -7.77 53.88
N LYS G 100 -44.83 -6.67 54.05
CA LYS G 100 -44.20 -5.36 54.12
C LYS G 100 -43.19 -5.30 55.27
N THR G 101 -42.29 -4.31 55.18
CA THR G 101 -41.22 -4.03 56.14
C THR G 101 -40.10 -5.04 56.10
N ARG G 102 -40.02 -5.91 55.09
CA ARG G 102 -38.79 -6.66 54.88
C ARG G 102 -37.83 -5.93 53.94
N HIS G 103 -38.34 -5.21 52.94
CA HIS G 103 -37.52 -4.33 52.10
C HIS G 103 -36.36 -5.01 51.38
N ASN G 104 -36.19 -6.31 51.53
CA ASN G 104 -35.09 -7.00 50.86
C ASN G 104 -35.53 -7.67 49.57
N ILE G 105 -36.84 -7.86 49.40
CA ILE G 105 -37.39 -8.32 48.13
C ILE G 105 -37.00 -7.39 46.98
N ILE G 106 -37.12 -6.08 47.19
CA ILE G 106 -36.87 -5.12 46.11
C ILE G 106 -35.43 -5.13 45.62
N LEU G 107 -34.48 -5.43 46.50
CA LEU G 107 -33.10 -5.63 46.06
C LEU G 107 -32.99 -6.78 45.05
N SER G 108 -33.59 -7.92 45.38
CA SER G 108 -33.52 -9.06 44.46
C SER G 108 -34.29 -8.79 43.17
N ALA G 109 -35.40 -8.06 43.25
CA ALA G 109 -36.10 -7.68 42.02
C ALA G 109 -35.22 -6.86 41.09
N GLY G 110 -34.55 -5.83 41.64
CA GLY G 110 -33.63 -5.05 40.84
C GLY G 110 -32.50 -5.88 40.22
N ILE G 111 -32.00 -6.86 40.97
CA ILE G 111 -30.97 -7.73 40.41
C ILE G 111 -31.53 -8.62 39.30
N PHE G 112 -32.77 -9.07 39.43
CA PHE G 112 -33.37 -9.88 38.38
C PHE G 112 -33.54 -9.07 37.09
N PHE G 113 -34.06 -7.86 37.18
CA PHE G 113 -34.25 -7.06 35.96
C PHE G 113 -32.93 -6.69 35.29
N VAL G 114 -31.89 -6.31 36.06
CA VAL G 114 -30.60 -6.02 35.44
C VAL G 114 -30.02 -7.26 34.76
N SER G 115 -30.02 -8.40 35.45
CA SER G 115 -29.43 -9.59 34.86
C SER G 115 -30.21 -10.08 33.64
N ALA G 116 -31.54 -9.92 33.63
CA ALA G 116 -32.30 -10.23 32.42
C ALA G 116 -31.91 -9.35 31.26
N GLY G 117 -31.64 -8.07 31.51
CA GLY G 117 -31.15 -7.22 30.43
C GLY G 117 -29.82 -7.68 29.85
N LEU G 118 -28.87 -8.04 30.72
CA LEU G 118 -27.60 -8.58 30.22
C LEU G 118 -27.78 -9.85 29.42
N SER G 119 -28.65 -10.74 29.88
CA SER G 119 -28.91 -11.98 29.15
C SER G 119 -29.49 -11.70 27.77
N ASN G 120 -30.37 -10.70 27.67
CA ASN G 120 -30.92 -10.33 26.38
C ASN G 120 -29.85 -9.82 25.43
N ILE G 121 -28.91 -9.01 25.93
CA ILE G 121 -27.81 -8.56 25.08
C ILE G 121 -27.01 -9.73 24.54
N ILE G 122 -26.67 -10.70 25.39
CA ILE G 122 -25.89 -11.84 24.91
C ILE G 122 -26.66 -12.64 23.86
N GLY G 123 -27.95 -12.86 24.09
CA GLY G 123 -28.77 -13.54 23.09
C GLY G 123 -28.78 -12.84 21.74
N ILE G 124 -28.84 -11.50 21.75
CA ILE G 124 -28.79 -10.75 20.49
C ILE G 124 -27.45 -10.95 19.80
N ILE G 125 -26.35 -10.84 20.54
CA ILE G 125 -25.03 -10.93 19.92
C ILE G 125 -24.81 -12.32 19.34
N VAL G 126 -25.25 -13.36 20.04
CA VAL G 126 -25.18 -14.73 19.50
C VAL G 126 -26.01 -14.87 18.23
N TYR G 127 -27.24 -14.35 18.23
CA TYR G 127 -28.10 -14.51 17.04
C TYR G 127 -27.55 -13.79 15.81
N ILE G 128 -27.15 -12.54 15.96
CA ILE G 128 -26.62 -11.80 14.81
C ILE G 128 -25.41 -12.50 14.20
N SER G 129 -24.47 -12.92 15.05
CA SER G 129 -23.24 -13.54 14.55
C SER G 129 -23.45 -14.93 13.95
N ALA G 130 -24.41 -15.71 14.48
CA ALA G 130 -24.67 -17.02 13.89
C ALA G 130 -25.23 -16.96 12.47
N ASN G 131 -25.99 -15.93 12.13
CA ASN G 131 -26.43 -15.79 10.73
C ASN G 131 -25.27 -15.49 9.79
N ALA G 132 -24.21 -14.86 10.28
CA ALA G 132 -23.07 -14.57 9.43
C ALA G 132 -22.44 -15.87 8.92
N GLY G 133 -21.73 -15.76 7.81
CA GLY G 133 -21.12 -16.90 7.16
C GLY G 133 -20.11 -17.63 8.02
N ASN G 134 -26.66 -10.37 1.57
CA ASN G 134 -27.81 -10.98 0.90
C ASN G 134 -29.00 -10.04 0.88
N SER G 135 -28.74 -8.76 1.15
CA SER G 135 -29.77 -7.72 1.19
C SER G 135 -30.86 -8.04 2.21
N TYR G 136 -30.48 -8.74 3.28
CA TYR G 136 -31.42 -9.08 4.33
C TYR G 136 -31.80 -7.85 5.15
N SER G 137 -32.85 -7.99 5.94
CA SER G 137 -33.29 -6.95 6.85
C SER G 137 -34.06 -7.62 7.98
N TYR G 138 -34.26 -6.86 9.05
CA TYR G 138 -34.79 -7.41 10.30
C TYR G 138 -36.25 -7.04 10.49
N GLY G 139 -37.04 -8.02 10.95
CA GLY G 139 -38.45 -7.82 11.19
C GLY G 139 -38.74 -7.13 12.50
N TRP G 140 -40.03 -6.97 12.79
CA TRP G 140 -40.42 -6.19 13.95
C TRP G 140 -40.11 -6.91 15.26
N SER G 141 -40.16 -8.24 15.29
CA SER G 141 -39.96 -8.98 16.53
C SER G 141 -38.56 -8.77 17.11
N PHE G 142 -37.56 -8.59 16.26
CA PHE G 142 -36.23 -8.22 16.73
C PHE G 142 -36.27 -6.89 17.49
N TYR G 143 -36.94 -5.89 16.92
CA TYR G 143 -37.12 -4.62 17.60
C TYR G 143 -37.99 -4.72 18.85
N PHE G 144 -38.95 -5.65 18.89
CA PHE G 144 -39.62 -5.93 20.16
C PHE G 144 -38.65 -6.43 21.23
N GLY G 145 -37.72 -7.29 20.84
CA GLY G 145 -36.71 -7.73 21.81
C GLY G 145 -35.87 -6.60 22.36
N ALA G 146 -35.38 -5.73 21.48
CA ALA G 146 -34.63 -4.55 21.93
C ALA G 146 -35.45 -3.61 22.81
N LEU G 147 -36.72 -3.44 22.49
CA LEU G 147 -37.55 -2.61 23.35
C LEU G 147 -37.75 -3.23 24.72
N SER G 148 -37.92 -4.55 24.78
CA SER G 148 -38.06 -5.19 26.09
C SER G 148 -36.79 -5.07 26.92
N PHE G 149 -35.64 -5.07 26.27
CA PHE G 149 -34.40 -4.75 26.98
C PHE G 149 -34.45 -3.37 27.63
N ILE G 150 -34.83 -2.35 26.86
CA ILE G 150 -34.83 -0.99 27.40
C ILE G 150 -35.81 -0.83 28.58
N ILE G 151 -37.02 -1.38 28.46
CA ILE G 151 -37.94 -1.29 29.59
C ILE G 151 -37.40 -2.05 30.80
N ALA G 152 -36.80 -3.22 30.60
CA ALA G 152 -36.27 -3.94 31.76
C ALA G 152 -35.23 -3.12 32.51
N GLU G 153 -34.36 -2.42 31.79
CA GLU G 153 -33.39 -1.57 32.47
C GLU G 153 -34.02 -0.39 33.22
N MET G 154 -35.02 0.27 32.61
CA MET G 154 -35.68 1.38 33.31
C MET G 154 -36.40 0.94 34.58
N VAL G 155 -37.13 -0.17 34.52
CA VAL G 155 -37.79 -0.65 35.73
C VAL G 155 -36.81 -1.14 36.79
N GLY G 156 -35.66 -1.67 36.39
CA GLY G 156 -34.63 -1.97 37.36
C GLY G 156 -34.15 -0.76 38.12
N VAL G 157 -33.89 0.34 37.40
CA VAL G 157 -33.47 1.57 38.08
C VAL G 157 -34.54 2.07 39.05
N LEU G 158 -35.80 2.06 38.62
CA LEU G 158 -36.87 2.48 39.55
C LEU G 158 -36.95 1.60 40.78
N ALA G 159 -36.72 0.30 40.65
CA ALA G 159 -36.69 -0.57 41.81
C ALA G 159 -35.53 -0.24 42.77
N VAL G 160 -34.36 0.08 42.23
CA VAL G 160 -33.26 0.47 43.11
C VAL G 160 -33.56 1.77 43.85
N HIS G 161 -34.16 2.75 43.16
CA HIS G 161 -34.58 3.97 43.86
C HIS G 161 -35.57 3.69 44.96
N MET G 162 -36.54 2.80 44.72
CA MET G 162 -37.47 2.46 45.80
C MET G 162 -36.76 1.78 46.96
N PHE G 163 -35.75 0.96 46.69
CA PHE G 163 -35.01 0.36 47.80
C PHE G 163 -34.31 1.41 48.64
N ILE G 164 -33.62 2.36 48.00
CA ILE G 164 -32.94 3.40 48.76
C ILE G 164 -33.94 4.19 49.58
N ASP G 165 -35.03 4.64 48.97
CA ASP G 165 -36.02 5.44 49.67
C ASP G 165 -36.63 4.70 50.86
N ARG G 166 -37.00 3.43 50.68
CA ARG G 166 -37.60 2.66 51.76
C ARG G 166 -36.61 2.40 52.89
N HIS G 167 -35.36 2.13 52.55
CA HIS G 167 -34.32 1.96 53.56
C HIS G 167 -34.05 3.24 54.33
N LYS G 168 -34.00 4.37 53.63
CA LYS G 168 -33.70 5.67 54.24
C LYS G 168 -34.73 6.05 55.31
N GLN G 169 -36.01 5.91 55.02
CA GLN G 169 -37.03 6.23 56.02
C GLN G 169 -36.93 5.33 57.26
N LEU G 170 -36.48 4.08 57.11
CA LEU G 170 -36.21 3.26 58.29
C LEU G 170 -35.06 3.78 59.13
N THR G 171 -34.06 4.43 58.52
CA THR G 171 -32.99 5.01 59.33
C THR G 171 -33.49 6.19 60.15
N GLY G 172 -34.43 6.96 59.63
CA GLY G 172 -34.96 8.10 60.35
C GLY G 172 -35.64 9.11 59.44
N ARG H 1 1.71 -8.14 63.35
CA ARG H 1 1.71 -9.19 64.36
C ARG H 1 2.39 -10.44 63.85
N GLY H 2 2.63 -11.39 64.75
CA GLY H 2 3.50 -12.52 64.45
C GLY H 2 3.10 -13.28 63.21
N VAL H 3 1.80 -13.34 62.91
CA VAL H 3 1.32 -14.00 61.70
C VAL H 3 2.01 -13.45 60.44
N GLN H 4 2.31 -12.15 60.42
CA GLN H 4 3.00 -11.57 59.27
C GLN H 4 4.43 -12.10 59.15
N MET H 5 5.10 -12.37 60.25
CA MET H 5 6.44 -12.94 60.20
C MET H 5 6.45 -14.38 59.68
N LEU H 6 5.43 -15.18 60.00
CA LEU H 6 5.31 -16.52 59.46
C LEU H 6 5.10 -16.51 57.95
N LEU H 7 4.15 -15.70 57.49
CA LEU H 7 3.87 -15.61 56.05
C LEU H 7 5.11 -15.18 55.27
N THR H 8 5.82 -14.15 55.74
CA THR H 8 6.98 -13.67 55.00
C THR H 8 8.12 -14.68 55.00
N THR H 9 8.40 -15.34 56.13
CA THR H 9 9.49 -16.30 56.16
C THR H 9 9.20 -17.52 55.28
N VAL H 10 7.96 -18.02 55.29
CA VAL H 10 7.60 -19.09 54.37
C VAL H 10 7.71 -18.65 52.92
N GLY H 11 7.24 -17.45 52.60
CA GLY H 11 7.35 -16.97 51.22
C GLY H 11 8.79 -16.79 50.76
N ALA H 12 9.64 -16.23 51.60
CA ALA H 12 11.06 -16.06 51.27
C ALA H 12 11.74 -17.39 51.03
N PHE H 13 11.53 -18.36 51.93
CA PHE H 13 12.11 -19.69 51.73
C PHE H 13 11.59 -20.36 50.47
N ALA H 14 10.29 -20.23 50.18
CA ALA H 14 9.75 -20.80 48.95
C ALA H 14 10.35 -20.17 47.70
N ALA H 15 10.43 -18.85 47.66
CA ALA H 15 11.02 -18.18 46.49
C ALA H 15 12.47 -18.56 46.27
N PHE H 16 13.26 -18.62 47.35
CA PHE H 16 14.63 -19.09 47.23
C PHE H 16 14.72 -20.52 46.72
N SER H 17 13.92 -21.42 47.28
CA SER H 17 13.92 -22.81 46.81
C SER H 17 13.53 -22.93 45.34
N LEU H 18 12.48 -22.22 44.93
CA LEU H 18 12.05 -22.26 43.54
C LEU H 18 13.13 -21.75 42.59
N MET H 19 13.78 -20.64 42.92
CA MET H 19 14.81 -20.16 42.00
C MET H 19 16.02 -21.08 41.96
N THR H 20 16.47 -21.55 43.13
CA THR H 20 17.65 -22.41 43.13
C THR H 20 17.41 -23.75 42.44
N ILE H 21 16.18 -24.28 42.52
CA ILE H 21 15.84 -25.45 41.70
C ILE H 21 15.81 -25.11 40.22
N ALA H 22 15.25 -23.94 39.86
CA ALA H 22 15.13 -23.57 38.46
C ALA H 22 16.47 -23.40 37.78
N VAL H 23 17.47 -22.87 38.50
CA VAL H 23 18.77 -22.67 37.86
C VAL H 23 19.47 -24.01 37.60
N GLY H 24 19.24 -25.02 38.41
CA GLY H 24 20.00 -26.25 38.33
C GLY H 24 19.46 -27.38 37.45
N THR H 25 18.41 -27.16 36.66
CA THR H 25 17.78 -28.24 35.91
C THR H 25 17.75 -27.88 34.43
N ASP H 26 17.60 -28.92 33.61
CA ASP H 26 17.84 -28.84 32.17
C ASP H 26 16.56 -28.95 31.35
N TYR H 27 15.47 -28.33 31.82
CA TYR H 27 14.17 -28.41 31.16
C TYR H 27 13.62 -27.04 30.80
N TRP H 28 14.48 -26.10 30.41
CA TRP H 28 13.99 -24.77 30.07
C TRP H 28 13.28 -24.74 28.73
N LEU H 29 13.66 -25.62 27.80
CA LEU H 29 13.17 -25.52 26.43
C LEU H 29 13.14 -26.92 25.82
N TYR H 30 12.26 -27.10 24.83
CA TYR H 30 12.31 -28.26 23.95
C TYR H 30 12.58 -27.80 22.51
N SER H 31 13.53 -28.45 21.87
CA SER H 31 14.05 -28.04 20.56
C SER H 31 14.69 -29.25 19.89
N ARG H 32 14.75 -29.22 18.56
CA ARG H 32 15.33 -30.30 17.77
C ARG H 32 16.76 -29.94 17.38
N GLY H 33 17.71 -30.79 17.76
CA GLY H 33 19.11 -30.51 17.54
C GLY H 33 19.93 -31.78 17.61
N VAL H 34 21.11 -31.74 16.98
CA VAL H 34 22.01 -32.88 17.05
C VAL H 34 22.51 -33.08 18.47
N CYS H 35 22.36 -34.31 18.97
CA CYS H 35 22.67 -34.61 20.36
C CYS H 35 24.14 -34.91 20.59
N LYS H 36 24.89 -35.28 19.55
CA LYS H 36 26.26 -35.73 19.70
C LYS H 36 27.19 -34.63 20.24
N GLU H 37 13.59 -36.29 12.72
CA GLU H 37 14.62 -35.65 13.53
C GLU H 37 14.37 -35.95 15.01
N VAL H 38 15.40 -35.83 15.83
CA VAL H 38 15.34 -36.22 17.23
C VAL H 38 15.04 -34.99 18.07
N MET H 39 14.31 -35.19 19.17
CA MET H 39 13.89 -34.11 20.04
C MET H 39 14.84 -34.02 21.24
N THR H 40 15.03 -32.79 21.71
CA THR H 40 15.99 -32.50 22.77
C THR H 40 15.40 -31.49 23.73
N HIS H 41 15.88 -31.54 24.97
CA HIS H 41 15.53 -30.54 25.98
C HIS H 41 16.79 -29.91 26.52
N SER H 42 16.68 -28.65 26.95
CA SER H 42 17.85 -27.81 27.18
C SER H 42 17.72 -27.05 28.50
N GLY H 43 18.83 -26.91 29.20
CA GLY H 43 18.96 -25.99 30.31
C GLY H 43 19.67 -24.72 29.90
N LEU H 44 20.26 -24.05 30.89
CA LEU H 44 21.12 -22.91 30.59
C LEU H 44 22.47 -23.34 30.04
N TRP H 45 22.96 -24.52 30.45
CA TRP H 45 24.34 -24.92 30.21
C TRP H 45 24.51 -26.07 29.22
N ARG H 46 23.49 -26.89 29.02
CA ARG H 46 23.68 -28.20 28.42
C ARG H 46 22.41 -28.64 27.74
N THR H 47 22.55 -29.52 26.74
CA THR H 47 21.39 -30.05 26.03
C THR H 47 21.42 -31.56 26.07
N CYS H 48 20.26 -32.15 26.33
CA CYS H 48 20.12 -33.58 26.54
C CYS H 48 19.12 -34.17 25.56
N CYS H 49 19.35 -35.44 25.22
CA CYS H 49 18.71 -36.09 24.09
C CYS H 49 17.62 -37.03 24.58
N LEU H 50 16.48 -37.05 23.89
CA LEU H 50 15.44 -38.01 24.17
C LEU H 50 14.76 -38.41 22.87
N GLU H 51 13.94 -39.46 22.95
CA GLU H 51 13.24 -40.02 21.78
C GLU H 51 14.22 -40.40 20.67
N GLY H 52 15.30 -41.07 21.05
CA GLY H 52 16.26 -41.52 20.06
C GLY H 52 17.20 -42.54 20.68
N ASN H 53 18.07 -43.08 19.83
CA ASN H 53 19.02 -44.09 20.29
C ASN H 53 20.01 -43.50 21.29
N PHE H 54 20.30 -42.22 21.19
CA PHE H 54 21.18 -41.52 22.13
C PHE H 54 20.44 -40.99 23.35
N LYS H 55 19.23 -41.49 23.61
CA LYS H 55 18.43 -41.00 24.73
C LYS H 55 19.20 -41.07 26.04
N GLY H 56 19.24 -39.94 26.75
CA GLY H 56 19.97 -39.82 27.99
C GLY H 56 21.36 -39.23 27.85
N LEU H 57 21.93 -39.21 26.65
CA LEU H 57 23.19 -38.53 26.43
C LEU H 57 23.00 -37.02 26.51
N CYS H 58 24.04 -36.32 26.97
CA CYS H 58 24.01 -34.87 27.01
C CYS H 58 25.31 -34.31 26.44
N LYS H 59 25.22 -33.12 25.85
CA LYS H 59 26.37 -32.37 25.37
C LYS H 59 26.31 -30.96 25.96
N GLN H 60 27.48 -30.33 26.08
CA GLN H 60 27.60 -29.02 26.70
C GLN H 60 27.67 -27.97 25.61
N ILE H 61 26.84 -26.92 25.75
CA ILE H 61 26.55 -26.02 24.65
C ILE H 61 27.73 -25.10 24.38
N ASP H 62 27.82 -24.64 23.13
CA ASP H 62 28.82 -23.67 22.71
C ASP H 62 28.12 -22.37 22.36
N HIS H 63 28.54 -21.27 23.00
CA HIS H 63 27.94 -19.96 22.78
C HIS H 63 28.58 -19.18 21.64
N PHE H 64 29.68 -19.68 21.08
CA PHE H 64 30.37 -18.95 20.01
C PHE H 64 30.69 -19.87 18.84
N ALA H 65 28.13 -3.62 18.83
CA ALA H 65 27.88 -5.01 18.43
C ALA H 65 27.14 -5.74 19.54
N GLU H 66 26.60 -6.92 19.20
CA GLU H 66 25.86 -7.73 20.15
C GLU H 66 26.75 -8.49 21.13
N TYR H 67 28.06 -8.28 21.07
CA TYR H 67 28.97 -9.07 21.89
C TYR H 67 28.64 -8.97 23.38
N PHE H 68 28.12 -7.82 23.83
CA PHE H 68 27.62 -7.71 25.20
C PHE H 68 26.51 -8.72 25.46
N LEU H 69 25.60 -8.89 24.50
CA LEU H 69 24.56 -9.91 24.67
C LEU H 69 25.16 -11.31 24.69
N ARG H 70 26.17 -11.57 23.87
CA ARG H 70 26.82 -12.87 23.86
C ARG H 70 27.44 -13.19 25.21
N ALA H 71 28.22 -12.26 25.76
CA ALA H 71 28.89 -12.48 27.04
C ALA H 71 27.91 -12.54 28.20
N VAL H 72 26.86 -11.70 28.20
CA VAL H 72 25.88 -11.75 29.27
C VAL H 72 25.08 -13.04 29.24
N ARG H 73 24.68 -13.51 28.06
CA ARG H 73 24.02 -14.82 27.98
C ARG H 73 24.96 -15.95 28.41
N ALA H 74 26.23 -15.88 27.99
CA ALA H 74 27.18 -16.95 28.33
C ALA H 74 27.43 -17.04 29.83
N SER H 75 27.68 -15.90 30.48
CA SER H 75 27.85 -15.92 31.93
C SER H 75 26.55 -16.14 32.68
N SER H 76 25.43 -15.61 32.17
CA SER H 76 24.14 -15.72 32.84
C SER H 76 24.21 -15.18 34.27
N ILE H 77 24.78 -13.98 34.41
CA ILE H 77 25.01 -13.39 35.72
C ILE H 77 23.71 -13.06 36.44
N PHE H 78 22.70 -12.62 35.70
CA PHE H 78 21.47 -12.12 36.33
C PHE H 78 20.69 -13.15 37.15
N PRO H 79 20.46 -14.38 36.68
CA PRO H 79 19.92 -15.40 37.59
C PRO H 79 20.74 -15.58 38.87
N ILE H 80 22.07 -15.66 38.73
CA ILE H 80 22.90 -15.89 39.90
C ILE H 80 22.78 -14.72 40.88
N LEU H 81 22.78 -13.49 40.37
CA LEU H 81 22.56 -12.33 41.23
C LEU H 81 21.23 -12.41 41.96
N SER H 82 20.17 -12.84 41.27
CA SER H 82 18.89 -12.96 41.96
C SER H 82 18.92 -14.01 43.06
N VAL H 83 19.71 -15.08 42.87
CA VAL H 83 19.85 -16.08 43.93
C VAL H 83 20.65 -15.54 45.11
N ILE H 84 21.69 -14.75 44.83
CA ILE H 84 22.47 -14.11 45.90
C ILE H 84 21.60 -13.16 46.70
N LEU H 85 20.83 -12.31 46.01
CA LEU H 85 20.01 -11.33 46.72
C LEU H 85 18.89 -11.99 47.52
N LEU H 86 18.26 -13.04 46.99
CA LEU H 86 17.29 -13.77 47.80
C LEU H 86 17.91 -14.40 49.04
N PHE H 87 19.15 -14.87 48.94
CA PHE H 87 19.84 -15.34 50.14
C PHE H 87 20.07 -14.22 51.15
N MET H 88 20.54 -13.06 50.67
CA MET H 88 20.76 -11.92 51.54
C MET H 88 19.47 -11.47 52.24
N GLY H 89 18.36 -11.43 51.51
CA GLY H 89 17.09 -11.08 52.11
C GLY H 89 16.65 -12.05 53.20
N GLY H 90 16.72 -13.36 52.92
CA GLY H 90 16.40 -14.33 53.94
C GLY H 90 17.30 -14.22 55.16
N LEU H 91 18.57 -13.94 54.93
CA LEU H 91 19.49 -13.72 56.06
C LEU H 91 19.09 -12.52 56.89
N CYS H 92 18.73 -11.41 56.24
CA CYS H 92 18.34 -10.21 56.97
C CYS H 92 17.07 -10.43 57.80
N ILE H 93 16.06 -11.10 57.23
CA ILE H 93 14.86 -11.35 58.02
C ILE H 93 15.11 -12.36 59.14
N ALA H 94 16.05 -13.29 58.96
CA ALA H 94 16.46 -14.10 60.11
C ALA H 94 17.16 -13.28 61.18
N ALA H 95 18.03 -12.35 60.77
CA ALA H 95 18.75 -11.52 61.71
C ALA H 95 17.84 -10.55 62.46
N SER H 96 16.85 -9.98 61.76
CA SER H 96 15.97 -9.01 62.40
C SER H 96 15.03 -9.62 63.42
N GLU H 97 15.04 -10.93 63.61
CA GLU H 97 14.37 -11.49 64.78
C GLU H 97 15.12 -11.12 66.05
N PHE H 98 16.45 -11.25 66.04
CA PHE H 98 17.29 -10.73 67.10
C PHE H 98 17.60 -9.26 66.83
N TYR H 99 18.40 -8.64 67.70
CA TYR H 99 18.79 -7.23 67.57
C TYR H 99 17.58 -6.32 67.41
N LYS H 100 16.54 -6.60 68.20
CA LYS H 100 15.30 -5.82 68.13
C LYS H 100 15.57 -4.35 68.38
N THR H 101 14.64 -3.52 67.91
CA THR H 101 14.64 -2.05 68.03
C THR H 101 15.70 -1.36 67.20
N ARG H 102 16.39 -2.06 66.29
CA ARG H 102 17.19 -1.36 65.29
C ARG H 102 16.35 -0.86 64.12
N HIS H 103 15.17 -1.43 63.91
CA HIS H 103 14.13 -0.90 63.01
C HIS H 103 14.49 -0.79 61.54
N ASN H 104 15.73 -1.08 61.14
CA ASN H 104 16.09 -0.78 59.77
C ASN H 104 16.41 -2.03 58.94
N ILE H 105 16.50 -3.19 59.60
CA ILE H 105 16.82 -4.43 58.88
C ILE H 105 15.66 -4.84 57.97
N ILE H 106 14.42 -4.62 58.41
CA ILE H 106 13.26 -4.92 57.57
C ILE H 106 13.26 -4.09 56.29
N LEU H 107 13.66 -2.82 56.37
CA LEU H 107 13.77 -2.01 55.16
C LEU H 107 14.80 -2.59 54.18
N SER H 108 15.91 -3.08 54.70
CA SER H 108 16.91 -3.71 53.84
C SER H 108 16.41 -5.01 53.22
N ALA H 109 15.62 -5.78 53.96
CA ALA H 109 15.00 -6.96 53.35
C ALA H 109 14.04 -6.60 52.23
N GLY H 110 13.21 -5.57 52.45
CA GLY H 110 12.33 -5.12 51.38
C GLY H 110 13.08 -4.68 50.13
N ILE H 111 14.15 -3.93 50.30
CA ILE H 111 14.93 -3.50 49.14
C ILE H 111 15.59 -4.67 48.44
N PHE H 112 16.08 -5.66 49.20
CA PHE H 112 16.66 -6.84 48.56
C PHE H 112 15.63 -7.61 47.73
N PHE H 113 14.44 -7.87 48.28
CA PHE H 113 13.45 -8.63 47.52
C PHE H 113 12.97 -7.89 46.28
N VAL H 114 12.78 -6.58 46.36
CA VAL H 114 12.40 -5.83 45.16
C VAL H 114 13.50 -5.85 44.10
N SER H 115 14.74 -5.55 44.49
CA SER H 115 15.80 -5.51 43.49
C SER H 115 16.09 -6.88 42.89
N ALA H 116 15.97 -7.95 43.68
CA ALA H 116 16.09 -9.28 43.10
C ALA H 116 14.99 -9.58 42.10
N GLY H 117 13.77 -9.08 42.34
CA GLY H 117 12.74 -9.22 41.32
C GLY H 117 13.11 -8.55 40.01
N LEU H 118 13.63 -7.32 40.09
CA LEU H 118 14.05 -6.64 38.86
C LEU H 118 15.16 -7.39 38.12
N SER H 119 16.10 -7.95 38.87
CA SER H 119 17.14 -8.77 38.24
C SER H 119 16.54 -9.99 37.54
N ASN H 120 15.51 -10.59 38.14
CA ASN H 120 14.89 -11.75 37.53
C ASN H 120 14.20 -11.40 36.22
N ILE H 121 13.53 -10.25 36.18
CA ILE H 121 12.94 -9.78 34.93
C ILE H 121 14.00 -9.61 33.83
N ILE H 122 15.12 -8.97 34.16
CA ILE H 122 16.16 -8.81 33.14
C ILE H 122 16.70 -10.16 32.69
N GLY H 123 16.87 -11.10 33.62
CA GLY H 123 17.32 -12.43 33.25
C GLY H 123 16.41 -13.13 32.26
N ILE H 124 15.10 -13.03 32.48
CA ILE H 124 14.14 -13.63 31.53
C ILE H 124 14.20 -12.95 30.18
N ILE H 125 14.27 -11.62 30.15
CA ILE H 125 14.28 -10.93 28.86
C ILE H 125 15.53 -11.26 28.06
N VAL H 126 16.70 -11.30 28.72
CA VAL H 126 17.93 -11.64 28.02
C VAL H 126 17.92 -13.10 27.55
N TYR H 127 17.37 -14.01 28.34
CA TYR H 127 17.28 -15.40 27.89
C TYR H 127 16.39 -15.54 26.66
N ILE H 128 15.18 -14.97 26.69
CA ILE H 128 14.29 -15.08 25.54
C ILE H 128 14.89 -14.44 24.30
N SER H 129 15.45 -13.24 24.45
CA SER H 129 16.01 -12.54 23.31
C SER H 129 17.21 -13.26 22.69
N ALA H 130 18.07 -13.84 23.53
CA ALA H 130 19.23 -14.58 23.02
C ALA H 130 18.86 -15.87 22.27
N ASN H 131 17.81 -16.57 22.69
CA ASN H 131 17.37 -17.73 21.91
C ASN H 131 16.74 -17.32 20.59
N ALA H 132 16.03 -16.20 20.56
CA ALA H 132 15.52 -15.71 19.28
C ALA H 132 16.64 -15.19 18.39
N GLY H 133 17.70 -14.65 18.99
CA GLY H 133 18.84 -14.17 18.24
C GLY H 133 19.67 -15.29 17.64
N ASN H 134 9.54 -23.28 14.87
CA ASN H 134 10.19 -24.59 15.02
C ASN H 134 9.37 -25.50 15.92
N SER H 135 8.15 -25.06 16.26
CA SER H 135 7.27 -25.76 17.19
C SER H 135 7.89 -25.95 18.56
N TYR H 136 8.83 -25.07 18.93
CA TYR H 136 9.41 -25.11 20.26
C TYR H 136 8.37 -24.79 21.32
N SER H 137 8.64 -25.21 22.55
CA SER H 137 7.80 -24.86 23.69
C SER H 137 8.64 -24.88 24.96
N TYR H 138 8.17 -24.14 25.96
CA TYR H 138 8.92 -23.98 27.20
C TYR H 138 8.58 -25.06 28.21
N GLY H 139 9.55 -25.36 29.08
CA GLY H 139 9.41 -26.39 30.09
C GLY H 139 9.15 -25.82 31.47
N TRP H 140 9.07 -26.73 32.43
CA TRP H 140 8.56 -26.37 33.76
C TRP H 140 9.50 -25.45 34.52
N SER H 141 10.81 -25.56 34.32
CA SER H 141 11.73 -24.71 35.07
C SER H 141 11.60 -23.24 34.73
N PHE H 142 11.23 -22.91 33.50
CA PHE H 142 10.93 -21.53 33.15
C PHE H 142 9.77 -20.99 33.99
N TYR H 143 8.69 -21.77 34.09
CA TYR H 143 7.57 -21.39 34.93
C TYR H 143 7.92 -21.35 36.42
N PHE H 144 8.86 -22.19 36.86
CA PHE H 144 9.36 -22.03 38.23
C PHE H 144 10.06 -20.69 38.42
N GLY H 145 10.81 -20.25 37.42
CA GLY H 145 11.43 -18.93 37.51
C GLY H 145 10.41 -17.80 37.63
N ALA H 146 9.40 -17.82 36.77
CA ALA H 146 8.34 -16.81 36.86
C ALA H 146 7.59 -16.85 38.19
N LEU H 147 7.31 -18.03 38.70
CA LEU H 147 6.66 -18.13 40.00
C LEU H 147 7.53 -17.55 41.10
N SER H 148 8.83 -17.82 41.05
CA SER H 148 9.74 -17.25 42.04
C SER H 148 9.75 -15.73 42.01
N PHE H 149 9.64 -15.15 40.82
CA PHE H 149 9.50 -13.70 40.72
C PHE H 149 8.25 -13.20 41.43
N ILE H 150 7.11 -13.84 41.19
CA ILE H 150 5.86 -13.36 41.80
C ILE H 150 5.90 -13.44 43.33
N ILE H 151 6.41 -14.54 43.88
CA ILE H 151 6.53 -14.59 45.34
C ILE H 151 7.54 -13.56 45.86
N ALA H 152 8.65 -13.34 45.15
CA ALA H 152 9.59 -12.35 45.64
C ALA H 152 8.98 -10.96 45.76
N GLU H 153 8.18 -10.55 44.78
CA GLU H 153 7.50 -9.26 44.91
C GLU H 153 6.44 -9.25 46.03
N MET H 154 5.68 -10.33 46.19
CA MET H 154 4.69 -10.33 47.27
C MET H 154 5.33 -10.24 48.65
N VAL H 155 6.42 -10.98 48.88
CA VAL H 155 7.08 -10.90 50.18
C VAL H 155 7.75 -9.55 50.38
N GLY H 156 8.25 -8.92 49.31
CA GLY H 156 8.74 -7.55 49.46
C GLY H 156 7.66 -6.59 49.93
N VAL H 157 6.47 -6.69 49.35
CA VAL H 157 5.35 -5.85 49.79
C VAL H 157 5.03 -6.08 51.27
N LEU H 158 4.94 -7.34 51.69
CA LEU H 158 4.66 -7.59 53.10
C LEU H 158 5.76 -7.11 54.03
N ALA H 159 7.03 -7.20 53.64
CA ALA H 159 8.10 -6.68 54.47
C ALA H 159 8.01 -5.16 54.64
N VAL H 160 7.75 -4.44 53.55
CA VAL H 160 7.54 -2.99 53.67
C VAL H 160 6.36 -2.68 54.57
N HIS H 161 5.26 -3.41 54.41
CA HIS H 161 4.07 -3.10 55.19
C HIS H 161 4.25 -3.42 56.67
N MET H 162 5.04 -4.45 57.00
CA MET H 162 5.44 -4.67 58.40
C MET H 162 6.28 -3.51 58.93
N PHE H 163 7.26 -3.05 58.14
CA PHE H 163 8.06 -1.92 58.60
C PHE H 163 7.21 -0.68 58.87
N ILE H 164 6.33 -0.33 57.94
CA ILE H 164 5.45 0.82 58.15
C ILE H 164 4.59 0.64 59.40
N ASP H 165 3.95 -0.52 59.54
CA ASP H 165 3.02 -0.72 60.65
C ASP H 165 3.73 -0.82 61.99
N ARG H 166 4.96 -1.33 62.03
CA ARG H 166 5.72 -1.33 63.27
C ARG H 166 6.24 0.07 63.60
N HIS H 167 6.48 0.89 62.60
CA HIS H 167 6.79 2.29 62.84
C HIS H 167 5.52 3.06 63.16
N LYS H 168 5.68 4.35 63.47
CA LYS H 168 4.56 5.28 63.69
C LYS H 168 3.74 4.89 64.91
N GLN H 169 4.10 3.79 65.57
CA GLN H 169 3.48 3.48 66.86
C GLN H 169 4.43 3.78 68.01
N LEU H 170 5.75 3.74 67.75
CA LEU H 170 6.72 4.15 68.75
C LEU H 170 6.54 5.60 69.19
N THR H 171 5.92 6.43 68.35
CA THR H 171 5.70 7.83 68.69
C THR H 171 4.45 8.04 69.53
N GLY H 172 3.58 7.04 69.63
CA GLY H 172 2.37 7.17 70.42
C GLY H 172 1.28 6.17 70.04
N GLU I . 26.62 -29.72 -19.09
CA GLU I . 27.14 -28.70 -19.99
C GLU I . 27.53 -29.36 -21.31
O GLU I . 27.34 -30.57 -21.47
CB GLU I . 28.34 -27.99 -19.36
CG GLU I . 28.68 -26.65 -19.97
CD GLU I . 27.63 -25.59 -19.71
OE1 GLU I . 27.12 -25.52 -18.57
OE2 GLU I . 27.30 -24.82 -20.64
OXT GLU I . 28.02 -28.73 -22.23
N GLU J . 11.68 17.26 -42.04
CA GLU J . 12.04 18.66 -42.09
C GLU J . 12.24 19.10 -43.53
O GLU J . 12.84 20.14 -43.84
CB GLU J . 13.31 18.91 -41.27
CG GLU J . 13.49 20.36 -40.83
CD GLU J . 12.46 20.77 -39.80
OE1 GLU J . 12.22 20.00 -38.85
OE2 GLU J . 11.90 21.88 -39.93
OXT GLU J . 11.80 18.43 -44.46
N GLU K . -12.84 2.86 -42.08
CA GLU K . -13.19 1.45 -42.24
C GLU K . -12.90 1.03 -43.68
O GLU K . -12.51 1.86 -44.50
CB GLU K . -14.66 1.22 -41.90
CG GLU K . -15.02 -0.21 -41.56
CD GLU K . -14.35 -0.69 -40.29
OE1 GLU K . -14.24 0.11 -39.33
OE2 GLU K . -13.93 -1.86 -40.23
OXT GLU K . -13.04 -0.12 -44.05
N GLU L . 1.93 -43.38 -17.58
CA GLU L . 1.30 -44.47 -16.86
C GLU L . 1.52 -45.79 -17.60
O GLU L . 0.75 -46.73 -17.51
CB GLU L . -0.19 -44.20 -16.68
CG GLU L . -0.82 -44.94 -15.51
CD GLU L . -0.28 -44.47 -14.17
OE1 GLU L . -0.55 -43.31 -13.80
OE2 GLU L . 0.40 -45.27 -13.48
OXT GLU L . 2.49 -45.94 -18.33
#